data_9HL8
#
_entry.id   9HL8
#
_cell.length_a   1.00
_cell.length_b   1.00
_cell.length_c   1.00
_cell.angle_alpha   90.00
_cell.angle_beta   90.00
_cell.angle_gamma   90.00
#
loop_
_entity.id
_entity.type
_entity.pdbx_description
1 polymer Mucolipin-1
2 branched 2-acetamido-2-deoxy-beta-D-glucopyranose-(1-4)-2-acetamido-2-deoxy-beta-D-glucopyranose
3 non-polymer '(2R)-3-{[(S)-hydroxy{[(1S,2R,3R,4S,5S,6R)-2,4,6-trihydroxy-3,5-bis(phosphonooxy)cyclohexyl]oxy}phosphoryl]oxy}propane-1,2-diyl dioctanoate'
4 non-polymer N-OCTANE
5 non-polymer DECANE
6 non-polymer DODECANE
7 non-polymer HEXANE
8 non-polymer [2,3-bis(chloranyl)phenyl]-[5-methoxy-2-methyl-3-(2-morpholin-4-ylethyl)indol-1-yl]methanone
9 water water
#
_entity_poly.entity_id   1
_entity_poly.type   'polypeptide(L)'
_entity_poly.pdbx_seq_one_letter_code
;MHHHHHHHHGGSDYKDHDGDYKDHDIDYKDDDDKGGSGGSENLYFQGPGTAPAGPRGSETERLLTPNPGYGTQAGPSPAP
PTPPEEEDLRRRLKYFFMSPCDKFRAKGRKPCKLMLQVVKILVVTVQLILFGLSNQLAVTFREENTIAFRHLFLLGYSDG
ADDTFAAYTREQLYQAIFHAVDQYLALPDVSLGRYAYVRGGGDPWTNGSGLALCQRYYHRGHVDPANDTFDIDPMVVTDC
IQVDPPERPPPPPSDDLTLLESSSSYKNLTLKFHKLVNVTIHFRLKTINLQSLINNEIPDCYTFSVLITFDNKAHSGRIP
ISLETQAHIQECKHPSVFQHGDNSFRLLFDVVVILTCSLSFLLCARSLLRGFLLQNEFVGFMWRQRGRVISLWERLEFVN
GWYILLVTSDVLTISGTIMKIGIEAKNLASYDVCSILLGTSTLLVWVGVIRYLTFFHNYNILIATLRVALPSVMRFCCCV
AVIYLGYCFCGWIVLGPYHVKFRSLSMVSECLFSLINGDDMFVTFAAMQAQQGRSSLVWLFSQLYLYSFISLFIYMVLSL
FIALITGAYDTIKHPGGAGAEESELQAYIAQCQDSPTSGKFRRGSGSACSLLCCCGRDPSEEHSLLVN
;
_entity_poly.pdbx_strand_id   A,B,C,D
#
# COMPACT_ATOMS: atom_id res chain seq x y z
N ASP A 88 -63.15 21.32 -2.52
CA ASP A 88 -62.70 22.70 -2.50
C ASP A 88 -61.18 22.76 -2.30
N LEU A 89 -60.73 22.21 -1.19
CA LEU A 89 -59.31 22.19 -0.83
C LEU A 89 -58.67 20.84 -1.04
N ARG A 90 -59.40 19.75 -0.84
CA ARG A 90 -58.81 18.42 -0.96
C ARG A 90 -58.28 18.19 -2.37
N ARG A 91 -59.01 18.66 -3.39
CA ARG A 91 -58.53 18.52 -4.75
C ARG A 91 -57.21 19.25 -4.94
N ARG A 92 -57.10 20.48 -4.42
CA ARG A 92 -55.87 21.24 -4.57
C ARG A 92 -54.71 20.55 -3.86
N LEU A 93 -54.93 20.06 -2.64
CA LEU A 93 -53.87 19.37 -1.94
C LEU A 93 -53.46 18.10 -2.67
N LYS A 94 -54.43 17.36 -3.21
CA LYS A 94 -54.10 16.16 -3.97
C LYS A 94 -53.26 16.50 -5.18
N TYR A 95 -53.62 17.56 -5.90
CA TYR A 95 -52.83 17.97 -7.06
C TYR A 95 -51.42 18.38 -6.63
N PHE A 96 -51.30 19.08 -5.50
CA PHE A 96 -50.00 19.54 -5.06
C PHE A 96 -49.05 18.37 -4.80
N PHE A 97 -49.53 17.33 -4.17
CA PHE A 97 -48.72 16.14 -3.87
C PHE A 97 -48.94 15.06 -4.93
N MET A 98 -48.56 15.36 -6.16
CA MET A 98 -48.70 14.40 -7.25
C MET A 98 -47.43 14.39 -8.09
N SER A 99 -47.18 13.26 -8.74
CA SER A 99 -45.99 13.09 -9.55
C SER A 99 -46.11 13.90 -10.84
N PRO A 100 -44.98 14.20 -11.49
CA PRO A 100 -45.05 15.04 -12.70
C PRO A 100 -45.91 14.43 -13.80
N CYS A 101 -45.85 13.11 -13.99
CA CYS A 101 -46.65 12.49 -15.05
C CYS A 101 -48.13 12.59 -14.74
N ASP A 102 -48.53 12.22 -13.53
CA ASP A 102 -49.93 12.32 -13.14
C ASP A 102 -50.38 13.77 -13.08
N LYS A 103 -49.49 14.70 -12.71
CA LYS A 103 -49.84 16.11 -12.78
C LYS A 103 -50.15 16.53 -14.20
N PHE A 104 -49.33 16.07 -15.16
CA PHE A 104 -49.57 16.37 -16.56
C PHE A 104 -50.91 15.81 -17.02
N ARG A 105 -51.22 14.58 -16.59
CA ARG A 105 -52.54 14.02 -16.92
C ARG A 105 -53.65 14.88 -16.32
N ALA A 106 -53.47 15.33 -15.08
CA ALA A 106 -54.54 16.06 -14.39
C ALA A 106 -54.82 17.40 -15.06
N LYS A 107 -53.78 18.18 -15.36
CA LYS A 107 -53.98 19.53 -15.85
C LYS A 107 -53.32 19.81 -17.20
N GLY A 108 -52.56 18.87 -17.74
CA GLY A 108 -52.01 19.03 -19.07
C GLY A 108 -51.03 20.18 -19.19
N ARG A 109 -50.56 20.70 -18.06
CA ARG A 109 -49.62 21.81 -18.08
C ARG A 109 -48.27 21.35 -18.60
N LYS A 110 -47.48 22.31 -19.06
CA LYS A 110 -46.17 22.00 -19.63
C LYS A 110 -45.17 21.70 -18.52
N PRO A 111 -44.46 20.56 -18.58
CA PRO A 111 -43.43 20.26 -17.58
C PRO A 111 -42.13 21.00 -17.85
N CYS A 112 -42.20 22.34 -17.81
CA CYS A 112 -41.03 23.14 -18.16
C CYS A 112 -39.89 22.89 -17.19
N LYS A 113 -40.20 22.75 -15.90
CA LYS A 113 -39.14 22.67 -14.90
C LYS A 113 -38.27 21.43 -15.09
N LEU A 114 -38.86 20.31 -15.50
CA LEU A 114 -38.10 19.07 -15.62
C LEU A 114 -37.06 19.17 -16.75
N MET A 115 -37.49 19.58 -17.94
CA MET A 115 -36.54 19.75 -19.03
C MET A 115 -35.56 20.87 -18.72
N LEU A 116 -35.99 21.89 -17.97
CA LEU A 116 -35.06 22.92 -17.54
C LEU A 116 -33.98 22.34 -16.66
N GLN A 117 -34.34 21.44 -15.75
CA GLN A 117 -33.34 20.79 -14.89
C GLN A 117 -32.40 19.92 -15.70
N VAL A 118 -32.92 19.22 -16.70
CA VAL A 118 -32.05 18.42 -17.56
C VAL A 118 -31.03 19.31 -18.27
N VAL A 119 -31.50 20.40 -18.86
CA VAL A 119 -30.61 21.32 -19.55
C VAL A 119 -29.60 21.92 -18.56
N LYS A 120 -30.06 22.22 -17.34
CA LYS A 120 -29.17 22.77 -16.35
C LYS A 120 -28.05 21.81 -16.00
N ILE A 121 -28.38 20.53 -15.80
CA ILE A 121 -27.36 19.54 -15.53
C ILE A 121 -26.35 19.51 -16.66
N LEU A 122 -26.84 19.49 -17.90
CA LEU A 122 -25.94 19.42 -19.05
C LEU A 122 -25.00 20.61 -19.09
N VAL A 123 -25.54 21.83 -19.03
CA VAL A 123 -24.71 23.02 -19.21
C VAL A 123 -23.77 23.20 -18.02
N VAL A 124 -24.23 22.90 -16.80
CA VAL A 124 -23.36 23.03 -15.63
C VAL A 124 -22.19 22.06 -15.74
N THR A 125 -22.46 20.82 -16.15
CA THR A 125 -21.37 19.85 -16.31
C THR A 125 -20.40 20.30 -17.40
N VAL A 126 -20.92 20.80 -18.52
CA VAL A 126 -20.04 21.25 -19.60
C VAL A 126 -19.17 22.40 -19.13
N GLN A 127 -19.76 23.36 -18.41
CA GLN A 127 -18.99 24.49 -17.90
C GLN A 127 -17.90 24.01 -16.96
N LEU A 128 -18.22 23.08 -16.05
CA LEU A 128 -17.22 22.59 -15.12
C LEU A 128 -16.09 21.90 -15.85
N ILE A 129 -16.40 21.11 -16.87
CA ILE A 129 -15.36 20.40 -17.61
C ILE A 129 -14.44 21.39 -18.32
N LEU A 130 -15.02 22.40 -18.97
CA LEU A 130 -14.20 23.38 -19.66
C LEU A 130 -13.32 24.15 -18.68
N PHE A 131 -13.89 24.55 -17.55
CA PHE A 131 -13.12 25.27 -16.54
C PHE A 131 -11.96 24.43 -16.02
N GLY A 132 -12.22 23.15 -15.73
CA GLY A 132 -11.16 22.30 -15.24
C GLY A 132 -10.06 22.07 -16.25
N LEU A 133 -10.43 21.87 -17.52
CA LEU A 133 -9.42 21.71 -18.55
C LEU A 133 -8.56 22.96 -18.68
N SER A 134 -9.19 24.14 -18.58
CA SER A 134 -8.41 25.37 -18.64
C SER A 134 -7.48 25.51 -17.43
N ASN A 135 -7.95 25.14 -16.24
CA ASN A 135 -7.14 25.31 -15.04
C ASN A 135 -5.96 24.34 -15.00
N GLN A 136 -6.15 23.14 -15.58
CA GLN A 136 -5.07 22.15 -15.57
C GLN A 136 -3.81 22.70 -16.22
N LEU A 137 -3.96 23.40 -17.35
CA LEU A 137 -2.81 23.91 -18.06
C LEU A 137 -2.03 24.91 -17.21
N ALA A 138 -2.74 25.84 -16.56
CA ALA A 138 -2.07 26.83 -15.73
C ALA A 138 -1.37 26.17 -14.55
N VAL A 139 -2.03 25.18 -13.93
CA VAL A 139 -1.42 24.48 -12.80
C VAL A 139 -0.13 23.80 -13.25
N THR A 140 -0.18 23.12 -14.40
CA THR A 140 1.01 22.45 -14.91
C THR A 140 2.11 23.43 -15.22
N PHE A 141 1.77 24.58 -15.82
CA PHE A 141 2.80 25.58 -16.13
C PHE A 141 3.50 26.05 -14.86
N ARG A 142 2.71 26.37 -13.83
CA ARG A 142 3.32 26.82 -12.58
C ARG A 142 4.19 25.74 -11.95
N GLU A 143 3.70 24.50 -11.92
CA GLU A 143 4.45 23.43 -11.30
C GLU A 143 5.76 23.15 -12.04
N GLU A 144 5.71 23.13 -13.37
CA GLU A 144 6.92 22.87 -14.15
C GLU A 144 7.93 24.00 -13.95
N ASN A 145 7.48 25.24 -13.93
CA ASN A 145 8.39 26.35 -13.69
C ASN A 145 9.03 26.22 -12.30
N THR A 146 8.25 25.85 -11.30
CA THR A 146 8.79 25.74 -9.94
C THR A 146 9.81 24.62 -9.82
N ILE A 147 9.55 23.48 -10.48
CA ILE A 147 10.52 22.40 -10.48
C ILE A 147 11.81 22.85 -11.17
N ALA A 148 11.68 23.56 -12.30
CA ALA A 148 12.86 24.10 -12.96
C ALA A 148 13.63 25.03 -12.03
N PHE A 149 12.92 25.87 -11.27
CA PHE A 149 13.59 26.76 -10.33
C PHE A 149 14.34 25.98 -9.26
N ARG A 150 13.73 24.91 -8.75
CA ARG A 150 14.41 24.10 -7.75
C ARG A 150 15.68 23.49 -8.30
N HIS A 151 15.64 23.03 -9.54
CA HIS A 151 16.86 22.47 -10.15
C HIS A 151 17.89 23.56 -10.44
N LEU A 152 17.45 24.77 -10.76
CA LEU A 152 18.38 25.84 -11.11
C LEU A 152 19.05 26.45 -9.88
N PHE A 153 18.33 26.62 -8.79
CA PHE A 153 18.79 27.47 -7.70
C PHE A 153 19.21 26.72 -6.44
N LEU A 154 18.80 25.47 -6.26
CA LEU A 154 19.14 24.71 -5.07
C LEU A 154 20.32 23.80 -5.38
N LEU A 155 21.41 23.98 -4.64
CA LEU A 155 22.65 23.26 -4.91
C LEU A 155 22.52 21.81 -4.50
N GLY A 156 22.77 20.90 -5.44
CA GLY A 156 22.67 19.48 -5.14
C GLY A 156 21.27 18.97 -4.98
N TYR A 157 20.28 19.65 -5.55
CA TYR A 157 18.89 19.23 -5.43
C TYR A 157 18.59 18.09 -6.41
N SER A 158 17.73 17.17 -5.98
CA SER A 158 17.25 16.10 -6.84
C SER A 158 15.79 15.86 -6.52
N ASP A 159 15.07 15.32 -7.49
CA ASP A 159 13.63 15.11 -7.33
C ASP A 159 13.36 14.10 -6.23
N GLY A 160 12.32 14.37 -5.45
CA GLY A 160 11.96 13.55 -4.32
C GLY A 160 12.66 13.90 -3.02
N ALA A 161 13.54 14.90 -3.02
CA ALA A 161 14.28 15.29 -1.84
C ALA A 161 13.68 16.50 -1.13
N ASP A 162 12.49 16.93 -1.54
CA ASP A 162 11.93 18.18 -1.01
C ASP A 162 11.83 18.15 0.50
N ASP A 163 11.40 17.02 1.06
CA ASP A 163 11.09 16.93 2.48
C ASP A 163 12.33 16.74 3.36
N THR A 164 13.47 16.38 2.79
CA THR A 164 14.69 16.17 3.56
C THR A 164 15.82 17.11 3.17
N PHE A 165 15.64 17.93 2.14
CA PHE A 165 16.70 18.83 1.69
C PHE A 165 17.08 19.80 2.81
N ALA A 166 18.33 19.74 3.24
CA ALA A 166 18.78 20.53 4.38
C ALA A 166 20.29 20.71 4.32
N ALA A 167 20.77 21.69 5.08
CA ALA A 167 22.19 21.91 5.29
C ALA A 167 22.57 21.52 6.70
N TYR A 168 23.81 21.04 6.86
CA TYR A 168 24.29 20.57 8.15
C TYR A 168 25.61 21.17 8.58
N THR A 169 26.31 21.88 7.71
CA THR A 169 27.55 22.55 8.07
C THR A 169 27.50 23.99 7.60
N ARG A 170 28.34 24.82 8.22
CA ARG A 170 28.42 26.22 7.82
C ARG A 170 28.85 26.35 6.36
N GLU A 171 29.80 25.52 5.95
CA GLU A 171 30.26 25.52 4.56
C GLU A 171 29.12 25.16 3.61
N GLN A 172 28.31 24.16 3.96
CA GLN A 172 27.18 23.79 3.12
C GLN A 172 26.20 24.95 2.96
N LEU A 173 25.90 25.63 4.06
CA LEU A 173 24.94 26.74 4.00
C LEU A 173 25.47 27.88 3.15
N TYR A 174 26.73 28.24 3.35
CA TYR A 174 27.32 29.30 2.53
C TYR A 174 27.31 28.92 1.06
N GLN A 175 27.68 27.68 0.75
CA GLN A 175 27.70 27.25 -0.64
C GLN A 175 26.32 27.30 -1.26
N ALA A 176 25.29 26.85 -0.53
CA ALA A 176 23.94 26.89 -1.07
C ALA A 176 23.51 28.33 -1.35
N ILE A 177 23.76 29.24 -0.42
CA ILE A 177 23.33 30.63 -0.60
C ILE A 177 24.04 31.25 -1.80
N PHE A 178 25.36 31.08 -1.87
CA PHE A 178 26.10 31.70 -2.97
C PHE A 178 25.74 31.06 -4.30
N HIS A 179 25.48 29.76 -4.32
CA HIS A 179 25.06 29.10 -5.55
C HIS A 179 23.73 29.66 -6.04
N ALA A 180 22.77 29.88 -5.14
CA ALA A 180 21.50 30.45 -5.56
C ALA A 180 21.70 31.84 -6.16
N VAL A 181 22.51 32.67 -5.52
CA VAL A 181 22.70 34.03 -6.04
C VAL A 181 23.43 34.00 -7.38
N ASP A 182 24.45 33.15 -7.51
CA ASP A 182 25.19 33.07 -8.76
C ASP A 182 24.32 32.57 -9.90
N GLN A 183 23.45 31.60 -9.62
CA GLN A 183 22.54 31.11 -10.64
C GLN A 183 21.53 32.18 -11.03
N TYR A 184 21.06 32.97 -10.06
CA TYR A 184 20.20 34.09 -10.40
C TYR A 184 20.91 35.05 -11.35
N LEU A 185 22.19 35.31 -11.11
CA LEU A 185 22.91 36.24 -11.97
C LEU A 185 23.24 35.63 -13.33
N ALA A 186 23.37 34.32 -13.42
CA ALA A 186 23.71 33.65 -14.68
C ALA A 186 22.48 33.19 -15.46
N LEU A 187 21.28 33.37 -14.92
CA LEU A 187 20.09 32.81 -15.54
C LEU A 187 19.95 33.09 -17.04
N PRO A 188 20.20 34.29 -17.56
CA PRO A 188 19.96 34.52 -18.99
C PRO A 188 20.75 33.60 -19.91
N ASP A 189 21.95 33.19 -19.52
CA ASP A 189 22.80 32.38 -20.38
C ASP A 189 22.68 30.88 -20.13
N VAL A 190 21.99 30.45 -19.07
CA VAL A 190 22.00 29.05 -18.71
CA VAL A 190 21.98 29.06 -18.65
C VAL A 190 20.60 28.44 -18.77
N SER A 191 19.56 29.22 -18.49
CA SER A 191 18.23 28.65 -18.39
C SER A 191 17.67 28.25 -19.75
N LEU A 192 16.87 27.18 -19.74
CA LEU A 192 16.11 26.78 -20.92
C LEU A 192 14.85 27.62 -21.11
N GLY A 193 14.35 28.23 -20.04
CA GLY A 193 13.25 29.18 -20.16
C GLY A 193 13.74 30.58 -20.47
N ARG A 194 12.80 31.45 -20.81
CA ARG A 194 13.08 32.85 -21.07
C ARG A 194 12.45 33.68 -19.95
N TYR A 195 13.29 34.33 -19.16
CA TYR A 195 12.85 35.07 -17.99
C TYR A 195 13.38 36.49 -18.06
N ALA A 196 12.58 37.42 -17.54
CA ALA A 196 12.99 38.80 -17.40
C ALA A 196 13.10 39.15 -15.93
N TYR A 197 14.04 40.04 -15.61
CA TYR A 197 14.24 40.49 -14.24
C TYR A 197 13.24 41.57 -13.88
N VAL A 198 12.88 41.61 -12.59
CA VAL A 198 12.02 42.63 -12.03
C VAL A 198 12.80 43.39 -10.97
N ARG A 199 12.78 44.72 -11.04
CA ARG A 199 13.52 45.56 -10.12
C ARG A 199 12.56 46.38 -9.27
N GLY A 200 12.97 46.64 -8.03
CA GLY A 200 12.23 47.51 -7.13
C GLY A 200 10.86 46.97 -6.81
N GLY A 201 9.93 47.90 -6.57
CA GLY A 201 8.56 47.54 -6.31
C GLY A 201 8.27 47.19 -4.86
N GLY A 202 8.75 48.02 -3.95
CA GLY A 202 8.48 47.79 -2.54
C GLY A 202 9.44 46.80 -1.92
N ASP A 203 9.16 46.49 -0.66
CA ASP A 203 10.01 45.61 0.11
C ASP A 203 9.84 44.16 -0.36
N PRO A 204 10.86 43.32 -0.14
CA PRO A 204 12.14 43.61 0.54
C PRO A 204 13.15 44.28 -0.37
N TRP A 205 12.77 44.62 -1.60
CA TRP A 205 13.70 45.16 -2.57
C TRP A 205 13.77 46.68 -2.46
N THR A 206 14.98 47.20 -2.57
CA THR A 206 15.15 48.63 -2.79
C THR A 206 14.96 48.93 -4.28
N ASN A 207 14.99 50.22 -4.61
CA ASN A 207 14.84 50.61 -6.00
C ASN A 207 16.06 50.15 -6.79
N GLY A 208 15.80 49.54 -7.95
CA GLY A 208 16.87 49.04 -8.79
C GLY A 208 17.43 47.70 -8.39
N SER A 209 16.90 47.08 -7.35
CA SER A 209 17.40 45.81 -6.84
C SER A 209 16.50 44.68 -7.28
N GLY A 210 17.09 43.61 -7.80
CA GLY A 210 16.33 42.47 -8.25
C GLY A 210 16.25 41.36 -7.23
N LEU A 211 17.33 41.13 -6.49
CA LEU A 211 17.40 40.05 -5.52
C LEU A 211 17.67 40.61 -4.13
N ALA A 212 16.93 40.12 -3.14
CA ALA A 212 17.11 40.50 -1.76
C ALA A 212 17.57 39.27 -0.97
N LEU A 213 18.73 39.39 -0.32
CA LEU A 213 19.33 38.32 0.47
C LEU A 213 19.33 38.78 1.92
N CYS A 214 18.37 38.31 2.70
CA CYS A 214 18.12 38.86 4.03
C CYS A 214 18.35 37.80 5.09
N GLN A 215 19.10 38.14 6.14
CA GLN A 215 19.30 37.27 7.28
C GLN A 215 18.65 37.88 8.51
N ARG A 216 17.92 37.05 9.26
CA ARG A 216 17.18 37.46 10.43
C ARG A 216 17.73 36.74 11.66
N TYR A 217 18.07 37.51 12.68
CA TYR A 217 18.68 36.98 13.90
C TYR A 217 18.20 37.78 15.11
N TYR A 218 18.35 37.19 16.30
CA TYR A 218 17.89 37.86 17.51
C TYR A 218 18.67 39.15 17.76
N HIS A 219 17.99 40.14 18.33
CA HIS A 219 18.63 41.42 18.60
C HIS A 219 19.83 41.26 19.52
N ARG A 220 19.66 40.54 20.62
CA ARG A 220 20.75 40.20 21.52
C ARG A 220 20.71 38.70 21.76
N GLY A 221 21.80 38.02 21.43
CA GLY A 221 21.89 36.61 21.73
C GLY A 221 23.23 36.23 22.31
N HIS A 222 23.24 35.75 23.54
CA HIS A 222 24.42 35.17 24.16
C HIS A 222 24.04 33.79 24.64
N VAL A 223 24.64 32.76 24.05
CA VAL A 223 24.33 31.37 24.36
C VAL A 223 25.62 30.71 24.79
N ASP A 224 25.66 30.25 26.04
CA ASP A 224 26.82 29.60 26.62
C ASP A 224 26.36 28.27 27.19
N PRO A 225 26.20 27.24 26.35
CA PRO A 225 25.83 25.93 26.87
C PRO A 225 26.88 25.34 27.80
N ALA A 226 28.13 25.80 27.70
CA ALA A 226 29.16 25.32 28.61
C ALA A 226 28.83 25.67 30.05
N ASN A 227 28.33 26.89 30.26
CA ASN A 227 27.95 27.36 31.59
C ASN A 227 26.45 27.28 31.84
N ASP A 228 25.70 26.65 30.95
CA ASP A 228 24.25 26.57 31.07
C ASP A 228 23.65 27.96 31.25
N THR A 229 24.10 28.89 30.40
CA THR A 229 23.75 30.29 30.53
C THR A 229 23.25 30.83 29.20
N PHE A 230 22.31 31.77 29.26
CA PHE A 230 21.92 32.46 28.04
C PHE A 230 21.27 33.78 28.41
N ASP A 231 21.50 34.78 27.55
CA ASP A 231 20.90 36.11 27.65
C ASP A 231 20.35 36.44 26.28
N ILE A 232 19.03 36.44 26.16
CA ILE A 232 18.35 36.54 24.87
C ILE A 232 17.36 37.69 24.91
N ASP A 233 17.41 38.55 23.91
CA ASP A 233 16.34 39.50 23.60
C ASP A 233 15.62 39.01 22.36
N PRO A 234 14.41 38.43 22.47
CA PRO A 234 13.81 37.75 21.33
C PRO A 234 13.41 38.67 20.17
N MET A 235 13.64 39.97 20.26
CA MET A 235 13.34 40.85 19.13
C MET A 235 14.20 40.46 17.92
N VAL A 236 13.56 40.35 16.77
CA VAL A 236 14.23 39.89 15.55
C VAL A 236 14.73 41.08 14.76
N VAL A 237 15.97 41.01 14.32
CA VAL A 237 16.61 42.03 13.50
C VAL A 237 16.83 41.45 12.12
N THR A 238 16.51 42.23 11.09
CA THR A 238 16.67 41.86 9.70
C THR A 238 17.78 42.68 9.07
N ASP A 239 18.77 42.02 8.49
CA ASP A 239 19.84 42.67 7.75
C ASP A 239 19.86 42.07 6.35
N CYS A 240 19.72 42.91 5.33
CA CYS A 240 19.43 42.35 4.02
C CYS A 240 20.24 43.08 2.95
N ILE A 241 20.92 42.28 2.12
CA ILE A 241 21.77 42.76 1.03
C ILE A 241 20.95 42.79 -0.25
N GLN A 242 21.22 43.76 -1.11
CA GLN A 242 20.49 43.95 -2.35
C GLN A 242 21.43 43.70 -3.53
N VAL A 243 20.97 42.90 -4.47
CA VAL A 243 21.73 42.54 -5.67
C VAL A 243 20.96 43.03 -6.87
N ASP A 244 21.60 43.83 -7.71
CA ASP A 244 21.03 44.26 -8.97
C ASP A 244 21.39 43.25 -10.06
N PRO A 245 20.44 42.80 -10.87
CA PRO A 245 20.78 41.91 -11.97
C PRO A 245 21.66 42.62 -12.98
N PRO A 246 22.40 41.88 -13.80
CA PRO A 246 23.30 42.50 -14.78
C PRO A 246 22.50 42.97 -15.99
N GLU A 247 23.22 43.52 -16.96
CA GLU A 247 22.59 43.98 -18.21
C GLU A 247 23.51 43.76 -19.40
N SER A 264 30.62 41.82 -6.08
CA SER A 264 30.06 40.74 -5.27
C SER A 264 29.99 41.14 -3.80
N SER A 265 29.16 42.12 -3.50
CA SER A 265 28.96 42.49 -2.10
C SER A 265 28.25 41.40 -1.32
N TYR A 266 27.44 40.58 -2.00
CA TYR A 266 26.80 39.46 -1.33
C TYR A 266 27.81 38.40 -0.93
N LYS A 267 28.94 38.31 -1.64
CA LYS A 267 29.97 37.34 -1.29
C LYS A 267 30.64 37.66 0.04
N ASN A 268 30.42 38.84 0.59
CA ASN A 268 30.94 39.22 1.89
C ASN A 268 29.96 38.94 3.01
N LEU A 269 28.88 38.22 2.73
CA LEU A 269 27.90 37.90 3.77
C LEU A 269 28.55 37.13 4.91
N THR A 270 28.23 37.53 6.13
CA THR A 270 28.70 36.86 7.34
C THR A 270 27.49 36.52 8.19
N LEU A 271 27.28 35.23 8.44
CA LEU A 271 26.09 34.77 9.15
C LEU A 271 26.34 34.73 10.64
N LYS A 272 25.36 35.20 11.41
CA LYS A 272 25.39 35.15 12.86
C LYS A 272 24.78 33.81 13.30
N PHE A 273 25.60 32.77 13.22
CA PHE A 273 25.10 31.40 13.33
C PHE A 273 24.42 31.15 14.67
N HIS A 274 24.99 31.66 15.76
CA HIS A 274 24.47 31.32 17.08
C HIS A 274 23.11 31.97 17.33
N LYS A 275 22.85 33.13 16.74
CA LYS A 275 21.59 33.84 16.94
C LYS A 275 20.74 33.88 15.67
N LEU A 276 21.08 33.08 14.66
CA LEU A 276 20.40 33.15 13.38
C LEU A 276 19.00 32.57 13.48
N VAL A 277 18.01 33.33 13.01
CA VAL A 277 16.64 32.83 12.92
C VAL A 277 16.37 32.22 11.55
N ASN A 278 16.66 32.94 10.48
CA ASN A 278 16.59 32.32 9.16
C ASN A 278 17.31 33.18 8.14
N VAL A 279 17.43 32.64 6.94
CA VAL A 279 17.93 33.36 5.77
C VAL A 279 16.91 33.21 4.66
N THR A 280 16.67 34.27 3.92
CA THR A 280 15.73 34.25 2.80
C THR A 280 16.34 34.93 1.60
N ILE A 281 16.00 34.40 0.42
CA ILE A 281 16.34 35.01 -0.86
C ILE A 281 15.04 35.25 -1.59
N HIS A 282 14.80 36.51 -1.97
CA HIS A 282 13.59 36.92 -2.66
C HIS A 282 13.96 37.46 -4.02
N PHE A 283 13.27 37.00 -5.07
CA PHE A 283 13.39 37.67 -6.35
C PHE A 283 12.15 37.37 -7.18
N ARG A 284 12.04 38.05 -8.31
CA ARG A 284 10.90 37.91 -9.20
C ARG A 284 11.39 37.69 -10.62
N LEU A 285 10.67 36.86 -11.37
CA LEU A 285 10.98 36.57 -12.76
C LEU A 285 9.71 36.68 -13.60
N LYS A 286 9.80 37.39 -14.72
CA LYS A 286 8.69 37.53 -15.64
C LYS A 286 8.87 36.58 -16.82
N THR A 287 7.80 35.86 -17.17
CA THR A 287 7.83 34.95 -18.30
C THR A 287 6.49 35.04 -19.02
N ILE A 288 6.46 34.49 -20.23
CA ILE A 288 5.26 34.45 -21.05
C ILE A 288 4.87 32.99 -21.26
N ASN A 289 3.60 32.67 -21.02
CA ASN A 289 3.10 31.31 -21.10
C ASN A 289 2.73 31.01 -22.55
N LEU A 290 3.70 30.53 -23.32
CA LEU A 290 3.47 30.27 -24.74
C LEU A 290 2.61 29.03 -24.96
N GLN A 291 2.71 28.04 -24.08
CA GLN A 291 1.95 26.81 -24.29
C GLN A 291 0.46 27.03 -24.23
N SER A 292 0.01 28.24 -23.87
CA SER A 292 -1.40 28.58 -24.00
C SER A 292 -1.88 28.36 -25.43
N LEU A 293 -1.00 28.57 -26.41
CA LEU A 293 -1.38 28.36 -27.80
C LEU A 293 -1.85 26.94 -28.06
N ILE A 294 -1.43 25.98 -27.23
CA ILE A 294 -1.88 24.60 -27.40
C ILE A 294 -3.39 24.53 -27.25
N ASN A 295 -3.95 25.27 -26.31
CA ASN A 295 -5.38 25.28 -26.09
C ASN A 295 -6.10 26.32 -26.94
N ASN A 296 -5.37 27.02 -27.81
CA ASN A 296 -5.88 28.04 -28.73
C ASN A 296 -6.11 29.38 -28.04
N GLU A 297 -5.80 29.51 -26.76
CA GLU A 297 -5.98 30.77 -26.05
C GLU A 297 -4.89 31.75 -26.47
N ILE A 298 -4.82 32.89 -25.79
CA ILE A 298 -3.78 33.88 -26.01
C ILE A 298 -2.81 33.79 -24.84
N PRO A 299 -1.50 33.78 -25.09
CA PRO A 299 -0.54 33.72 -23.97
C PRO A 299 -0.74 34.86 -22.99
N ASP A 300 -0.57 34.55 -21.72
CA ASP A 300 -0.63 35.54 -20.65
C ASP A 300 0.74 35.67 -19.99
N CYS A 301 0.91 36.76 -19.25
CA CYS A 301 2.20 37.13 -18.70
C CYS A 301 2.25 36.75 -17.22
N TYR A 302 3.21 35.91 -16.85
CA TYR A 302 3.38 35.45 -15.48
C TYR A 302 4.51 36.20 -14.80
N THR A 303 4.29 36.59 -13.56
CA THR A 303 5.36 37.03 -12.67
C THR A 303 5.47 36.02 -11.55
N PHE A 304 6.60 35.34 -11.48
CA PHE A 304 6.88 34.37 -10.43
C PHE A 304 7.66 35.07 -9.33
N SER A 305 7.10 35.11 -8.14
CA SER A 305 7.78 35.57 -6.94
C SER A 305 8.41 34.34 -6.29
N VAL A 306 9.74 34.28 -6.28
CA VAL A 306 10.48 33.14 -5.77
C VAL A 306 11.05 33.49 -4.41
N LEU A 307 10.80 32.61 -3.44
CA LEU A 307 11.32 32.73 -2.09
C LEU A 307 12.08 31.46 -1.74
N ILE A 308 13.35 31.60 -1.41
CA ILE A 308 14.18 30.49 -0.95
C ILE A 308 14.45 30.70 0.54
N THR A 309 14.09 29.73 1.35
CA THR A 309 14.19 29.83 2.79
C THR A 309 15.19 28.81 3.33
N PHE A 310 16.13 29.29 4.13
CA PHE A 310 17.01 28.48 4.96
C PHE A 310 16.56 28.69 6.40
N ASP A 311 15.88 27.70 6.96
CA ASP A 311 15.13 27.85 8.20
C ASP A 311 15.92 27.32 9.39
N ASN A 312 16.22 28.20 10.35
CA ASN A 312 16.94 27.81 11.56
C ASN A 312 16.11 28.01 12.82
N LYS A 313 14.78 28.05 12.70
CA LYS A 313 13.95 28.35 13.86
C LYS A 313 13.99 27.25 14.91
N ALA A 314 14.30 26.02 14.53
CA ALA A 314 14.45 24.94 15.51
C ALA A 314 15.77 25.02 16.26
N HIS A 315 16.81 25.62 15.67
CA HIS A 315 18.13 25.70 16.30
C HIS A 315 18.65 24.31 16.66
N SER A 316 18.39 23.34 15.80
CA SER A 316 18.70 21.95 16.07
C SER A 316 19.98 21.47 15.41
N GLY A 317 20.72 22.35 14.74
CA GLY A 317 21.87 21.95 13.96
C GLY A 317 21.54 21.49 12.56
N ARG A 318 20.27 21.44 12.19
CA ARG A 318 19.84 21.05 10.86
C ARG A 318 18.97 22.18 10.31
N ILE A 319 19.38 22.74 9.17
CA ILE A 319 18.68 23.89 8.60
C ILE A 319 17.99 23.46 7.30
N PRO A 320 16.68 23.24 7.30
CA PRO A 320 16.00 22.88 6.05
C PRO A 320 16.01 24.02 5.04
N ILE A 321 16.05 23.63 3.78
CA ILE A 321 16.08 24.55 2.65
C ILE A 321 14.87 24.27 1.78
N SER A 322 14.12 25.31 1.44
CA SER A 322 12.96 25.16 0.60
C SER A 322 12.88 26.29 -0.41
N LEU A 323 12.19 26.03 -1.52
CA LEU A 323 11.90 27.02 -2.53
C LEU A 323 10.40 27.04 -2.79
N GLU A 324 9.78 28.20 -2.65
CA GLU A 324 8.37 28.41 -2.97
C GLU A 324 8.24 29.48 -4.04
N THR A 325 7.16 29.39 -4.81
CA THR A 325 6.83 30.39 -5.82
C THR A 325 5.37 30.83 -5.65
N GLN A 326 5.13 32.08 -6.02
CA GLN A 326 3.78 32.63 -6.13
C GLN A 326 3.63 33.26 -7.51
N ALA A 327 2.59 32.87 -8.24
CA ALA A 327 2.39 33.31 -9.62
C ALA A 327 1.34 34.40 -9.67
N HIS A 328 1.69 35.54 -10.24
CA HIS A 328 0.75 36.63 -10.53
C HIS A 328 0.57 36.68 -12.04
N ILE A 329 -0.65 36.44 -12.49
CA ILE A 329 -0.95 36.31 -13.91
C ILE A 329 -1.61 37.60 -14.39
N GLN A 330 -1.17 38.09 -15.54
CA GLN A 330 -1.72 39.29 -16.14
C GLN A 330 -1.96 39.04 -17.62
N GLU A 331 -2.73 39.93 -18.22
CA GLU A 331 -2.86 39.96 -19.67
C GLU A 331 -1.66 40.69 -20.26
N CYS A 332 -0.97 40.05 -21.19
CA CYS A 332 0.18 40.69 -21.80
C CYS A 332 -0.26 41.93 -22.56
N LYS A 333 0.56 42.98 -22.49
CA LYS A 333 0.17 44.29 -22.99
C LYS A 333 0.47 44.49 -24.47
N HIS A 334 1.04 43.50 -25.14
CA HIS A 334 1.29 43.62 -26.58
C HIS A 334 1.18 42.27 -27.27
N PRO A 335 0.05 41.58 -27.14
CA PRO A 335 -0.09 40.29 -27.79
C PRO A 335 -0.15 40.44 -29.31
N SER A 336 0.38 39.42 -29.99
CA SER A 336 0.30 39.36 -31.45
C SER A 336 0.46 37.90 -31.85
N VAL A 337 -0.66 37.26 -32.21
CA VAL A 337 -0.67 35.88 -32.67
C VAL A 337 -1.19 35.87 -34.10
N PHE A 338 -0.42 35.27 -35.01
CA PHE A 338 -0.81 35.21 -36.41
C PHE A 338 -2.13 34.47 -36.57
N GLN A 339 -3.17 35.17 -37.01
CA GLN A 339 -4.47 34.56 -37.23
C GLN A 339 -4.97 33.88 -35.95
N SER A 344 -15.16 34.61 -28.69
CA SER A 344 -15.83 35.04 -27.47
C SER A 344 -16.93 34.07 -27.07
N PHE A 345 -16.85 32.84 -27.58
CA PHE A 345 -17.85 31.82 -27.31
C PHE A 345 -17.61 31.09 -25.99
N ARG A 346 -16.87 31.71 -25.09
CA ARG A 346 -16.68 31.23 -23.73
C ARG A 346 -17.45 32.04 -22.71
N LEU A 347 -17.55 33.36 -22.91
CA LEU A 347 -18.38 34.20 -22.06
C LEU A 347 -19.86 34.05 -22.39
N LEU A 348 -20.18 33.80 -23.67
CA LEU A 348 -21.57 33.55 -24.04
C LEU A 348 -22.10 32.31 -23.33
N PHE A 349 -21.29 31.26 -23.25
CA PHE A 349 -21.71 30.06 -22.53
C PHE A 349 -21.92 30.36 -21.05
N ASP A 350 -21.06 31.19 -20.46
CA ASP A 350 -21.25 31.57 -19.06
C ASP A 350 -22.56 32.31 -18.86
N VAL A 351 -22.89 33.21 -19.80
CA VAL A 351 -24.16 33.94 -19.71
C VAL A 351 -25.33 32.98 -19.84
N VAL A 352 -25.23 32.02 -20.75
CA VAL A 352 -26.28 31.02 -20.90
C VAL A 352 -26.47 30.24 -19.61
N VAL A 353 -25.36 29.86 -18.96
CA VAL A 353 -25.45 29.16 -17.70
C VAL A 353 -26.15 30.01 -16.65
N ILE A 354 -25.77 31.28 -16.57
CA ILE A 354 -26.37 32.18 -15.58
C ILE A 354 -27.87 32.31 -15.81
N LEU A 355 -28.27 32.45 -17.08
CA LEU A 355 -29.69 32.59 -17.37
C LEU A 355 -30.46 31.32 -17.03
N THR A 356 -29.90 30.15 -17.37
CA THR A 356 -30.56 28.89 -17.05
C THR A 356 -30.74 28.75 -15.55
N CYS A 357 -29.70 29.05 -14.78
CA CYS A 357 -29.80 28.93 -13.33
C CYS A 357 -30.75 29.96 -12.74
N SER A 358 -30.81 31.16 -13.34
CA SER A 358 -31.76 32.17 -12.87
C SER A 358 -33.20 31.71 -13.08
N LEU A 359 -33.49 31.15 -14.27
CA LEU A 359 -34.83 30.68 -14.54
C LEU A 359 -35.18 29.51 -13.61
N SER A 360 -34.25 28.59 -13.40
CA SER A 360 -34.50 27.50 -12.47
C SER A 360 -34.78 28.03 -11.07
N PHE A 361 -33.99 29.01 -10.63
CA PHE A 361 -34.20 29.58 -9.30
C PHE A 361 -35.59 30.19 -9.19
N LEU A 362 -36.02 30.93 -10.21
CA LEU A 362 -37.32 31.57 -10.15
C LEU A 362 -38.45 30.54 -10.09
N LEU A 363 -38.39 29.51 -10.95
CA LEU A 363 -39.44 28.51 -10.93
C LEU A 363 -39.48 27.75 -9.60
N CYS A 364 -38.32 27.38 -9.08
CA CYS A 364 -38.29 26.66 -7.81
C CYS A 364 -38.78 27.54 -6.67
N ALA A 365 -38.42 28.83 -6.67
CA ALA A 365 -38.90 29.73 -5.65
C ALA A 365 -40.41 29.90 -5.71
N ARG A 366 -40.97 29.98 -6.92
CA ARG A 366 -42.41 30.07 -7.06
C ARG A 366 -43.09 28.82 -6.51
N SER A 367 -42.53 27.64 -6.82
CA SER A 367 -43.10 26.41 -6.29
C SER A 367 -43.04 26.38 -4.76
N LEU A 368 -41.92 26.80 -4.19
CA LEU A 368 -41.79 26.81 -2.73
C LEU A 368 -42.78 27.78 -2.11
N LEU A 369 -42.97 28.96 -2.72
CA LEU A 369 -43.94 29.91 -2.20
C LEU A 369 -45.36 29.34 -2.25
N ARG A 370 -45.70 28.66 -3.35
CA ARG A 370 -47.02 28.04 -3.45
C ARG A 370 -47.19 26.98 -2.37
N GLY A 371 -46.15 26.18 -2.13
CA GLY A 371 -46.23 25.19 -1.07
C GLY A 371 -46.46 25.81 0.29
N PHE A 372 -45.75 26.91 0.58
CA PHE A 372 -45.94 27.59 1.85
C PHE A 372 -47.36 28.13 1.98
N LEU A 373 -47.89 28.73 0.91
CA LEU A 373 -49.27 29.23 0.97
C LEU A 373 -50.26 28.10 1.22
N LEU A 374 -50.06 26.96 0.54
CA LEU A 374 -50.95 25.82 0.76
C LEU A 374 -50.85 25.32 2.20
N GLN A 375 -49.63 25.31 2.76
CA GLN A 375 -49.48 24.89 4.15
C GLN A 375 -50.23 25.82 5.09
N ASN A 376 -50.15 27.13 4.85
CA ASN A 376 -50.89 28.08 5.68
C ASN A 376 -52.39 27.82 5.57
N GLU A 377 -52.87 27.60 4.35
CA GLU A 377 -54.29 27.28 4.17
C GLU A 377 -54.67 26.02 4.95
N PHE A 378 -53.83 25.00 4.88
CA PHE A 378 -54.15 23.73 5.54
C PHE A 378 -54.21 23.91 7.05
N VAL A 379 -53.25 24.62 7.64
CA VAL A 379 -53.29 24.82 9.08
C VAL A 379 -54.52 25.62 9.47
N GLY A 380 -54.84 26.67 8.70
CA GLY A 380 -56.04 27.43 8.99
C GLY A 380 -57.29 26.57 8.96
N PHE A 381 -57.42 25.73 7.94
CA PHE A 381 -58.59 24.88 7.81
C PHE A 381 -58.61 23.78 8.86
N MET A 382 -57.44 23.37 9.35
CA MET A 382 -57.36 22.39 10.42
C MET A 382 -57.60 23.00 11.79
N TRP A 383 -57.62 24.32 11.89
CA TRP A 383 -58.11 24.99 13.10
C TRP A 383 -59.63 25.20 13.05
N ARG A 384 -60.35 24.40 12.26
CA ARG A 384 -61.80 24.48 12.19
C ARG A 384 -62.41 23.09 12.29
N LEU A 392 -44.37 20.71 14.15
CA LEU A 392 -44.14 21.30 12.84
C LEU A 392 -43.79 20.23 11.82
N TRP A 393 -43.56 19.00 12.30
CA TRP A 393 -43.17 17.92 11.41
C TRP A 393 -44.21 17.65 10.34
N GLU A 394 -45.46 18.04 10.57
CA GLU A 394 -46.51 17.85 9.57
C GLU A 394 -46.57 19.00 8.58
N ARG A 395 -46.39 20.24 9.04
CA ARG A 395 -46.47 21.37 8.12
C ARG A 395 -45.22 21.48 7.24
N LEU A 396 -44.07 20.97 7.72
CA LEU A 396 -42.89 20.91 6.86
C LEU A 396 -42.99 19.81 5.83
N GLU A 397 -44.01 18.94 5.91
CA GLU A 397 -44.26 17.99 4.85
C GLU A 397 -44.67 18.69 3.56
N PHE A 398 -45.02 19.97 3.62
CA PHE A 398 -45.36 20.75 2.46
C PHE A 398 -44.15 21.32 1.74
N VAL A 399 -42.94 21.09 2.25
CA VAL A 399 -41.72 21.62 1.68
C VAL A 399 -41.08 20.55 0.80
N ASN A 400 -40.81 20.90 -0.45
CA ASN A 400 -40.13 20.00 -1.38
C ASN A 400 -38.62 20.17 -1.19
N GLY A 401 -37.99 19.20 -0.55
CA GLY A 401 -36.57 19.29 -0.29
C GLY A 401 -35.73 19.34 -1.55
N TRP A 402 -36.16 18.62 -2.59
CA TRP A 402 -35.44 18.68 -3.86
C TRP A 402 -35.37 20.10 -4.39
N TYR A 403 -36.42 20.91 -4.16
CA TYR A 403 -36.40 22.28 -4.63
C TYR A 403 -35.50 23.16 -3.78
N ILE A 404 -35.41 22.89 -2.47
CA ILE A 404 -34.41 23.56 -1.65
C ILE A 404 -33.01 23.28 -2.21
N LEU A 405 -32.74 22.02 -2.53
CA LEU A 405 -31.45 21.65 -3.09
C LEU A 405 -31.20 22.36 -4.41
N LEU A 406 -32.22 22.41 -5.27
CA LEU A 406 -32.06 23.04 -6.58
C LEU A 406 -31.79 24.53 -6.44
N VAL A 407 -32.48 25.21 -5.52
CA VAL A 407 -32.25 26.63 -5.31
C VAL A 407 -30.84 26.87 -4.80
N THR A 408 -30.38 26.05 -3.86
CA THR A 408 -29.01 26.17 -3.39
C THR A 408 -28.01 26.00 -4.52
N SER A 409 -28.23 24.99 -5.37
CA SER A 409 -27.31 24.75 -6.47
C SER A 409 -27.34 25.90 -7.47
N ASP A 410 -28.51 26.48 -7.70
CA ASP A 410 -28.60 27.63 -8.60
C ASP A 410 -27.80 28.81 -8.05
N VAL A 411 -27.94 29.09 -6.76
CA VAL A 411 -27.19 30.19 -6.17
C VAL A 411 -25.68 29.95 -6.29
N LEU A 412 -25.26 28.73 -5.95
CA LEU A 412 -23.84 28.41 -6.00
C LEU A 412 -23.31 28.51 -7.44
N THR A 413 -24.08 28.02 -8.41
CA THR A 413 -23.63 28.08 -9.80
C THR A 413 -23.53 29.52 -10.28
N ILE A 414 -24.51 30.36 -9.95
CA ILE A 414 -24.47 31.73 -10.43
C ILE A 414 -23.28 32.47 -9.83
N SER A 415 -23.07 32.32 -8.51
CA SER A 415 -21.95 33.01 -7.88
C SER A 415 -20.62 32.51 -8.42
N GLY A 416 -20.48 31.19 -8.60
CA GLY A 416 -19.26 30.64 -9.14
C GLY A 416 -19.02 31.07 -10.58
N THR A 417 -20.07 31.23 -11.36
CA THR A 417 -19.91 31.66 -12.74
C THR A 417 -19.52 33.12 -12.82
N ILE A 418 -20.05 33.95 -11.91
CA ILE A 418 -19.60 35.34 -11.86
C ILE A 418 -18.10 35.39 -11.52
N MET A 419 -17.69 34.61 -10.51
CA MET A 419 -16.29 34.58 -10.15
C MET A 419 -15.43 34.04 -11.30
N LYS A 420 -15.95 33.07 -12.04
CA LYS A 420 -15.21 32.52 -13.17
C LYS A 420 -15.03 33.56 -14.27
N ILE A 421 -16.08 34.33 -14.57
CA ILE A 421 -15.95 35.41 -15.53
C ILE A 421 -14.90 36.40 -15.08
N GLY A 422 -14.91 36.76 -13.80
CA GLY A 422 -13.87 37.64 -13.29
C GLY A 422 -12.48 37.07 -13.46
N ILE A 423 -12.30 35.80 -13.10
CA ILE A 423 -10.99 35.18 -13.13
C ILE A 423 -10.45 35.11 -14.56
N GLU A 424 -11.30 34.69 -15.49
CA GLU A 424 -10.84 34.51 -16.87
C GLU A 424 -10.51 35.83 -17.55
N ALA A 425 -11.07 36.93 -17.08
CA ALA A 425 -10.66 38.26 -17.53
C ALA A 425 -9.42 38.76 -16.81
N LYS A 426 -8.91 38.01 -15.83
CA LYS A 426 -7.72 38.32 -15.06
C LYS A 426 -7.96 39.40 -14.01
N ASN A 427 -9.21 39.77 -13.75
CA ASN A 427 -9.51 40.72 -12.68
C ASN A 427 -9.57 40.06 -11.31
N LEU A 428 -9.60 38.73 -11.25
CA LEU A 428 -9.67 38.00 -10.00
C LEU A 428 -8.66 36.87 -10.01
N ALA A 429 -8.24 36.46 -8.81
CA ALA A 429 -7.28 35.37 -8.66
C ALA A 429 -7.72 34.40 -7.56
N SER A 430 -9.02 34.32 -7.27
CA SER A 430 -9.54 33.45 -6.23
C SER A 430 -10.01 32.14 -6.86
N TYR A 431 -9.05 31.37 -7.35
CA TYR A 431 -9.37 30.13 -8.04
C TYR A 431 -9.98 29.10 -7.10
N ASP A 432 -9.51 29.05 -5.85
CA ASP A 432 -9.98 28.03 -4.92
C ASP A 432 -11.46 28.18 -4.63
N VAL A 433 -11.90 29.40 -4.31
CA VAL A 433 -13.30 29.61 -3.96
C VAL A 433 -14.20 29.34 -5.16
N CYS A 434 -13.81 29.82 -6.34
CA CYS A 434 -14.59 29.57 -7.54
C CYS A 434 -14.71 28.07 -7.81
N SER A 435 -13.60 27.35 -7.70
CA SER A 435 -13.63 25.92 -7.94
C SER A 435 -14.53 25.22 -6.92
N ILE A 436 -14.46 25.62 -5.65
CA ILE A 436 -15.29 24.98 -4.65
C ILE A 436 -16.77 25.24 -4.94
N LEU A 437 -17.12 26.47 -5.30
CA LEU A 437 -18.52 26.78 -5.59
C LEU A 437 -19.02 25.96 -6.77
N LEU A 438 -18.26 25.96 -7.88
CA LEU A 438 -18.72 25.26 -9.08
C LEU A 438 -18.76 23.75 -8.85
N GLY A 439 -17.76 23.19 -8.15
CA GLY A 439 -17.76 21.76 -7.88
C GLY A 439 -18.90 21.34 -6.98
N THR A 440 -19.16 22.11 -5.93
CA THR A 440 -20.29 21.79 -5.05
C THR A 440 -21.60 21.87 -5.81
N SER A 441 -21.78 22.88 -6.66
CA SER A 441 -23.02 22.99 -7.42
C SER A 441 -23.19 21.82 -8.38
N THR A 442 -22.10 21.42 -9.05
CA THR A 442 -22.19 20.27 -9.96
C THR A 442 -22.53 19.00 -9.19
N LEU A 443 -21.92 18.82 -8.01
CA LEU A 443 -22.26 17.68 -7.18
CA LEU A 443 -22.25 17.67 -7.18
C LEU A 443 -23.73 17.67 -6.81
N LEU A 444 -24.26 18.83 -6.44
CA LEU A 444 -25.67 18.91 -6.05
C LEU A 444 -26.60 18.62 -7.22
N VAL A 445 -26.29 19.17 -8.41
CA VAL A 445 -27.19 18.93 -9.53
C VAL A 445 -27.16 17.47 -9.93
N TRP A 446 -26.01 16.80 -9.79
CA TRP A 446 -25.99 15.38 -10.12
C TRP A 446 -26.70 14.55 -9.05
N VAL A 447 -26.60 14.95 -7.78
CA VAL A 447 -27.34 14.27 -6.73
C VAL A 447 -28.83 14.45 -6.93
N GLY A 448 -29.25 15.56 -7.52
CA GLY A 448 -30.65 15.82 -7.78
C GLY A 448 -31.30 14.87 -8.77
N VAL A 449 -30.50 14.09 -9.51
CA VAL A 449 -31.07 13.13 -10.45
C VAL A 449 -31.80 12.00 -9.72
N ILE A 450 -31.53 11.80 -8.43
CA ILE A 450 -32.22 10.77 -7.67
C ILE A 450 -33.72 11.03 -7.63
N ARG A 451 -34.13 12.30 -7.69
CA ARG A 451 -35.55 12.62 -7.66
C ARG A 451 -36.30 11.95 -8.80
N TYR A 452 -35.70 11.94 -10.00
CA TYR A 452 -36.35 11.30 -11.13
C TYR A 452 -36.45 9.80 -10.96
N LEU A 453 -35.46 9.19 -10.33
CA LEU A 453 -35.53 7.75 -10.07
C LEU A 453 -36.57 7.42 -9.01
N THR A 454 -36.85 8.35 -8.10
CA THR A 454 -37.88 8.09 -7.09
C THR A 454 -39.27 7.95 -7.69
N PHE A 455 -39.47 8.33 -8.95
CA PHE A 455 -40.77 8.20 -9.60
C PHE A 455 -41.06 6.78 -10.08
N PHE A 456 -40.08 5.87 -9.99
CA PHE A 456 -40.24 4.51 -10.45
C PHE A 456 -40.09 3.57 -9.25
N HIS A 457 -41.02 2.61 -9.14
CA HIS A 457 -41.17 1.84 -7.91
C HIS A 457 -39.89 1.08 -7.54
N ASN A 458 -39.25 0.45 -8.52
CA ASN A 458 -38.11 -0.41 -8.24
C ASN A 458 -36.92 0.38 -7.72
N TYR A 459 -36.67 1.57 -8.26
CA TYR A 459 -35.60 2.41 -7.76
C TYR A 459 -35.99 3.08 -6.45
N ASN A 460 -37.26 3.47 -6.34
CA ASN A 460 -37.75 4.10 -5.13
C ASN A 460 -37.62 3.18 -3.93
N ILE A 461 -37.73 1.87 -4.12
CA ILE A 461 -37.55 0.95 -2.99
C ILE A 461 -36.17 1.15 -2.38
N LEU A 462 -35.14 1.18 -3.21
CA LEU A 462 -33.78 1.31 -2.71
C LEU A 462 -33.53 2.69 -2.10
N ILE A 463 -34.03 3.74 -2.75
CA ILE A 463 -33.84 5.08 -2.22
C ILE A 463 -34.55 5.23 -0.88
N ALA A 464 -35.77 4.69 -0.77
CA ALA A 464 -36.50 4.74 0.49
C ALA A 464 -35.80 3.94 1.56
N THR A 465 -35.17 2.82 1.20
CA THR A 465 -34.38 2.08 2.18
C THR A 465 -33.28 2.96 2.76
N LEU A 466 -32.54 3.65 1.89
CA LEU A 466 -31.48 4.53 2.39
C LEU A 466 -32.06 5.61 3.29
N ARG A 467 -33.19 6.20 2.87
CA ARG A 467 -33.78 7.29 3.64
C ARG A 467 -34.22 6.83 5.03
N VAL A 468 -34.85 5.65 5.12
N VAL A 468 -34.86 5.66 5.11
CA VAL A 468 -35.32 5.21 6.43
CA VAL A 468 -35.33 5.13 6.37
C VAL A 468 -34.16 4.71 7.29
C VAL A 468 -34.16 4.73 7.27
N ALA A 469 -33.07 4.24 6.68
CA ALA A 469 -31.91 3.85 7.49
C ALA A 469 -31.14 5.04 8.01
N LEU A 470 -31.15 6.17 7.31
CA LEU A 470 -30.27 7.28 7.64
C LEU A 470 -30.34 7.73 9.09
N PRO A 471 -31.52 7.90 9.71
CA PRO A 471 -31.53 8.39 11.11
C PRO A 471 -30.77 7.49 12.08
N SER A 472 -31.00 6.18 12.04
CA SER A 472 -30.27 5.28 12.92
C SER A 472 -28.79 5.23 12.58
N VAL A 473 -28.44 5.36 11.30
CA VAL A 473 -27.04 5.44 10.92
C VAL A 473 -26.37 6.64 11.57
N MET A 474 -27.04 7.80 11.53
CA MET A 474 -26.49 9.00 12.15
C MET A 474 -26.37 8.84 13.66
N ARG A 475 -27.38 8.24 14.29
CA ARG A 475 -27.32 8.02 15.74
C ARG A 475 -26.17 7.09 16.11
N PHE A 476 -25.97 6.02 15.35
CA PHE A 476 -24.87 5.13 15.62
C PHE A 476 -23.54 5.81 15.36
N CYS A 477 -23.47 6.68 14.36
CA CYS A 477 -22.26 7.47 14.16
C CYS A 477 -21.96 8.33 15.37
N CYS A 478 -23.00 8.94 15.95
CA CYS A 478 -22.80 9.72 17.18
C CYS A 478 -22.27 8.84 18.30
N CYS A 479 -22.83 7.65 18.47
CA CYS A 479 -22.35 6.74 19.51
C CYS A 479 -20.89 6.36 19.28
N VAL A 480 -20.53 6.06 18.03
CA VAL A 480 -19.18 5.61 17.70
C VAL A 480 -18.17 6.75 17.81
N ALA A 481 -18.64 7.99 17.67
CA ALA A 481 -17.73 9.13 17.62
C ALA A 481 -16.97 9.33 18.92
N VAL A 482 -17.62 9.11 20.07
CA VAL A 482 -16.93 9.37 21.33
C VAL A 482 -15.83 8.34 21.56
N ILE A 483 -16.09 7.07 21.25
CA ILE A 483 -15.05 6.05 21.34
C ILE A 483 -13.91 6.39 20.38
N TYR A 484 -14.25 6.78 19.16
CA TYR A 484 -13.24 7.11 18.17
C TYR A 484 -12.37 8.27 18.63
N LEU A 485 -13.00 9.30 19.22
CA LEU A 485 -12.26 10.47 19.67
C LEU A 485 -11.37 10.14 20.87
N GLY A 486 -11.86 9.32 21.78
CA GLY A 486 -11.02 8.86 22.87
C GLY A 486 -9.78 8.15 22.36
N TYR A 487 -9.96 7.26 21.39
CA TYR A 487 -8.82 6.57 20.80
C TYR A 487 -7.88 7.56 20.11
N CYS A 488 -8.44 8.56 19.42
CA CYS A 488 -7.61 9.57 18.79
C CYS A 488 -6.72 10.27 19.79
N PHE A 489 -7.30 10.75 20.89
CA PHE A 489 -6.52 11.48 21.89
C PHE A 489 -5.46 10.57 22.52
N CYS A 490 -5.84 9.35 22.88
CA CYS A 490 -4.88 8.44 23.50
C CYS A 490 -3.72 8.13 22.55
N GLY A 491 -4.02 7.82 21.29
CA GLY A 491 -2.98 7.50 20.35
C GLY A 491 -2.07 8.68 20.08
N TRP A 492 -2.64 9.87 19.99
CA TRP A 492 -1.83 11.06 19.78
C TRP A 492 -0.86 11.25 20.94
N ILE A 493 -1.34 11.14 22.18
CA ILE A 493 -0.47 11.45 23.30
C ILE A 493 0.58 10.36 23.50
N VAL A 494 0.22 9.10 23.31
CA VAL A 494 1.14 8.00 23.64
C VAL A 494 2.08 7.68 22.49
N LEU A 495 1.56 7.58 21.26
CA LEU A 495 2.36 7.13 20.13
C LEU A 495 2.95 8.27 19.32
N GLY A 496 2.49 9.52 19.51
CA GLY A 496 3.02 10.64 18.77
C GLY A 496 4.52 10.80 18.86
N PRO A 497 5.12 10.63 20.04
CA PRO A 497 6.59 10.71 20.13
C PRO A 497 7.33 9.65 19.34
N TYR A 498 6.68 8.55 18.96
CA TYR A 498 7.37 7.43 18.34
C TYR A 498 6.90 7.08 16.94
N HIS A 499 5.69 7.48 16.54
CA HIS A 499 5.08 7.04 15.30
C HIS A 499 4.82 8.25 14.40
N VAL A 500 5.30 8.17 13.17
CA VAL A 500 5.16 9.30 12.24
C VAL A 500 3.70 9.54 11.90
N LYS A 501 2.89 8.50 11.85
CA LYS A 501 1.47 8.64 11.51
C LYS A 501 0.65 9.23 12.64
N PHE A 502 1.23 9.44 13.83
CA PHE A 502 0.50 9.91 15.00
C PHE A 502 0.99 11.27 15.48
N ARG A 503 1.58 12.08 14.62
CA ARG A 503 2.22 13.32 15.06
C ARG A 503 1.18 14.40 15.38
N SER A 504 0.13 14.50 14.59
CA SER A 504 -0.91 15.50 14.79
C SER A 504 -2.26 14.81 14.95
N LEU A 505 -3.21 15.52 15.55
CA LEU A 505 -4.52 14.94 15.80
C LEU A 505 -5.24 14.61 14.51
N SER A 506 -5.17 15.50 13.51
CA SER A 506 -5.80 15.22 12.22
C SER A 506 -5.13 14.02 11.55
N MET A 507 -3.81 13.91 11.66
CA MET A 507 -3.10 12.76 11.13
C MET A 507 -3.52 11.49 11.86
N VAL A 508 -3.68 11.56 13.18
CA VAL A 508 -4.12 10.39 13.94
C VAL A 508 -5.50 9.95 13.47
N SER A 509 -6.41 10.91 13.28
CA SER A 509 -7.74 10.58 12.82
C SER A 509 -7.70 9.94 11.43
N GLU A 510 -6.88 10.47 10.54
CA GLU A 510 -6.76 9.88 9.21
C GLU A 510 -6.23 8.45 9.29
N CYS A 511 -5.23 8.21 10.14
CA CYS A 511 -4.69 6.86 10.29
C CYS A 511 -5.75 5.91 10.83
N LEU A 512 -6.47 6.32 11.87
CA LEU A 512 -7.48 5.44 12.47
C LEU A 512 -8.61 5.17 11.49
N PHE A 513 -9.03 6.18 10.74
CA PHE A 513 -10.08 5.98 9.74
C PHE A 513 -9.63 5.02 8.66
N SER A 514 -8.38 5.14 8.20
CA SER A 514 -7.88 4.20 7.22
C SER A 514 -7.80 2.79 7.79
N LEU A 515 -7.43 2.66 9.07
CA LEU A 515 -7.40 1.35 9.69
C LEU A 515 -8.79 0.72 9.74
N ILE A 516 -9.81 1.52 10.05
CA ILE A 516 -11.17 0.99 10.10
C ILE A 516 -11.54 0.33 8.79
N ASN A 517 -11.01 0.82 7.67
CA ASN A 517 -11.34 0.32 6.35
C ASN A 517 -10.27 -0.62 5.81
N GLY A 518 -9.38 -1.10 6.67
CA GLY A 518 -8.38 -2.08 6.28
C GLY A 518 -7.33 -1.58 5.32
N ASP A 519 -6.84 -0.36 5.52
CA ASP A 519 -5.79 0.20 4.69
C ASP A 519 -4.61 0.63 5.55
N ASP A 520 -3.40 0.29 5.09
CA ASP A 520 -2.16 0.77 5.68
C ASP A 520 -1.94 0.19 7.09
N MET A 521 -2.40 -1.02 7.31
CA MET A 521 -2.37 -1.63 8.64
C MET A 521 -0.98 -2.17 8.97
N PHE A 522 -0.40 -2.95 8.06
CA PHE A 522 0.87 -3.59 8.34
C PHE A 522 1.98 -2.57 8.54
N VAL A 523 1.99 -1.49 7.76
CA VAL A 523 3.03 -0.47 7.94
C VAL A 523 2.87 0.21 9.29
N THR A 524 1.62 0.41 9.73
CA THR A 524 1.39 0.95 11.07
C THR A 524 1.98 0.04 12.13
N PHE A 525 1.78 -1.27 11.99
CA PHE A 525 2.39 -2.20 12.95
C PHE A 525 3.92 -2.20 12.85
N ALA A 526 4.44 -2.11 11.62
CA ALA A 526 5.88 -2.21 11.41
C ALA A 526 6.63 -0.98 11.94
N ALA A 527 6.01 0.20 11.86
CA ALA A 527 6.64 1.38 12.43
C ALA A 527 6.90 1.19 13.93
N MET A 528 5.96 0.59 14.64
CA MET A 528 6.17 0.29 16.05
C MET A 528 7.14 -0.86 16.24
N GLN A 529 7.13 -1.84 15.33
CA GLN A 529 8.11 -2.91 15.40
C GLN A 529 9.52 -2.34 15.40
N ALA A 530 9.75 -1.31 14.59
CA ALA A 530 11.06 -0.69 14.49
C ALA A 530 11.51 -0.06 15.80
N GLN A 531 10.60 0.14 16.76
CA GLN A 531 10.91 0.76 18.04
C GLN A 531 10.68 -0.18 19.22
N GLN A 532 10.52 -1.48 18.97
CA GLN A 532 10.25 -2.41 20.06
C GLN A 532 11.41 -2.48 21.03
N GLY A 533 12.65 -2.50 20.53
CA GLY A 533 13.79 -2.63 21.40
C GLY A 533 13.97 -1.44 22.33
N ARG A 534 13.64 -0.25 21.84
CA ARG A 534 13.84 0.98 22.62
C ARG A 534 13.01 0.97 23.89
N SER A 535 11.68 1.00 23.75
CA SER A 535 10.76 1.03 24.88
C SER A 535 9.80 -0.14 24.76
N SER A 536 9.91 -1.09 25.69
CA SER A 536 9.03 -2.27 25.64
C SER A 536 7.62 -1.92 26.10
N LEU A 537 7.49 -1.05 27.09
CA LEU A 537 6.18 -0.66 27.58
C LEU A 537 5.35 0.02 26.48
N VAL A 538 5.97 0.92 25.73
CA VAL A 538 5.25 1.61 24.67
C VAL A 538 4.89 0.63 23.55
N TRP A 539 5.77 -0.31 23.26
CA TRP A 539 5.46 -1.30 22.22
C TRP A 539 4.29 -2.18 22.63
N LEU A 540 4.28 -2.65 23.89
CA LEU A 540 3.15 -3.44 24.35
C LEU A 540 1.86 -2.63 24.34
N PHE A 541 1.94 -1.37 24.76
CA PHE A 541 0.76 -0.53 24.73
C PHE A 541 0.26 -0.36 23.30
N SER A 542 1.17 -0.17 22.35
CA SER A 542 0.76 -0.03 20.96
C SER A 542 0.10 -1.29 20.44
N GLN A 543 0.63 -2.46 20.83
CA GLN A 543 -0.01 -3.71 20.45
C GLN A 543 -1.46 -3.75 20.94
N LEU A 544 -1.66 -3.50 22.24
CA LEU A 544 -3.01 -3.52 22.78
C LEU A 544 -3.89 -2.49 22.09
N TYR A 545 -3.37 -1.28 21.92
CA TYR A 545 -4.12 -0.18 21.33
C TYR A 545 -4.60 -0.52 19.93
N LEU A 546 -3.68 -0.93 19.06
CA LEU A 546 -4.04 -1.19 17.67
C LEU A 546 -4.95 -2.40 17.55
N TYR A 547 -4.61 -3.51 18.22
CA TYR A 547 -5.42 -4.70 18.08
C TYR A 547 -6.84 -4.46 18.60
N SER A 548 -6.96 -3.83 19.76
CA SER A 548 -8.29 -3.58 20.32
C SER A 548 -9.09 -2.65 19.43
N PHE A 549 -8.48 -1.55 18.96
CA PHE A 549 -9.21 -0.62 18.10
C PHE A 549 -9.71 -1.31 16.84
N ILE A 550 -8.82 -2.02 16.14
CA ILE A 550 -9.21 -2.64 14.88
C ILE A 550 -10.26 -3.71 15.10
N SER A 551 -10.07 -4.56 16.11
CA SER A 551 -11.05 -5.60 16.38
C SER A 551 -12.41 -5.01 16.67
N LEU A 552 -12.46 -4.02 17.57
CA LEU A 552 -13.73 -3.41 17.94
C LEU A 552 -14.42 -2.81 16.72
N PHE A 553 -13.69 -2.03 15.93
CA PHE A 553 -14.34 -1.27 14.88
C PHE A 553 -14.67 -2.10 13.64
N ILE A 554 -13.96 -3.21 13.41
CA ILE A 554 -14.29 -4.01 12.24
C ILE A 554 -15.27 -5.12 12.58
N TYR A 555 -15.09 -5.82 13.70
CA TYR A 555 -15.97 -6.95 13.98
C TYR A 555 -17.34 -6.52 14.47
N MET A 556 -17.46 -5.37 15.14
CA MET A 556 -18.69 -4.98 15.80
C MET A 556 -19.36 -3.75 15.20
N VAL A 557 -18.59 -2.70 14.89
CA VAL A 557 -19.19 -1.44 14.45
C VAL A 557 -19.70 -1.55 13.01
N LEU A 558 -18.83 -1.95 12.08
CA LEU A 558 -19.25 -2.11 10.70
C LEU A 558 -20.34 -3.16 10.57
N SER A 559 -20.28 -4.21 11.38
CA SER A 559 -21.33 -5.21 11.40
C SER A 559 -22.67 -4.59 11.77
N LEU A 560 -22.66 -3.68 12.74
CA LEU A 560 -23.92 -3.03 13.12
C LEU A 560 -24.42 -2.08 12.05
N PHE A 561 -23.52 -1.41 11.33
CA PHE A 561 -23.97 -0.62 10.18
C PHE A 561 -24.68 -1.50 9.16
N ILE A 562 -24.09 -2.66 8.86
CA ILE A 562 -24.73 -3.60 7.94
C ILE A 562 -26.10 -4.03 8.48
N ALA A 563 -26.18 -4.32 9.78
CA ALA A 563 -27.44 -4.76 10.36
C ALA A 563 -28.51 -3.67 10.27
N LEU A 564 -28.14 -2.42 10.51
CA LEU A 564 -29.10 -1.32 10.42
C LEU A 564 -29.64 -1.20 9.00
N ILE A 565 -28.75 -1.27 8.00
CA ILE A 565 -29.21 -1.15 6.62
C ILE A 565 -30.10 -2.34 6.25
N THR A 566 -29.73 -3.55 6.68
CA THR A 566 -30.53 -4.73 6.37
C THR A 566 -31.90 -4.66 7.02
N GLY A 567 -31.97 -4.17 8.27
CA GLY A 567 -33.26 -4.00 8.91
C GLY A 567 -34.13 -2.99 8.21
N ALA A 568 -33.54 -1.86 7.79
CA ALA A 568 -34.30 -0.89 7.03
C ALA A 568 -34.82 -1.48 5.72
N TYR A 569 -33.98 -2.25 5.03
CA TYR A 569 -34.42 -2.86 3.77
C TYR A 569 -35.56 -3.83 3.99
N ASP A 570 -35.48 -4.65 5.05
CA ASP A 570 -36.56 -5.57 5.34
C ASP A 570 -37.84 -4.84 5.74
N THR A 571 -37.72 -3.71 6.43
CA THR A 571 -38.90 -2.89 6.71
C THR A 571 -39.54 -2.36 5.43
N ILE A 572 -38.71 -1.92 4.49
CA ILE A 572 -39.24 -1.34 3.26
C ILE A 572 -39.96 -2.39 2.43
N LYS A 573 -39.41 -3.60 2.39
CA LYS A 573 -39.95 -4.68 1.55
C LYS A 573 -41.21 -5.30 2.13
N HIS A 574 -41.79 -4.71 3.18
CA HIS A 574 -43.01 -5.24 3.78
C HIS A 574 -43.92 -4.09 4.24
N ASP B 88 -41.56 0.43 52.15
CA ASP B 88 -40.43 0.62 53.06
C ASP B 88 -39.12 0.53 52.30
N LEU B 89 -38.88 -0.62 51.67
CA LEU B 89 -37.68 -0.87 50.90
C LEU B 89 -37.89 -0.76 49.39
N ARG B 90 -39.08 -1.14 48.90
CA ARG B 90 -39.31 -1.12 47.46
C ARG B 90 -39.16 0.28 46.90
N ARG B 91 -39.63 1.30 47.64
CA ARG B 91 -39.45 2.67 47.19
C ARG B 91 -37.98 3.02 47.07
N ARG B 92 -37.18 2.63 48.07
CA ARG B 92 -35.75 2.95 48.03
C ARG B 92 -35.07 2.27 46.85
N LEU B 93 -35.37 0.98 46.63
CA LEU B 93 -34.77 0.28 45.50
C LEU B 93 -35.21 0.90 44.17
N LYS B 94 -36.48 1.28 44.07
CA LYS B 94 -36.94 1.93 42.84
C LYS B 94 -36.20 3.23 42.60
N TYR B 95 -36.01 4.04 43.64
CA TYR B 95 -35.26 5.29 43.48
C TYR B 95 -33.83 5.00 43.08
N PHE B 96 -33.21 3.97 43.66
CA PHE B 96 -31.82 3.67 43.37
C PHE B 96 -31.63 3.36 41.89
N PHE B 97 -32.52 2.58 41.30
CA PHE B 97 -32.45 2.22 39.89
C PHE B 97 -33.34 3.12 39.06
N MET B 98 -33.01 4.42 39.03
CA MET B 98 -33.76 5.37 38.24
C MET B 98 -32.82 6.30 37.50
N SER B 99 -33.30 6.83 36.38
CA SER B 99 -32.49 7.70 35.55
C SER B 99 -32.31 9.06 36.21
N PRO B 100 -31.27 9.81 35.82
CA PRO B 100 -31.04 11.11 36.47
C PRO B 100 -32.21 12.06 36.38
N CYS B 101 -32.89 12.11 35.23
CA CYS B 101 -34.02 13.02 35.08
C CYS B 101 -35.16 12.63 36.01
N ASP B 102 -35.56 11.36 35.99
CA ASP B 102 -36.62 10.91 36.87
C ASP B 102 -36.21 10.97 38.33
N LYS B 103 -34.93 10.77 38.63
CA LYS B 103 -34.45 10.96 39.99
C LYS B 103 -34.66 12.40 40.43
N PHE B 104 -34.34 13.36 39.56
CA PHE B 104 -34.55 14.77 39.86
C PHE B 104 -36.02 15.06 40.09
N ARG B 105 -36.90 14.48 39.25
CA ARG B 105 -38.32 14.65 39.48
C ARG B 105 -38.74 14.09 40.84
N ALA B 106 -38.21 12.92 41.20
CA ALA B 106 -38.62 12.25 42.42
C ALA B 106 -38.22 13.05 43.66
N LYS B 107 -36.96 13.47 43.73
CA LYS B 107 -36.44 14.10 44.94
C LYS B 107 -35.91 15.50 44.73
N GLY B 108 -35.86 16.00 43.51
CA GLY B 108 -35.44 17.38 43.28
C GLY B 108 -34.02 17.68 43.70
N ARG B 109 -33.21 16.64 43.93
CA ARG B 109 -31.84 16.85 44.35
C ARG B 109 -31.00 17.42 43.19
N LYS B 110 -29.90 18.05 43.55
CA LYS B 110 -29.04 18.67 42.54
C LYS B 110 -28.25 17.61 41.79
N PRO B 111 -28.26 17.61 40.44
CA PRO B 111 -27.45 16.64 39.69
C PRO B 111 -25.99 17.08 39.59
N CYS B 112 -25.33 17.17 40.75
CA CYS B 112 -23.96 17.67 40.78
C CYS B 112 -23.02 16.78 39.99
N LYS B 113 -23.20 15.46 40.10
CA LYS B 113 -22.24 14.53 39.51
C LYS B 113 -22.21 14.64 37.99
N LEU B 114 -23.36 14.88 37.35
CA LEU B 114 -23.40 14.94 35.89
C LEU B 114 -22.63 16.12 35.35
N MET B 115 -22.91 17.32 35.87
CA MET B 115 -22.14 18.49 35.43
C MET B 115 -20.68 18.38 35.84
N LEU B 116 -20.41 17.72 36.97
CA LEU B 116 -19.02 17.47 37.35
C LEU B 116 -18.33 16.60 36.32
N GLN B 117 -19.02 15.58 35.81
CA GLN B 117 -18.42 14.73 34.78
C GLN B 117 -18.20 15.51 33.48
N VAL B 118 -19.13 16.39 33.13
CA VAL B 118 -18.94 17.21 31.93
C VAL B 118 -17.69 18.08 32.09
N VAL B 119 -17.57 18.76 33.23
CA VAL B 119 -16.40 19.60 33.48
C VAL B 119 -15.13 18.76 33.49
N LYS B 120 -15.20 17.55 34.05
CA LYS B 120 -14.04 16.69 34.09
C LYS B 120 -13.58 16.32 32.69
N ILE B 121 -14.53 15.97 31.82
CA ILE B 121 -14.17 15.65 30.45
C ILE B 121 -13.48 16.84 29.80
N LEU B 122 -14.06 18.03 29.98
CA LEU B 122 -13.48 19.22 29.36
C LEU B 122 -12.05 19.47 29.84
N VAL B 123 -11.84 19.49 31.15
CA VAL B 123 -10.53 19.86 31.68
C VAL B 123 -9.51 18.77 31.39
N VAL B 124 -9.91 17.50 31.45
CA VAL B 124 -8.97 16.41 31.16
C VAL B 124 -8.53 16.49 29.70
N THR B 125 -9.47 16.74 28.79
CA THR B 125 -9.10 16.87 27.38
C THR B 125 -8.18 18.07 27.15
N VAL B 126 -8.47 19.20 27.79
CA VAL B 126 -7.63 20.38 27.64
C VAL B 126 -6.22 20.10 28.16
N GLN B 127 -6.12 19.45 29.32
CA GLN B 127 -4.81 19.12 29.85
C GLN B 127 -4.04 18.20 28.92
N LEU B 128 -4.70 17.19 28.37
CA LEU B 128 -4.02 16.28 27.47
C LEU B 128 -3.53 17.01 26.23
N ILE B 129 -4.34 17.91 25.68
CA ILE B 129 -3.94 18.64 24.48
C ILE B 129 -2.73 19.51 24.77
N LEU B 130 -2.75 20.23 25.88
CA LEU B 130 -1.61 21.08 26.23
C LEU B 130 -0.35 20.25 26.43
N PHE B 131 -0.48 19.13 27.14
CA PHE B 131 0.67 18.27 27.38
C PHE B 131 1.25 17.74 26.07
N GLY B 132 0.37 17.31 25.15
CA GLY B 132 0.86 16.79 23.89
C GLY B 132 1.54 17.85 23.04
N LEU B 133 0.97 19.06 23.01
CA LEU B 133 1.60 20.14 22.27
C LEU B 133 2.98 20.45 22.84
N SER B 134 3.11 20.44 24.17
CA SER B 134 4.41 20.69 24.78
C SER B 134 5.40 19.57 24.46
N ASN B 135 4.95 18.32 24.47
CA ASN B 135 5.87 17.21 24.23
C ASN B 135 6.33 17.14 22.78
N GLN B 136 5.46 17.57 21.85
CA GLN B 136 5.82 17.53 20.43
C GLN B 136 7.10 18.33 20.17
N LEU B 137 7.22 19.51 20.77
CA LEU B 137 8.38 20.35 20.54
C LEU B 137 9.66 19.68 20.99
N ALA B 138 9.64 19.08 22.19
CA ALA B 138 10.83 18.41 22.69
C ALA B 138 11.20 17.22 21.82
N VAL B 139 10.20 16.45 21.40
CA VAL B 139 10.46 15.30 20.54
C VAL B 139 11.12 15.75 19.24
N THR B 140 10.58 16.81 18.65
CA THR B 140 11.13 17.33 17.40
C THR B 140 12.56 17.83 17.60
N PHE B 141 12.82 18.52 18.71
CA PHE B 141 14.17 19.01 18.97
C PHE B 141 15.16 17.86 19.05
N ARG B 142 14.80 16.82 19.80
CA ARG B 142 15.70 15.67 19.92
C ARG B 142 15.92 14.99 18.57
N GLU B 143 14.85 14.78 17.81
CA GLU B 143 14.97 14.10 16.53
C GLU B 143 15.82 14.89 15.54
N GLU B 144 15.61 16.21 15.48
CA GLU B 144 16.40 17.03 14.56
C GLU B 144 17.87 17.03 14.96
N ASN B 145 18.16 17.12 16.26
CA ASN B 145 19.55 17.07 16.69
C ASN B 145 20.18 15.73 16.31
N THR B 146 19.44 14.63 16.49
CA THR B 146 19.99 13.32 16.18
C THR B 146 20.25 13.15 14.68
N ILE B 147 19.35 13.65 13.84
CA ILE B 147 19.58 13.61 12.40
C ILE B 147 20.82 14.43 12.04
N ALA B 148 20.96 15.61 12.64
CA ALA B 148 22.15 16.41 12.41
C ALA B 148 23.41 15.65 12.82
N PHE B 149 23.35 14.94 13.95
CA PHE B 149 24.51 14.15 14.38
C PHE B 149 24.83 13.06 13.38
N ARG B 150 23.81 12.39 12.84
CA ARG B 150 24.07 11.35 11.85
C ARG B 150 24.74 11.92 10.61
N HIS B 151 24.31 13.11 10.18
CA HIS B 151 24.95 13.72 9.02
C HIS B 151 26.36 14.21 9.34
N LEU B 152 26.60 14.63 10.58
CA LEU B 152 27.91 15.16 10.95
C LEU B 152 28.94 14.06 11.15
N PHE B 153 28.57 12.93 11.76
CA PHE B 153 29.54 11.98 12.27
C PHE B 153 29.64 10.68 11.49
N LEU B 154 28.64 10.35 10.68
CA LEU B 154 28.66 9.10 9.92
C LEU B 154 29.12 9.39 8.50
N LEU B 155 30.22 8.75 8.10
CA LEU B 155 30.84 9.03 6.82
C LEU B 155 29.99 8.46 5.68
N GLY B 156 29.60 9.30 4.74
CA GLY B 156 28.79 8.86 3.62
C GLY B 156 27.37 8.53 3.97
N TYR B 157 26.84 9.09 5.05
CA TYR B 157 25.47 8.83 5.45
C TYR B 157 24.49 9.65 4.62
N SER B 158 23.33 9.05 4.34
CA SER B 158 22.25 9.76 3.67
C SER B 158 20.93 9.31 4.27
N ASP B 159 19.92 10.17 4.16
CA ASP B 159 18.64 9.90 4.78
C ASP B 159 18.00 8.66 4.15
N GLY B 160 17.37 7.85 4.98
CA GLY B 160 16.75 6.62 4.55
C GLY B 160 17.68 5.42 4.54
N ALA B 161 18.94 5.59 4.89
CA ALA B 161 19.92 4.51 4.88
C ALA B 161 20.15 3.90 6.26
N ASP B 162 19.35 4.27 7.25
CA ASP B 162 19.61 3.85 8.62
C ASP B 162 19.69 2.33 8.74
N ASP B 163 18.79 1.63 8.05
CA ASP B 163 18.66 0.18 8.23
C ASP B 163 19.68 -0.63 7.46
N THR B 164 20.38 -0.02 6.49
CA THR B 164 21.37 -0.72 5.69
C THR B 164 22.78 -0.15 5.84
N PHE B 165 22.94 0.94 6.56
CA PHE B 165 24.25 1.57 6.70
C PHE B 165 25.23 0.61 7.37
N ALA B 166 26.30 0.26 6.66
CA ALA B 166 27.23 -0.75 7.14
C ALA B 166 28.58 -0.57 6.46
N ALA B 167 29.60 -1.18 7.06
CA ALA B 167 30.93 -1.26 6.49
C ALA B 167 31.21 -2.69 6.02
N TYR B 168 32.00 -2.81 4.96
CA TYR B 168 32.30 -4.11 4.37
C TYR B 168 33.78 -4.38 4.18
N THR B 169 34.65 -3.38 4.35
CA THR B 169 36.08 -3.58 4.24
C THR B 169 36.76 -2.96 5.45
N ARG B 170 37.98 -3.42 5.73
CA ARG B 170 38.75 -2.86 6.83
C ARG B 170 39.01 -1.38 6.62
N GLU B 171 39.31 -1.00 5.37
CA GLU B 171 39.52 0.41 5.06
C GLU B 171 38.27 1.24 5.32
N GLN B 172 37.09 0.72 4.95
CA GLN B 172 35.85 1.44 5.21
C GLN B 172 35.65 1.65 6.70
N LEU B 173 35.88 0.61 7.50
CA LEU B 173 35.67 0.73 8.94
C LEU B 173 36.62 1.74 9.57
N TYR B 174 37.90 1.67 9.19
CA TYR B 174 38.86 2.63 9.70
C TYR B 174 38.47 4.06 9.32
N GLN B 175 38.07 4.26 8.06
CA GLN B 175 37.70 5.59 7.61
C GLN B 175 36.50 6.12 8.37
N ALA B 176 35.49 5.26 8.60
CA ALA B 176 34.32 5.70 9.35
C ALA B 176 34.69 6.11 10.76
N ILE B 177 35.50 5.30 11.44
CA ILE B 177 35.88 5.61 12.82
C ILE B 177 36.65 6.92 12.88
N PHE B 178 37.66 7.07 12.03
CA PHE B 178 38.48 8.27 12.08
C PHE B 178 37.68 9.50 11.66
N HIS B 179 36.74 9.35 10.72
CA HIS B 179 35.91 10.48 10.34
C HIS B 179 35.05 10.93 11.51
N ALA B 180 34.46 9.98 12.25
CA ALA B 180 33.67 10.37 13.41
C ALA B 180 34.50 11.14 14.42
N VAL B 181 35.71 10.65 14.72
CA VAL B 181 36.53 11.33 15.71
C VAL B 181 36.96 12.72 15.22
N ASP B 182 37.35 12.82 13.94
CA ASP B 182 37.77 14.11 13.41
C ASP B 182 36.64 15.11 13.40
N GLN B 183 35.42 14.66 13.08
CA GLN B 183 34.28 15.57 13.11
C GLN B 183 33.96 16.00 14.54
N TYR B 184 34.12 15.09 15.50
CA TYR B 184 33.95 15.49 16.89
C TYR B 184 34.95 16.60 17.25
N LEU B 185 36.19 16.47 16.79
CA LEU B 185 37.19 17.48 17.12
C LEU B 185 36.98 18.78 16.36
N ALA B 186 36.38 18.73 15.18
CA ALA B 186 36.14 19.93 14.38
C ALA B 186 34.78 20.57 14.62
N LEU B 187 33.94 19.97 15.46
CA LEU B 187 32.57 20.45 15.61
C LEU B 187 32.41 21.95 15.82
N PRO B 188 33.21 22.61 16.66
CA PRO B 188 32.96 24.04 16.90
C PRO B 188 33.01 24.90 15.65
N ASP B 189 33.85 24.56 14.67
CA ASP B 189 34.03 25.37 13.49
C ASP B 189 33.17 24.96 12.31
N VAL B 190 32.45 23.84 12.40
CA VAL B 190 31.74 23.29 11.25
CA VAL B 190 31.74 23.26 11.27
C VAL B 190 30.24 23.20 11.51
N SER B 191 29.83 22.84 12.71
CA SER B 191 28.42 22.60 12.98
C SER B 191 27.58 23.88 12.87
N LEU B 192 26.34 23.72 12.42
CA LEU B 192 25.38 24.82 12.44
C LEU B 192 24.76 25.00 13.81
N GLY B 193 24.77 23.98 14.66
CA GLY B 193 24.35 24.13 16.04
C GLY B 193 25.47 24.63 16.93
N ARG B 194 25.12 25.00 18.15
CA ARG B 194 26.08 25.43 19.16
C ARG B 194 26.13 24.37 20.24
N TYR B 195 27.28 23.72 20.38
CA TYR B 195 27.45 22.61 21.31
C TYR B 195 28.65 22.87 22.21
N ALA B 196 28.54 22.40 23.44
CA ALA B 196 29.63 22.44 24.39
C ALA B 196 30.10 21.02 24.69
N TYR B 197 31.38 20.88 24.94
CA TYR B 197 31.96 19.59 25.28
C TYR B 197 31.75 19.28 26.76
N VAL B 198 31.63 17.99 27.05
CA VAL B 198 31.53 17.48 28.42
C VAL B 198 32.72 16.56 28.66
N ARG B 199 33.40 16.78 29.79
CA ARG B 199 34.58 16.01 30.14
C ARG B 199 34.32 15.18 31.40
N GLY B 200 34.95 14.01 31.46
CA GLY B 200 34.92 13.17 32.63
C GLY B 200 33.52 12.70 32.97
N GLY B 201 33.28 12.50 34.26
CA GLY B 201 31.97 12.13 34.74
C GLY B 201 31.69 10.65 34.67
N GLY B 202 32.64 9.84 35.13
CA GLY B 202 32.44 8.41 35.16
C GLY B 202 32.80 7.74 33.85
N ASP B 203 32.53 6.44 33.81
CA ASP B 203 32.87 5.64 32.64
C ASP B 203 31.91 5.93 31.49
N PRO B 204 32.35 5.69 30.25
CA PRO B 204 33.65 5.13 29.85
C PRO B 204 34.75 6.18 29.81
N TRP B 205 34.47 7.40 30.23
CA TRP B 205 35.41 8.50 30.12
C TRP B 205 36.31 8.55 31.35
N THR B 206 37.58 8.84 31.13
CA THR B 206 38.46 9.23 32.22
C THR B 206 38.29 10.72 32.48
N ASN B 207 38.93 11.19 33.54
CA ASN B 207 38.86 12.61 33.87
C ASN B 207 39.54 13.42 32.78
N GLY B 208 38.88 14.48 32.33
CA GLY B 208 39.41 15.33 31.28
C GLY B 208 39.20 14.81 29.88
N SER B 209 38.55 13.67 29.71
CA SER B 209 38.35 13.05 28.42
C SER B 209 36.93 13.31 27.94
N GLY B 210 36.79 13.75 26.69
CA GLY B 210 35.49 14.02 26.12
C GLY B 210 34.95 12.87 25.30
N LEU B 211 35.81 12.20 24.56
CA LEU B 211 35.40 11.12 23.67
C LEU B 211 36.09 9.82 24.07
N ALA B 212 35.33 8.74 24.12
CA ALA B 212 35.85 7.41 24.41
C ALA B 212 35.67 6.53 23.17
N LEU B 213 36.78 5.99 22.67
CA LEU B 213 36.79 5.12 21.49
C LEU B 213 37.21 3.73 21.96
N CYS B 214 36.26 2.84 22.13
CA CYS B 214 36.49 1.58 22.80
C CYS B 214 36.24 0.42 21.84
N GLN B 215 37.17 -0.53 21.79
CA GLN B 215 37.02 -1.75 21.00
C GLN B 215 36.94 -2.94 21.94
N ARG B 216 35.98 -3.83 21.68
CA ARG B 216 35.72 -5.00 22.50
C ARG B 216 35.93 -6.26 21.66
N TYR B 217 36.76 -7.17 22.18
CA TYR B 217 37.13 -8.39 21.46
C TYR B 217 37.31 -9.52 22.47
N TYR B 218 37.25 -10.76 21.96
CA TYR B 218 37.38 -11.92 22.83
C TYR B 218 38.74 -11.97 23.49
N HIS B 219 38.77 -12.48 24.73
CA HIS B 219 40.03 -12.56 25.47
C HIS B 219 41.06 -13.41 24.72
N ARG B 220 40.65 -14.59 24.27
CA ARG B 220 41.49 -15.45 23.45
C ARG B 220 40.68 -15.85 22.23
N GLY B 221 41.19 -15.52 21.05
CA GLY B 221 40.55 -15.96 19.82
C GLY B 221 41.53 -16.47 18.80
N HIS B 222 41.44 -17.75 18.48
CA HIS B 222 42.17 -18.35 17.37
C HIS B 222 41.15 -19.00 16.46
N VAL B 223 41.03 -18.49 15.24
CA VAL B 223 40.07 -18.98 14.26
C VAL B 223 40.85 -19.41 13.03
N ASP B 224 40.77 -20.68 12.68
CA ASP B 224 41.47 -21.25 11.54
C ASP B 224 40.43 -21.99 10.71
N PRO B 225 39.64 -21.28 9.91
CA PRO B 225 38.69 -21.98 9.03
C PRO B 225 39.37 -22.88 8.01
N ALA B 226 40.64 -22.64 7.71
CA ALA B 226 41.37 -23.52 6.80
C ALA B 226 41.45 -24.94 7.36
N ASN B 227 41.70 -25.06 8.66
CA ASN B 227 41.81 -26.35 9.33
C ASN B 227 40.54 -26.71 10.10
N ASP B 228 39.46 -25.94 9.93
CA ASP B 228 38.22 -26.18 10.67
C ASP B 228 38.49 -26.25 12.17
N THR B 229 39.25 -25.26 12.66
CA THR B 229 39.73 -25.26 14.03
C THR B 229 39.45 -23.91 14.68
N PHE B 230 39.18 -23.94 15.98
CA PHE B 230 39.08 -22.69 16.71
C PHE B 230 39.29 -22.94 18.19
N ASP B 231 39.92 -21.96 18.84
CA ASP B 231 40.14 -21.95 20.27
C ASP B 231 39.70 -20.59 20.79
N ILE B 232 38.58 -20.56 21.51
CA ILE B 232 37.92 -19.32 21.89
C ILE B 232 37.71 -19.29 23.40
N ASP B 233 38.10 -18.19 24.02
CA ASP B 233 37.68 -17.83 25.38
C ASP B 233 36.64 -16.72 25.26
N PRO B 234 35.35 -17.01 25.46
CA PRO B 234 34.32 -15.99 25.18
C PRO B 234 34.36 -14.77 26.09
N MET B 235 35.27 -14.70 27.07
CA MET B 235 35.35 -13.52 27.90
C MET B 235 35.73 -12.31 27.05
N VAL B 236 35.01 -11.20 27.24
CA VAL B 236 35.18 -10.01 26.41
C VAL B 236 36.13 -9.04 27.10
N VAL B 237 37.12 -8.56 26.35
CA VAL B 237 38.07 -7.57 26.80
C VAL B 237 37.77 -6.25 26.12
N THR B 238 37.81 -5.17 26.89
CA THR B 238 37.57 -3.82 26.41
C THR B 238 38.88 -3.03 26.46
N ASP B 239 39.27 -2.46 25.34
CA ASP B 239 40.43 -1.58 25.25
C ASP B 239 39.97 -0.26 24.66
N CYS B 240 40.17 0.84 25.39
CA CYS B 240 39.47 2.05 25.01
C CYS B 240 40.40 3.26 25.10
N ILE B 241 40.45 4.03 24.03
CA ILE B 241 41.28 5.22 23.91
C ILE B 241 40.46 6.44 24.31
N GLN B 242 41.12 7.42 24.90
CA GLN B 242 40.46 8.63 25.40
C GLN B 242 40.96 9.84 24.62
N VAL B 243 40.03 10.64 24.12
CA VAL B 243 40.34 11.84 23.37
C VAL B 243 39.81 13.04 24.13
N ASP B 244 40.68 13.99 24.42
CA ASP B 244 40.29 15.26 25.01
C ASP B 244 39.92 16.25 23.92
N PRO B 245 38.79 16.94 24.03
CA PRO B 245 38.46 17.96 23.03
C PRO B 245 39.46 19.10 23.09
N PRO B 246 39.57 19.87 22.01
CA PRO B 246 40.53 20.98 21.99
C PRO B 246 39.99 22.18 22.76
N GLU B 247 40.77 23.25 22.76
CA GLU B 247 40.34 24.49 23.42
C GLU B 247 40.85 25.71 22.67
N SER B 264 47.36 12.78 17.89
CA SER B 264 46.40 11.84 17.33
C SER B 264 46.71 10.42 17.78
N SER B 265 46.57 10.15 19.08
CA SER B 265 46.78 8.80 19.58
C SER B 265 45.68 7.86 19.09
N TYR B 266 44.49 8.39 18.80
CA TYR B 266 43.43 7.56 18.26
C TYR B 266 43.74 7.11 16.84
N LYS B 267 44.56 7.88 16.12
CA LYS B 267 44.94 7.50 14.77
C LYS B 267 45.83 6.26 14.74
N ASN B 268 46.35 5.83 15.88
CA ASN B 268 47.15 4.61 15.99
C ASN B 268 46.31 3.40 16.35
N LEU B 269 44.99 3.52 16.33
CA LEU B 269 44.12 2.40 16.65
C LEU B 269 44.38 1.23 15.71
N THR B 270 44.49 0.03 16.29
CA THR B 270 44.64 -1.20 15.53
C THR B 270 43.54 -2.15 15.96
N LEU B 271 42.72 -2.57 15.01
CA LEU B 271 41.57 -3.40 15.31
C LEU B 271 41.93 -4.88 15.22
N LYS B 272 41.45 -5.65 16.19
CA LYS B 272 41.63 -7.10 16.21
C LYS B 272 40.46 -7.72 15.45
N PHE B 273 40.57 -7.70 14.13
CA PHE B 273 39.42 -7.98 13.28
C PHE B 273 38.88 -9.39 13.50
N HIS B 274 39.75 -10.38 13.66
CA HIS B 274 39.29 -11.76 13.74
C HIS B 274 38.54 -12.04 15.04
N LYS B 275 38.87 -11.34 16.12
CA LYS B 275 38.23 -11.55 17.41
C LYS B 275 37.41 -10.34 17.85
N LEU B 276 37.10 -9.43 16.94
CA LEU B 276 36.43 -8.19 17.31
C LEU B 276 34.95 -8.44 17.59
N VAL B 277 34.49 -7.96 18.74
CA VAL B 277 33.08 -8.02 19.07
C VAL B 277 32.36 -6.75 18.62
N ASN B 278 32.86 -5.59 19.00
CA ASN B 278 32.32 -4.35 18.46
C ASN B 278 33.26 -3.19 18.73
N VAL B 279 32.92 -2.05 18.14
CA VAL B 279 33.59 -0.78 18.41
C VAL B 279 32.52 0.23 18.78
N THR B 280 32.81 1.07 19.76
CA THR B 280 31.88 2.10 20.19
C THR B 280 32.61 3.42 20.35
N ILE B 281 31.90 4.50 20.04
CA ILE B 281 32.35 5.86 20.29
C ILE B 281 31.32 6.52 21.17
N HIS B 282 31.75 7.02 22.32
CA HIS B 282 30.88 7.67 23.29
C HIS B 282 31.32 9.11 23.47
N PHE B 283 30.38 10.04 23.40
CA PHE B 283 30.68 11.39 23.83
C PHE B 283 29.38 12.10 24.21
N ARG B 284 29.52 13.29 24.77
CA ARG B 284 28.39 14.07 25.23
C ARG B 284 28.51 15.50 24.71
N LEU B 285 27.37 16.08 24.35
CA LEU B 285 27.30 17.45 23.86
C LEU B 285 26.22 18.21 24.60
N LYS B 286 26.54 19.40 25.08
CA LYS B 286 25.57 20.26 25.75
C LYS B 286 25.08 21.34 24.81
N THR B 287 23.76 21.53 24.77
CA THR B 287 23.15 22.55 23.93
C THR B 287 22.01 23.20 24.70
N ILE B 288 21.53 24.32 24.19
CA ILE B 288 20.40 25.04 24.77
C ILE B 288 19.28 25.06 23.76
N ASN B 289 18.08 24.70 24.20
CA ASN B 289 16.91 24.60 23.32
C ASN B 289 16.28 25.97 23.19
N LEU B 290 16.76 26.75 22.22
CA LEU B 290 16.26 28.11 22.03
C LEU B 290 14.84 28.13 21.47
N GLN B 291 14.49 27.16 20.63
CA GLN B 291 13.17 27.18 20.01
C GLN B 291 12.05 27.05 21.03
N SER B 292 12.37 26.78 22.30
CA SER B 292 11.37 26.87 23.35
C SER B 292 10.67 28.21 23.35
N LEU B 293 11.40 29.28 23.00
CA LEU B 293 10.81 30.61 22.95
C LEU B 293 9.61 30.67 22.01
N ILE B 294 9.56 29.78 21.01
CA ILE B 294 8.41 29.78 20.10
C ILE B 294 7.13 29.52 20.88
N ASN B 295 7.17 28.60 21.84
CA ASN B 295 6.02 28.29 22.66
C ASN B 295 5.88 29.23 23.86
N ASN B 296 6.78 30.20 24.00
CA ASN B 296 6.80 31.20 25.06
C ASN B 296 7.39 30.65 26.35
N GLU B 297 7.86 29.42 26.38
CA GLU B 297 8.45 28.85 27.59
C GLU B 297 9.85 29.42 27.76
N ILE B 298 10.59 28.89 28.72
CA ILE B 298 11.98 29.27 28.97
C ILE B 298 12.89 28.17 28.42
N PRO B 299 13.94 28.49 27.68
CA PRO B 299 14.82 27.45 27.17
C PRO B 299 15.39 26.60 28.29
N ASP B 300 15.52 25.30 28.01
CA ASP B 300 16.12 24.35 28.92
C ASP B 300 17.42 23.82 28.32
N CYS B 301 18.23 23.21 29.18
CA CYS B 301 19.58 22.80 28.81
C CYS B 301 19.59 21.29 28.55
N TYR B 302 19.98 20.91 27.34
CA TYR B 302 20.03 19.51 26.94
C TYR B 302 21.47 19.00 26.98
N THR B 303 21.64 17.79 27.49
CA THR B 303 22.88 17.03 27.32
C THR B 303 22.55 15.81 26.48
N PHE B 304 23.12 15.74 25.29
CA PHE B 304 22.97 14.60 24.40
C PHE B 304 24.14 13.66 24.63
N SER B 305 23.83 12.43 25.05
CA SER B 305 24.80 11.34 25.10
C SER B 305 24.74 10.61 23.77
N VAL B 306 25.82 10.68 23.00
CA VAL B 306 25.88 10.12 21.66
C VAL B 306 26.71 8.84 21.71
N LEU B 307 26.13 7.77 21.18
CA LEU B 307 26.78 6.47 21.06
C LEU B 307 26.78 6.05 19.59
N ILE B 308 27.97 5.82 19.05
CA ILE B 308 28.12 5.30 17.69
C ILE B 308 28.63 3.88 17.80
N THR B 309 27.90 2.94 17.22
CA THR B 309 28.23 1.52 17.33
C THR B 309 28.57 0.96 15.96
N PHE B 310 29.70 0.25 15.90
CA PHE B 310 30.09 -0.59 14.78
C PHE B 310 30.01 -2.03 15.28
N ASP B 311 28.97 -2.75 14.86
CA ASP B 311 28.58 -4.00 15.47
C ASP B 311 29.10 -5.18 14.65
N ASN B 312 29.93 -6.02 15.28
CA ASN B 312 30.48 -7.21 14.63
C ASN B 312 30.03 -8.50 15.31
N LYS B 313 28.93 -8.46 16.06
CA LYS B 313 28.54 -9.63 16.83
C LYS B 313 28.10 -10.79 15.95
N ALA B 314 27.66 -10.53 14.73
CA ALA B 314 27.32 -11.61 13.81
C ALA B 314 28.55 -12.26 13.18
N HIS B 315 29.66 -11.54 13.09
CA HIS B 315 30.89 -12.06 12.47
C HIS B 315 30.62 -12.53 11.05
N SER B 316 29.76 -11.81 10.33
CA SER B 316 29.31 -12.20 9.01
C SER B 316 30.06 -11.51 7.87
N GLY B 317 31.06 -10.70 8.17
CA GLY B 317 31.72 -9.90 7.17
C GLY B 317 31.04 -8.58 6.88
N ARG B 318 29.91 -8.29 7.53
CA ARG B 318 29.19 -7.04 7.36
C ARG B 318 28.99 -6.43 8.73
N ILE B 319 29.52 -5.23 8.93
CA ILE B 319 29.46 -4.57 10.24
C ILE B 319 28.51 -3.39 10.17
N PRO B 320 27.30 -3.50 10.71
CA PRO B 320 26.38 -2.35 10.69
C PRO B 320 26.88 -1.23 11.60
N ILE B 321 26.53 -0.01 11.20
CA ILE B 321 26.94 1.21 11.88
C ILE B 321 25.68 1.96 12.26
N SER B 322 25.57 2.36 13.53
CA SER B 322 24.41 3.10 13.98
C SER B 322 24.84 4.21 14.92
N LEU B 323 23.99 5.24 15.02
CA LEU B 323 24.16 6.34 15.95
C LEU B 323 22.88 6.48 16.77
N GLU B 324 23.00 6.43 18.09
CA GLU B 324 21.90 6.68 19.01
C GLU B 324 22.24 7.84 19.93
N THR B 325 21.20 8.53 20.40
CA THR B 325 21.34 9.60 21.36
C THR B 325 20.39 9.39 22.53
N GLN B 326 20.81 9.88 23.68
CA GLN B 326 19.97 9.96 24.88
C GLN B 326 20.02 11.38 25.41
N ALA B 327 18.86 11.99 25.62
CA ALA B 327 18.77 13.39 26.00
C ALA B 327 18.46 13.49 27.50
N HIS B 328 19.31 14.20 28.23
CA HIS B 328 19.08 14.54 29.62
C HIS B 328 18.78 16.03 29.69
N ILE B 329 17.57 16.37 30.11
CA ILE B 329 17.09 17.74 30.10
C ILE B 329 17.16 18.30 31.50
N GLN B 330 17.66 19.53 31.62
CA GLN B 330 17.78 20.23 32.89
C GLN B 330 17.26 21.65 32.74
N GLU B 331 17.02 22.29 33.87
CA GLU B 331 16.76 23.72 33.89
C GLU B 331 18.09 24.46 33.81
N CYS B 332 18.21 25.36 32.85
CA CYS B 332 19.44 26.13 32.72
C CYS B 332 19.65 26.98 33.95
N LYS B 333 20.90 27.08 34.39
CA LYS B 333 21.23 27.70 35.67
C LYS B 333 21.40 29.21 35.59
N HIS B 334 21.27 29.81 34.41
CA HIS B 334 21.38 31.26 34.31
C HIS B 334 20.47 31.78 33.19
N PRO B 335 19.17 31.49 33.24
CA PRO B 335 18.28 31.99 32.20
C PRO B 335 18.14 33.51 32.26
N SER B 336 17.94 34.10 31.08
CA SER B 336 17.70 35.53 31.00
C SER B 336 16.98 35.80 29.66
N VAL B 337 15.68 36.00 29.73
CA VAL B 337 14.86 36.31 28.56
C VAL B 337 14.24 37.68 28.77
N PHE B 338 14.45 38.58 27.80
CA PHE B 338 13.93 39.93 27.89
C PHE B 338 12.42 39.92 27.98
N GLN B 339 11.88 40.36 29.11
CA GLN B 339 10.43 40.41 29.30
C GLN B 339 9.79 39.05 29.07
N SER B 344 2.61 31.13 35.57
CA SER B 344 2.38 29.97 36.43
C SER B 344 0.98 29.40 36.25
N PHE B 345 0.33 29.79 35.15
CA PHE B 345 -1.03 29.35 34.86
C PHE B 345 -1.06 27.98 34.20
N ARG B 346 0.00 27.20 34.34
CA ARG B 346 0.04 25.81 33.90
C ARG B 346 -0.03 24.84 35.07
N LEU B 347 0.56 25.18 36.21
CA LEU B 347 0.42 24.38 37.41
C LEU B 347 -0.94 24.58 38.07
N LEU B 348 -1.49 25.79 37.97
CA LEU B 348 -2.82 26.03 38.50
C LEU B 348 -3.85 25.15 37.81
N PHE B 349 -3.73 25.02 36.49
CA PHE B 349 -4.64 24.14 35.75
C PHE B 349 -4.48 22.69 36.20
N ASP B 350 -3.24 22.26 36.46
CA ASP B 350 -3.03 20.90 36.95
C ASP B 350 -3.70 20.70 38.30
N VAL B 351 -3.61 21.70 39.18
CA VAL B 351 -4.27 21.60 40.49
C VAL B 351 -5.78 21.54 40.32
N VAL B 352 -6.32 22.35 39.41
CA VAL B 352 -7.74 22.32 39.14
C VAL B 352 -8.16 20.94 38.66
N VAL B 353 -7.37 20.33 37.78
CA VAL B 353 -7.67 18.99 37.30
C VAL B 353 -7.67 17.99 38.46
N ILE B 354 -6.66 18.08 39.33
CA ILE B 354 -6.56 17.15 40.44
C ILE B 354 -7.77 17.30 41.36
N LEU B 355 -8.18 18.53 41.63
CA LEU B 355 -9.33 18.75 42.51
C LEU B 355 -10.62 18.22 41.87
N THR B 356 -10.81 18.47 40.58
CA THR B 356 -12.00 17.96 39.91
C THR B 356 -12.06 16.43 39.96
N CYS B 357 -10.92 15.78 39.69
CA CYS B 357 -10.90 14.33 39.73
C CYS B 357 -11.07 13.79 41.15
N SER B 358 -10.56 14.52 42.14
CA SER B 358 -10.75 14.10 43.53
C SER B 358 -12.23 14.16 43.91
N LEU B 359 -12.90 15.25 43.55
CA LEU B 359 -14.33 15.37 43.85
C LEU B 359 -15.13 14.29 43.13
N SER B 360 -14.81 14.04 41.86
CA SER B 360 -15.48 12.97 41.13
C SER B 360 -15.26 11.63 41.81
N PHE B 361 -14.03 11.34 42.23
CA PHE B 361 -13.74 10.09 42.91
C PHE B 361 -14.57 9.96 44.18
N LEU B 362 -14.67 11.04 44.96
CA LEU B 362 -15.40 10.97 46.22
C LEU B 362 -16.88 10.70 45.98
N LEU B 363 -17.49 11.43 45.04
CA LEU B 363 -18.92 11.22 44.78
C LEU B 363 -19.18 9.83 44.24
N CYS B 364 -18.34 9.34 43.31
CA CYS B 364 -18.55 8.01 42.78
C CYS B 364 -18.35 6.94 43.85
N ALA B 365 -17.36 7.11 44.72
CA ALA B 365 -17.16 6.16 45.80
C ALA B 365 -18.34 6.15 46.75
N ARG B 366 -18.90 7.33 47.06
CA ARG B 366 -20.08 7.38 47.90
C ARG B 366 -21.24 6.63 47.25
N SER B 367 -21.46 6.84 45.95
CA SER B 367 -22.53 6.12 45.27
C SER B 367 -22.31 4.62 45.29
N LEU B 368 -21.08 4.17 45.06
CA LEU B 368 -20.79 2.75 45.08
C LEU B 368 -21.02 2.16 46.47
N LEU B 369 -20.62 2.89 47.52
CA LEU B 369 -20.86 2.41 48.88
C LEU B 369 -22.34 2.30 49.17
N ARG B 370 -23.13 3.29 48.73
CA ARG B 370 -24.57 3.23 48.94
C ARG B 370 -25.16 2.03 48.20
N GLY B 371 -24.69 1.78 46.98
CA GLY B 371 -25.18 0.61 46.25
C GLY B 371 -24.87 -0.68 46.96
N PHE B 372 -23.65 -0.80 47.50
CA PHE B 372 -23.30 -2.01 48.24
C PHE B 372 -24.17 -2.18 49.48
N LEU B 373 -24.42 -1.10 50.21
CA LEU B 373 -25.28 -1.18 51.39
C LEU B 373 -26.69 -1.62 50.99
N LEU B 374 -27.22 -1.06 49.91
CA LEU B 374 -28.55 -1.46 49.46
C LEU B 374 -28.56 -2.93 49.06
N GLN B 375 -27.50 -3.41 48.42
CA GLN B 375 -27.43 -4.82 48.05
C GLN B 375 -27.44 -5.70 49.29
N ASN B 376 -26.68 -5.32 50.32
CA ASN B 376 -26.70 -6.08 51.57
C ASN B 376 -28.10 -6.11 52.17
N GLU B 377 -28.78 -4.96 52.19
CA GLU B 377 -30.15 -4.92 52.70
C GLU B 377 -31.05 -5.85 51.88
N PHE B 378 -30.91 -5.83 50.56
CA PHE B 378 -31.78 -6.66 49.72
C PHE B 378 -31.56 -8.14 49.98
N VAL B 379 -30.30 -8.57 50.08
CA VAL B 379 -30.06 -9.99 50.35
C VAL B 379 -30.61 -10.36 51.72
N GLY B 380 -30.40 -9.51 52.72
CA GLY B 380 -30.96 -9.79 54.03
C GLY B 380 -32.46 -9.95 54.00
N PHE B 381 -33.15 -9.04 53.31
CA PHE B 381 -34.60 -9.09 53.23
C PHE B 381 -35.08 -10.27 52.38
N MET B 382 -34.27 -10.70 51.42
CA MET B 382 -34.60 -11.87 50.61
C MET B 382 -34.32 -13.17 51.33
N TRP B 383 -33.61 -13.12 52.46
CA TRP B 383 -33.52 -14.27 53.35
C TRP B 383 -34.68 -14.32 54.34
N ARG B 384 -35.81 -13.68 54.01
CA ARG B 384 -36.98 -13.70 54.87
C ARG B 384 -38.24 -13.99 54.04
N LEU B 392 -24.22 -14.85 42.33
CA LEU B 392 -23.85 -13.47 42.62
C LEU B 392 -24.26 -12.55 41.48
N TRP B 393 -24.67 -13.14 40.36
CA TRP B 393 -25.03 -12.35 39.20
C TRP B 393 -26.18 -11.38 39.48
N GLU B 394 -27.00 -11.67 40.49
CA GLU B 394 -28.09 -10.78 40.85
C GLU B 394 -27.65 -9.66 41.79
N ARG B 395 -26.76 -9.97 42.74
CA ARG B 395 -26.32 -8.94 43.68
C ARG B 395 -25.34 -7.97 43.03
N LEU B 396 -24.60 -8.41 42.01
CA LEU B 396 -23.74 -7.49 41.28
C LEU B 396 -24.54 -6.59 40.35
N GLU B 397 -25.84 -6.83 40.18
CA GLU B 397 -26.68 -5.90 39.45
C GLU B 397 -26.81 -4.57 40.20
N PHE B 398 -26.41 -4.53 41.47
CA PHE B 398 -26.42 -3.31 42.25
C PHE B 398 -25.19 -2.45 42.03
N VAL B 399 -24.24 -2.90 41.21
CA VAL B 399 -22.99 -2.19 40.96
C VAL B 399 -23.15 -1.40 39.66
N ASN B 400 -22.88 -0.09 39.74
CA ASN B 400 -22.90 0.77 38.56
C ASN B 400 -21.54 0.72 37.89
N GLY B 401 -21.45 0.01 36.76
CA GLY B 401 -20.19 -0.14 36.08
C GLY B 401 -19.61 1.18 35.59
N TRP B 402 -20.48 2.10 35.18
CA TRP B 402 -20.00 3.42 34.76
C TRP B 402 -19.24 4.10 35.89
N TYR B 403 -19.65 3.89 37.14
CA TYR B 403 -18.96 4.51 38.26
C TYR B 403 -17.62 3.82 38.54
N ILE B 404 -17.54 2.51 38.33
CA ILE B 404 -16.24 1.83 38.39
C ILE B 404 -15.29 2.46 37.37
N LEU B 405 -15.79 2.65 36.15
CA LEU B 405 -14.97 3.26 35.11
C LEU B 405 -14.54 4.67 35.49
N LEU B 406 -15.47 5.45 36.04
CA LEU B 406 -15.15 6.83 36.41
C LEU B 406 -14.10 6.87 37.52
N VAL B 407 -14.21 5.98 38.51
CA VAL B 407 -13.22 5.94 39.58
C VAL B 407 -11.85 5.56 39.03
N THR B 408 -11.80 4.57 38.14
CA THR B 408 -10.53 4.21 37.52
C THR B 408 -9.94 5.39 36.78
N SER B 409 -10.77 6.10 36.01
CA SER B 409 -10.26 7.24 35.24
C SER B 409 -9.78 8.35 36.16
N ASP B 410 -10.47 8.57 37.28
CA ASP B 410 -10.03 9.57 38.24
C ASP B 410 -8.67 9.23 38.82
N VAL B 411 -8.48 7.97 39.20
CA VAL B 411 -7.18 7.56 39.75
C VAL B 411 -6.08 7.75 38.72
N LEU B 412 -6.34 7.30 37.48
CA LEU B 412 -5.34 7.43 36.43
C LEU B 412 -5.01 8.90 36.16
N THR B 413 -6.04 9.75 36.11
CA THR B 413 -5.80 11.16 35.84
C THR B 413 -4.99 11.81 36.96
N ILE B 414 -5.32 11.51 38.21
CA ILE B 414 -4.60 12.14 39.32
C ILE B 414 -3.14 11.70 39.32
N SER B 415 -2.89 10.41 39.16
CA SER B 415 -1.51 9.93 39.15
C SER B 415 -0.73 10.50 37.97
N GLY B 416 -1.34 10.53 36.79
CA GLY B 416 -0.68 11.10 35.64
C GLY B 416 -0.42 12.59 35.78
N THR B 417 -1.31 13.31 36.45
CA THR B 417 -1.11 14.74 36.64
C THR B 417 0.00 15.00 37.64
N ILE B 418 0.11 14.17 38.68
CA ILE B 418 1.24 14.29 39.60
C ILE B 418 2.54 14.06 38.84
N MET B 419 2.59 13.01 38.03
CA MET B 419 3.79 12.75 37.25
C MET B 419 4.08 13.88 36.26
N LYS B 420 3.04 14.48 35.69
CA LYS B 420 3.23 15.59 34.76
C LYS B 420 3.81 16.81 35.48
N ILE B 421 3.31 17.11 36.68
CA ILE B 421 3.88 18.20 37.46
C ILE B 421 5.35 17.93 37.74
N GLY B 422 5.68 16.70 38.11
CA GLY B 422 7.09 16.37 38.32
C GLY B 422 7.92 16.57 37.07
N ILE B 423 7.42 16.09 35.92
CA ILE B 423 8.18 16.14 34.68
C ILE B 423 8.42 17.58 34.26
N GLU B 424 7.37 18.41 34.32
CA GLU B 424 7.50 19.78 33.84
C GLU B 424 8.39 20.63 34.73
N ALA B 425 8.59 20.23 35.98
CA ALA B 425 9.59 20.87 36.84
C ALA B 425 10.98 20.30 36.63
N LYS B 426 11.13 19.29 35.77
CA LYS B 426 12.38 18.63 35.42
C LYS B 426 12.88 17.69 36.51
N ASN B 427 12.06 17.39 37.51
CA ASN B 427 12.44 16.41 38.53
C ASN B 427 12.20 14.98 38.09
N LEU B 428 11.48 14.77 36.99
CA LEU B 428 11.18 13.43 36.49
C LEU B 428 11.41 13.39 35.00
N ALA B 429 11.68 12.19 34.48
CA ALA B 429 11.91 11.98 33.07
C ALA B 429 11.16 10.76 32.54
N SER B 430 10.08 10.36 33.22
CA SER B 430 9.29 9.20 32.82
C SER B 430 8.11 9.65 31.96
N TYR B 431 8.44 10.11 30.75
CA TYR B 431 7.42 10.65 29.86
C TYR B 431 6.47 9.56 29.38
N ASP B 432 6.99 8.35 29.15
CA ASP B 432 6.16 7.28 28.61
C ASP B 432 5.04 6.90 29.57
N VAL B 433 5.36 6.69 30.84
CA VAL B 433 4.34 6.27 31.80
C VAL B 433 3.31 7.36 32.00
N CYS B 434 3.75 8.62 32.12
CA CYS B 434 2.82 9.72 32.27
C CYS B 434 1.89 9.82 31.06
N SER B 435 2.44 9.69 29.86
CA SER B 435 1.62 9.77 28.65
C SER B 435 0.61 8.63 28.62
N ILE B 436 1.04 7.42 28.99
CA ILE B 436 0.11 6.29 28.98
C ILE B 436 -1.01 6.52 29.98
N LEU B 437 -0.68 6.99 31.18
CA LEU B 437 -1.70 7.21 32.19
C LEU B 437 -2.71 8.27 31.72
N LEU B 438 -2.22 9.41 31.24
CA LEU B 438 -3.12 10.48 30.84
C LEU B 438 -3.94 10.08 29.62
N GLY B 439 -3.32 9.40 28.64
CA GLY B 439 -4.06 8.98 27.46
C GLY B 439 -5.13 7.96 27.78
N THR B 440 -4.81 6.98 28.62
CA THR B 440 -5.82 6.00 29.02
C THR B 440 -6.96 6.67 29.77
N SER B 441 -6.66 7.61 30.66
CA SER B 441 -7.73 8.29 31.38
C SER B 441 -8.61 9.10 30.44
N THR B 442 -8.01 9.79 29.48
CA THR B 442 -8.82 10.56 28.52
C THR B 442 -9.68 9.63 27.68
N LEU B 443 -9.13 8.49 27.27
CA LEU B 443 -9.92 7.51 26.53
CA LEU B 443 -9.93 7.51 26.54
C LEU B 443 -11.11 7.04 27.35
N LEU B 444 -10.90 6.76 28.65
CA LEU B 444 -11.98 6.29 29.50
C LEU B 444 -13.04 7.36 29.71
N VAL B 445 -12.64 8.62 29.92
CA VAL B 445 -13.64 9.64 30.15
C VAL B 445 -14.45 9.88 28.90
N TRP B 446 -13.84 9.75 27.71
CA TRP B 446 -14.63 9.91 26.50
C TRP B 446 -15.54 8.71 26.25
N VAL B 447 -15.09 7.51 26.60
CA VAL B 447 -15.95 6.34 26.49
C VAL B 447 -17.13 6.45 27.45
N GLY B 448 -16.94 7.14 28.57
CA GLY B 448 -18.01 7.32 29.54
C GLY B 448 -19.17 8.16 29.04
N VAL B 449 -19.02 8.86 27.92
CA VAL B 449 -20.12 9.64 27.37
C VAL B 449 -21.25 8.75 26.87
N ILE B 450 -20.97 7.46 26.62
CA ILE B 450 -22.01 6.55 26.18
C ILE B 450 -23.12 6.42 27.22
N ARG B 451 -22.79 6.61 28.50
CA ARG B 451 -23.80 6.51 29.55
C ARG B 451 -24.92 7.51 29.33
N TYR B 452 -24.58 8.74 28.93
CA TYR B 452 -25.60 9.75 28.70
C TYR B 452 -26.46 9.41 27.50
N LEU B 453 -25.89 8.77 26.48
CA LEU B 453 -26.69 8.36 25.34
C LEU B 453 -27.61 7.20 25.69
N THR B 454 -27.23 6.38 26.67
CA THR B 454 -28.11 5.28 27.06
C THR B 454 -29.42 5.76 27.67
N PHE B 455 -29.53 7.04 28.03
CA PHE B 455 -30.77 7.57 28.59
C PHE B 455 -31.82 7.87 27.54
N PHE B 456 -31.49 7.75 26.27
CA PHE B 456 -32.41 8.03 25.17
C PHE B 456 -32.65 6.76 24.38
N HIS B 457 -33.92 6.49 24.09
CA HIS B 457 -34.31 5.17 23.59
C HIS B 457 -33.61 4.82 22.28
N ASN B 458 -33.54 5.77 21.36
CA ASN B 458 -33.01 5.46 20.02
C ASN B 458 -31.53 5.12 20.06
N TYR B 459 -30.75 5.81 20.90
CA TYR B 459 -29.34 5.47 21.03
C TYR B 459 -29.15 4.22 21.88
N ASN B 460 -29.99 4.07 22.91
CA ASN B 460 -29.91 2.91 23.76
C ASN B 460 -30.15 1.62 23.00
N ILE B 461 -30.98 1.66 21.96
CA ILE B 461 -31.19 0.46 21.14
C ILE B 461 -29.86 -0.05 20.59
N LEU B 462 -29.08 0.86 20.01
CA LEU B 462 -27.81 0.47 19.40
C LEU B 462 -26.79 0.03 20.45
N ILE B 463 -26.73 0.76 21.56
CA ILE B 463 -25.78 0.39 22.61
C ILE B 463 -26.13 -0.96 23.20
N ALA B 464 -27.41 -1.22 23.42
CA ALA B 464 -27.86 -2.50 23.93
C ALA B 464 -27.57 -3.61 22.93
N THR B 465 -27.70 -3.33 21.64
CA THR B 465 -27.32 -4.33 20.64
C THR B 465 -25.86 -4.73 20.80
N LEU B 466 -24.98 -3.74 20.91
CA LEU B 466 -23.56 -4.07 21.11
C LEU B 466 -23.36 -4.88 22.38
N ARG B 467 -24.02 -4.48 23.47
CA ARG B 467 -23.84 -5.16 24.74
C ARG B 467 -24.30 -6.62 24.67
N VAL B 468 -25.44 -6.88 24.04
N VAL B 468 -25.44 -6.87 24.04
CA VAL B 468 -25.91 -8.26 24.01
CA VAL B 468 -25.97 -8.22 23.93
C VAL B 468 -25.12 -9.09 23.00
C VAL B 468 -25.11 -9.07 23.02
N ALA B 469 -24.52 -8.46 21.99
CA ALA B 469 -23.69 -9.23 21.06
C ALA B 469 -22.33 -9.57 21.67
N LEU B 470 -21.82 -8.73 22.58
CA LEU B 470 -20.44 -8.89 23.04
C LEU B 470 -20.09 -10.29 23.54
N PRO B 471 -20.90 -10.96 24.36
CA PRO B 471 -20.49 -12.29 24.84
C PRO B 471 -20.22 -13.30 23.73
N SER B 472 -21.12 -13.40 22.75
CA SER B 472 -20.90 -14.33 21.66
C SER B 472 -19.73 -13.90 20.79
N VAL B 473 -19.51 -12.60 20.63
CA VAL B 473 -18.34 -12.12 19.91
C VAL B 473 -17.06 -12.58 20.59
N MET B 474 -17.01 -12.46 21.92
CA MET B 474 -15.83 -12.90 22.65
C MET B 474 -15.63 -14.41 22.55
N ARG B 475 -16.73 -15.17 22.62
CA ARG B 475 -16.62 -16.62 22.49
C ARG B 475 -16.12 -17.01 21.11
N PHE B 476 -16.62 -16.36 20.07
CA PHE B 476 -16.15 -16.66 18.73
C PHE B 476 -14.70 -16.23 18.55
N CYS B 477 -14.29 -15.14 19.19
CA CYS B 477 -12.88 -14.77 19.18
C CYS B 477 -12.03 -15.86 19.80
N CYS B 478 -12.50 -16.45 20.90
CA CYS B 478 -11.77 -17.55 21.52
C CYS B 478 -11.65 -18.74 20.56
N CYS B 479 -12.75 -19.06 19.87
CA CYS B 479 -12.69 -20.17 18.91
C CYS B 479 -11.72 -19.87 17.78
N VAL B 480 -11.74 -18.64 17.27
CA VAL B 480 -10.89 -18.26 16.13
C VAL B 480 -9.43 -18.19 16.54
N ALA B 481 -9.17 -17.93 17.83
CA ALA B 481 -7.80 -17.69 18.27
C ALA B 481 -6.91 -18.91 18.09
N VAL B 482 -7.42 -20.11 18.34
CA VAL B 482 -6.56 -21.29 18.25
C VAL B 482 -6.16 -21.56 16.80
N ILE B 483 -7.10 -21.41 15.86
CA ILE B 483 -6.77 -21.54 14.45
C ILE B 483 -5.76 -20.48 14.05
N TYR B 484 -5.98 -19.24 14.49
CA TYR B 484 -5.08 -18.15 14.16
C TYR B 484 -3.67 -18.41 14.69
N LEU B 485 -3.57 -18.94 15.91
CA LEU B 485 -2.26 -19.19 16.50
C LEU B 485 -1.56 -20.35 15.83
N GLY B 486 -2.31 -21.40 15.46
CA GLY B 486 -1.71 -22.46 14.68
C GLY B 486 -1.13 -21.95 13.38
N TYR B 487 -1.88 -21.10 12.68
CA TYR B 487 -1.36 -20.51 11.45
C TYR B 487 -0.13 -19.65 11.73
N CYS B 488 -0.13 -18.90 12.84
CA CYS B 488 1.02 -18.09 13.19
C CYS B 488 2.27 -18.95 13.34
N PHE B 489 2.17 -20.03 14.13
CA PHE B 489 3.33 -20.89 14.35
C PHE B 489 3.80 -21.54 13.05
N CYS B 490 2.87 -22.05 12.26
CA CYS B 490 3.25 -22.70 11.01
C CYS B 490 3.94 -21.72 10.06
N GLY B 491 3.37 -20.53 9.90
CA GLY B 491 3.96 -19.56 9.00
C GLY B 491 5.32 -19.10 9.48
N TRP B 492 5.47 -18.91 10.78
CA TRP B 492 6.77 -18.53 11.33
C TRP B 492 7.82 -19.58 11.02
N ILE B 493 7.51 -20.85 11.26
CA ILE B 493 8.53 -21.88 11.10
C ILE B 493 8.85 -22.11 9.62
N VAL B 494 7.84 -22.09 8.75
CA VAL B 494 8.06 -22.47 7.36
C VAL B 494 8.53 -21.30 6.51
N LEU B 495 7.90 -20.13 6.65
CA LEU B 495 8.20 -19.00 5.78
C LEU B 495 9.21 -18.03 6.36
N GLY B 496 9.51 -18.12 7.66
CA GLY B 496 10.48 -17.22 8.27
C GLY B 496 11.82 -17.19 7.59
N PRO B 497 12.37 -18.34 7.18
CA PRO B 497 13.65 -18.32 6.46
C PRO B 497 13.60 -17.59 5.12
N TYR B 498 12.43 -17.39 4.54
CA TYR B 498 12.33 -16.86 3.18
C TYR B 498 11.57 -15.53 3.08
N HIS B 499 10.75 -15.18 4.05
CA HIS B 499 9.84 -14.03 3.95
C HIS B 499 10.17 -13.04 5.04
N VAL B 500 10.38 -11.78 4.66
CA VAL B 500 10.76 -10.74 5.62
C VAL B 500 9.63 -10.49 6.62
N LYS B 501 8.38 -10.62 6.18
CA LYS B 501 7.24 -10.36 7.04
C LYS B 501 7.00 -11.49 8.06
N PHE B 502 7.73 -12.59 7.97
CA PHE B 502 7.53 -13.74 8.84
C PHE B 502 8.74 -14.03 9.72
N ARG B 503 9.55 -13.03 10.02
CA ARG B 503 10.80 -13.27 10.75
C ARG B 503 10.56 -13.56 12.22
N SER B 504 9.65 -12.83 12.86
CA SER B 504 9.34 -13.01 14.27
C SER B 504 7.86 -13.35 14.43
N LEU B 505 7.53 -13.93 15.58
CA LEU B 505 6.15 -14.33 15.82
C LEU B 505 5.21 -13.13 15.87
N SER B 506 5.63 -12.04 16.52
CA SER B 506 4.80 -10.85 16.55
C SER B 506 4.63 -10.26 15.15
N MET B 507 5.69 -10.30 14.34
CA MET B 507 5.59 -9.85 12.96
C MET B 507 4.65 -10.74 12.16
N VAL B 508 4.71 -12.05 12.38
CA VAL B 508 3.78 -12.96 11.69
C VAL B 508 2.35 -12.64 12.07
N SER B 509 2.10 -12.40 13.35
CA SER B 509 0.75 -12.07 13.79
C SER B 509 0.26 -10.77 13.16
N GLU B 510 1.14 -9.77 13.09
CA GLU B 510 0.75 -8.51 12.46
C GLU B 510 0.44 -8.72 10.98
N CYS B 511 1.25 -9.51 10.29
CA CYS B 511 0.99 -9.77 8.87
C CYS B 511 -0.33 -10.49 8.67
N LEU B 512 -0.59 -11.53 9.47
CA LEU B 512 -1.84 -12.27 9.32
C LEU B 512 -3.05 -11.42 9.65
N PHE B 513 -2.95 -10.60 10.70
CA PHE B 513 -4.05 -9.71 11.04
C PHE B 513 -4.31 -8.70 9.93
N SER B 514 -3.25 -8.16 9.33
CA SER B 514 -3.44 -7.25 8.21
C SER B 514 -4.08 -7.97 7.03
N LEU B 515 -3.69 -9.23 6.78
CA LEU B 515 -4.30 -9.98 5.69
C LEU B 515 -5.79 -10.19 5.93
N ILE B 516 -6.18 -10.49 7.17
CA ILE B 516 -7.59 -10.68 7.48
C ILE B 516 -8.41 -9.48 7.05
N ASN B 517 -7.84 -8.29 7.13
CA ASN B 517 -8.54 -7.06 6.81
C ASN B 517 -8.22 -6.55 5.42
N GLY B 518 -7.63 -7.39 4.57
CA GLY B 518 -7.38 -7.04 3.18
C GLY B 518 -6.34 -5.96 2.97
N ASP B 519 -5.25 -5.99 3.73
CA ASP B 519 -4.18 -5.02 3.58
C ASP B 519 -2.86 -5.73 3.34
N ASP B 520 -2.10 -5.23 2.37
CA ASP B 520 -0.73 -5.67 2.12
C ASP B 520 -0.68 -7.11 1.61
N MET B 521 -1.69 -7.51 0.84
CA MET B 521 -1.81 -8.90 0.40
C MET B 521 -0.92 -9.20 -0.80
N PHE B 522 -0.96 -8.34 -1.82
CA PHE B 522 -0.21 -8.62 -3.03
C PHE B 522 1.29 -8.60 -2.78
N VAL B 523 1.78 -7.71 -1.92
CA VAL B 523 3.21 -7.70 -1.62
C VAL B 523 3.61 -8.97 -0.89
N THR B 524 2.72 -9.48 -0.02
CA THR B 524 2.99 -10.74 0.64
C THR B 524 3.12 -11.87 -0.38
N PHE B 525 2.24 -11.90 -1.37
CA PHE B 525 2.36 -12.91 -2.43
C PHE B 525 3.61 -12.70 -3.26
N ALA B 526 3.96 -11.45 -3.55
CA ALA B 526 5.08 -11.14 -4.43
C ALA B 526 6.42 -11.48 -3.78
N ALA B 527 6.53 -11.31 -2.47
CA ALA B 527 7.76 -11.69 -1.78
C ALA B 527 8.05 -13.17 -2.02
N MET B 528 7.03 -14.02 -1.98
CA MET B 528 7.23 -15.43 -2.25
C MET B 528 7.43 -15.70 -3.73
N GLN B 529 6.78 -14.91 -4.59
CA GLN B 529 7.04 -15.02 -6.02
C GLN B 529 8.53 -14.87 -6.29
N ALA B 530 9.17 -13.90 -5.63
CA ALA B 530 10.59 -13.65 -5.83
C ALA B 530 11.46 -14.83 -5.42
N GLN B 531 10.90 -15.87 -4.81
CA GLN B 531 11.64 -17.05 -4.38
C GLN B 531 11.08 -18.34 -4.97
N GLN B 532 10.23 -18.25 -5.98
CA GLN B 532 9.63 -19.46 -6.55
C GLN B 532 10.69 -20.35 -7.19
N GLY B 533 11.65 -19.75 -7.90
CA GLY B 533 12.66 -20.54 -8.58
C GLY B 533 13.54 -21.32 -7.62
N ARG B 534 13.86 -20.74 -6.47
CA ARG B 534 14.77 -21.36 -5.52
C ARG B 534 14.21 -22.68 -5.00
N SER B 535 13.11 -22.63 -4.26
CA SER B 535 12.49 -23.81 -3.66
C SER B 535 11.04 -23.88 -4.13
N SER B 536 10.72 -24.90 -4.91
CA SER B 536 9.36 -25.04 -5.42
C SER B 536 8.42 -25.56 -4.34
N LEU B 537 8.91 -26.44 -3.48
CA LEU B 537 8.08 -26.98 -2.41
C LEU B 537 7.62 -25.88 -1.46
N VAL B 538 8.54 -25.00 -1.07
CA VAL B 538 8.18 -23.91 -0.17
C VAL B 538 7.22 -22.94 -0.85
N TRP B 539 7.41 -22.68 -2.15
CA TRP B 539 6.50 -21.80 -2.85
C TRP B 539 5.10 -22.38 -2.93
N LEU B 540 4.98 -23.68 -3.24
CA LEU B 540 3.67 -24.31 -3.26
C LEU B 540 3.03 -24.29 -1.88
N PHE B 541 3.82 -24.57 -0.85
CA PHE B 541 3.28 -24.51 0.50
C PHE B 541 2.79 -23.11 0.83
N SER B 542 3.53 -22.09 0.43
CA SER B 542 3.10 -20.72 0.71
C SER B 542 1.82 -20.40 -0.02
N GLN B 543 1.67 -20.88 -1.26
CA GLN B 543 0.41 -20.68 -1.97
C GLN B 543 -0.75 -21.28 -1.19
N LEU B 544 -0.62 -22.55 -0.81
CA LEU B 544 -1.71 -23.19 -0.05
C LEU B 544 -1.96 -22.45 1.25
N TYR B 545 -0.90 -22.10 1.97
CA TYR B 545 -1.01 -21.46 3.27
C TYR B 545 -1.75 -20.13 3.17
N LEU B 546 -1.31 -19.25 2.27
CA LEU B 546 -1.91 -17.93 2.17
C LEU B 546 -3.34 -18.01 1.66
N TYR B 547 -3.57 -18.77 0.58
CA TYR B 547 -4.91 -18.82 0.02
C TYR B 547 -5.90 -19.41 1.02
N SER B 548 -5.52 -20.51 1.68
CA SER B 548 -6.43 -21.12 2.64
C SER B 548 -6.70 -20.18 3.82
N PHE B 549 -5.66 -19.56 4.37
CA PHE B 549 -5.88 -18.65 5.50
C PHE B 549 -6.81 -17.52 5.13
N ILE B 550 -6.53 -16.84 4.01
CA ILE B 550 -7.34 -15.68 3.64
C ILE B 550 -8.77 -16.09 3.34
N SER B 551 -8.95 -17.17 2.57
CA SER B 551 -10.29 -17.62 2.24
C SER B 551 -11.08 -17.95 3.50
N LEU B 552 -10.47 -18.74 4.41
CA LEU B 552 -11.17 -19.12 5.63
C LEU B 552 -11.56 -17.89 6.44
N PHE B 553 -10.63 -16.97 6.65
CA PHE B 553 -10.89 -15.89 7.59
C PHE B 553 -11.75 -14.78 7.00
N ILE B 554 -11.80 -14.62 5.69
CA ILE B 554 -12.63 -13.57 5.12
C ILE B 554 -14.01 -14.10 4.75
N TYR B 555 -14.10 -15.28 4.13
CA TYR B 555 -15.41 -15.74 3.68
C TYR B 555 -16.27 -16.28 4.82
N MET B 556 -15.66 -16.83 5.87
CA MET B 556 -16.41 -17.52 6.92
C MET B 556 -16.37 -16.84 8.28
N VAL B 557 -15.20 -16.36 8.72
CA VAL B 557 -15.07 -15.83 10.07
C VAL B 557 -15.73 -14.45 10.18
N LEU B 558 -15.34 -13.52 9.31
CA LEU B 558 -15.94 -12.19 9.34
C LEU B 558 -17.43 -12.25 9.05
N SER B 559 -17.84 -13.17 8.18
CA SER B 559 -19.26 -13.36 7.92
C SER B 559 -19.99 -13.76 9.19
N LEU B 560 -19.38 -14.62 10.00
CA LEU B 560 -20.04 -15.02 11.25
C LEU B 560 -20.07 -13.88 12.25
N PHE B 561 -19.05 -13.03 12.29
CA PHE B 561 -19.13 -11.84 13.14
C PHE B 561 -20.31 -10.97 12.74
N ILE B 562 -20.48 -10.76 11.43
CA ILE B 562 -21.63 -10.00 10.94
C ILE B 562 -22.93 -10.68 11.35
N ALA B 563 -23.01 -12.00 11.23
CA ALA B 563 -24.23 -12.72 11.58
C ALA B 563 -24.56 -12.59 13.06
N LEU B 564 -23.54 -12.66 13.92
CA LEU B 564 -23.76 -12.51 15.35
C LEU B 564 -24.32 -11.13 15.68
N ILE B 565 -23.73 -10.08 15.08
CA ILE B 565 -24.22 -8.73 15.35
C ILE B 565 -25.64 -8.57 14.82
N THR B 566 -25.93 -9.10 13.64
CA THR B 566 -27.27 -8.97 13.07
C THR B 566 -28.30 -9.71 13.92
N GLY B 567 -27.95 -10.89 14.43
CA GLY B 567 -28.85 -11.60 15.31
C GLY B 567 -29.12 -10.85 16.60
N ALA B 568 -28.08 -10.27 17.19
CA ALA B 568 -28.28 -9.45 18.38
C ALA B 568 -29.19 -8.27 18.10
N TYR B 569 -28.98 -7.61 16.95
CA TYR B 569 -29.82 -6.46 16.62
C TYR B 569 -31.27 -6.87 16.45
N ASP B 570 -31.51 -8.00 15.77
CA ASP B 570 -32.88 -8.47 15.61
C ASP B 570 -33.51 -8.86 16.93
N THR B 571 -32.72 -9.42 17.85
CA THR B 571 -33.24 -9.70 19.18
C THR B 571 -33.62 -8.42 19.91
N ILE B 572 -32.80 -7.37 19.79
CA ILE B 572 -33.07 -6.13 20.50
C ILE B 572 -34.34 -5.46 19.96
N LYS B 573 -34.55 -5.51 18.65
CA LYS B 573 -35.67 -4.85 18.01
C LYS B 573 -36.99 -5.58 18.21
N HIS B 574 -37.03 -6.59 19.08
CA HIS B 574 -38.26 -7.32 19.33
C HIS B 574 -38.35 -7.72 20.81
N ASP C 88 -28.28 -54.56 25.91
CA ASP C 88 -27.14 -55.39 25.51
C ASP C 88 -26.16 -54.56 24.69
N LEU C 89 -26.64 -54.02 23.57
CA LEU C 89 -25.83 -53.21 22.68
C LEU C 89 -26.15 -51.74 22.75
N ARG C 90 -27.40 -51.37 23.08
CA ARG C 90 -27.75 -49.95 23.14
C ARG C 90 -26.95 -49.23 24.20
N ARG C 91 -26.72 -49.87 25.34
CA ARG C 91 -25.89 -49.25 26.37
C ARG C 91 -24.48 -48.99 25.85
N ARG C 92 -23.89 -49.97 25.16
CA ARG C 92 -22.54 -49.79 24.64
C ARG C 92 -22.49 -48.64 23.63
N LEU C 93 -23.45 -48.60 22.71
CA LEU C 93 -23.48 -47.51 21.73
C LEU C 93 -23.66 -46.17 22.41
N LYS C 94 -24.52 -46.10 23.42
CA LYS C 94 -24.72 -44.85 24.14
C LYS C 94 -23.43 -44.40 24.81
N TYR C 95 -22.71 -45.34 25.44
CA TYR C 95 -21.45 -44.98 26.07
C TYR C 95 -20.43 -44.51 25.02
N PHE C 96 -20.41 -45.17 23.87
CA PHE C 96 -19.44 -44.81 22.83
C PHE C 96 -19.62 -43.36 22.38
N PHE C 97 -20.86 -42.94 22.18
CA PHE C 97 -21.16 -41.56 21.75
C PHE C 97 -21.52 -40.69 22.95
N MET C 98 -20.55 -40.51 23.85
CA MET C 98 -20.76 -39.68 25.02
C MET C 98 -19.55 -38.79 25.25
N SER C 99 -19.80 -37.65 25.90
CA SER C 99 -18.75 -36.68 26.14
C SER C 99 -17.79 -37.17 27.21
N PRO C 100 -16.57 -36.62 27.26
CA PRO C 100 -15.60 -37.12 28.25
C PRO C 100 -16.07 -37.00 29.68
N CYS C 101 -16.74 -35.90 30.02
CA CYS C 101 -17.21 -35.72 31.40
C CYS C 101 -18.27 -36.76 31.74
N ASP C 102 -19.27 -36.91 30.88
CA ASP C 102 -20.31 -37.91 31.12
C ASP C 102 -19.75 -39.33 31.04
N LYS C 103 -18.75 -39.56 30.19
CA LYS C 103 -18.08 -40.85 30.19
C LYS C 103 -17.44 -41.13 31.54
N PHE C 104 -16.77 -40.13 32.11
CA PHE C 104 -16.16 -40.28 33.42
C PHE C 104 -17.22 -40.57 34.48
N ARG C 105 -18.36 -39.88 34.42
CA ARG C 105 -19.44 -40.20 35.34
C ARG C 105 -19.91 -41.64 35.17
N ALA C 106 -20.03 -42.09 33.92
CA ALA C 106 -20.59 -43.41 33.65
C ALA C 106 -19.68 -44.52 34.16
N LYS C 107 -18.39 -44.46 33.85
CA LYS C 107 -17.48 -45.55 34.16
C LYS C 107 -16.30 -45.15 35.04
N GLY C 108 -16.13 -43.87 35.34
CA GLY C 108 -15.08 -43.45 36.25
C GLY C 108 -13.68 -43.72 35.76
N ARG C 109 -13.54 -44.04 34.48
CA ARG C 109 -12.23 -44.33 33.92
C ARG C 109 -11.38 -43.07 33.87
N LYS C 110 -10.07 -43.26 33.79
CA LYS C 110 -9.14 -42.14 33.80
C LYS C 110 -9.14 -41.46 32.43
N PRO C 111 -9.33 -40.13 32.36
CA PRO C 111 -9.25 -39.44 31.06
C PRO C 111 -7.81 -39.18 30.63
N CYS C 112 -7.06 -40.27 30.43
CA CYS C 112 -5.65 -40.13 30.12
C CYS C 112 -5.44 -39.40 28.80
N LYS C 113 -6.28 -39.67 27.80
CA LYS C 113 -6.05 -39.12 26.47
C LYS C 113 -6.14 -37.60 26.47
N LEU C 114 -7.05 -37.02 27.25
CA LEU C 114 -7.23 -35.58 27.23
C LEU C 114 -6.01 -34.84 27.77
N MET C 115 -5.54 -35.24 28.96
CA MET C 115 -4.33 -34.62 29.49
C MET C 115 -3.12 -34.95 28.62
N LEU C 116 -3.11 -36.12 27.98
CA LEU C 116 -2.04 -36.43 27.05
C LEU C 116 -2.05 -35.45 25.88
N GLN C 117 -3.23 -35.10 25.37
CA GLN C 117 -3.33 -34.14 24.28
C GLN C 117 -2.88 -32.75 24.74
N VAL C 118 -3.22 -32.37 25.96
CA VAL C 118 -2.76 -31.08 26.48
C VAL C 118 -1.24 -31.05 26.53
N VAL C 119 -0.63 -32.10 27.09
CA VAL C 119 0.82 -32.16 27.17
C VAL C 119 1.44 -32.18 25.78
N LYS C 120 0.79 -32.87 24.83
CA LYS C 120 1.30 -32.92 23.48
C LYS C 120 1.31 -31.54 22.85
N ILE C 121 0.22 -30.79 23.02
CA ILE C 121 0.19 -29.43 22.48
C ILE C 121 1.34 -28.62 23.07
N LEU C 122 1.52 -28.70 24.38
CA LEU C 122 2.57 -27.92 25.03
C LEU C 122 3.95 -28.27 24.49
N VAL C 123 4.29 -29.56 24.47
CA VAL C 123 5.65 -29.95 24.08
C VAL C 123 5.89 -29.71 22.60
N VAL C 124 4.88 -29.95 21.76
CA VAL C 124 5.04 -29.71 20.33
C VAL C 124 5.27 -28.22 20.07
N THR C 125 4.52 -27.35 20.74
CA THR C 125 4.73 -25.91 20.57
C THR C 125 6.11 -25.49 21.05
N VAL C 126 6.55 -26.03 22.19
CA VAL C 126 7.87 -25.67 22.71
C VAL C 126 8.96 -26.12 21.74
N GLN C 127 8.84 -27.34 21.22
CA GLN C 127 9.82 -27.83 20.26
C GLN C 127 9.86 -26.94 19.02
N LEU C 128 8.69 -26.56 18.51
CA LEU C 128 8.66 -25.72 17.32
C LEU C 128 9.31 -24.37 17.60
N ILE C 129 9.05 -23.79 18.76
CA ILE C 129 9.64 -22.48 19.08
C ILE C 129 11.16 -22.58 19.16
N LEU C 130 11.66 -23.62 19.84
CA LEU C 130 13.10 -23.78 19.94
C LEU C 130 13.74 -24.00 18.57
N PHE C 131 13.11 -24.83 17.75
CA PHE C 131 13.64 -25.08 16.41
C PHE C 131 13.68 -23.81 15.58
N GLY C 132 12.61 -23.02 15.63
CA GLY C 132 12.59 -21.78 14.86
C GLY C 132 13.62 -20.78 15.33
N LEU C 133 13.78 -20.65 16.65
CA LEU C 133 14.80 -19.75 17.16
C LEU C 133 16.19 -20.18 16.72
N SER C 134 16.45 -21.48 16.71
CA SER C 134 17.74 -21.96 16.24
C SER C 134 17.94 -21.70 14.75
N ASN C 135 16.89 -21.90 13.94
CA ASN C 135 17.04 -21.71 12.50
C ASN C 135 17.20 -20.24 12.12
N GLN C 136 16.62 -19.34 12.91
CA GLN C 136 16.72 -17.92 12.59
C GLN C 136 18.18 -17.47 12.56
N LEU C 137 18.98 -17.93 13.51
CA LEU C 137 20.38 -17.52 13.57
C LEU C 137 21.14 -17.96 12.33
N ALA C 138 20.94 -19.21 11.91
CA ALA C 138 21.64 -19.70 10.72
C ALA C 138 21.20 -18.95 9.47
N VAL C 139 19.90 -18.68 9.36
CA VAL C 139 19.40 -17.94 8.21
C VAL C 139 20.03 -16.55 8.15
N THR C 140 20.08 -15.88 9.30
CA THR C 140 20.68 -14.55 9.35
C THR C 140 22.17 -14.60 9.01
N PHE C 141 22.88 -15.60 9.51
CA PHE C 141 24.31 -15.72 9.20
C PHE C 141 24.52 -15.85 7.69
N ARG C 142 23.75 -16.74 7.06
CA ARG C 142 23.89 -16.92 5.61
C ARG C 142 23.55 -15.64 4.85
N GLU C 143 22.46 -14.99 5.22
CA GLU C 143 22.04 -13.79 4.51
C GLU C 143 23.06 -12.66 4.66
N GLU C 144 23.59 -12.47 5.87
CA GLU C 144 24.57 -11.41 6.08
C GLU C 144 25.85 -11.69 5.29
N ASN C 145 26.30 -12.95 5.29
CA ASN C 145 27.47 -13.29 4.49
C ASN C 145 27.24 -13.02 3.01
N THR C 146 26.05 -13.36 2.51
CA THR C 146 25.77 -13.17 1.09
C THR C 146 25.72 -11.69 0.72
N ILE C 147 25.14 -10.86 1.60
CA ILE C 147 25.13 -9.42 1.35
C ILE C 147 26.56 -8.88 1.35
N ALA C 148 27.39 -9.34 2.29
CA ALA C 148 28.79 -8.93 2.30
C ALA C 148 29.47 -9.34 1.00
N PHE C 149 29.18 -10.54 0.49
CA PHE C 149 29.77 -10.98 -0.77
C PHE C 149 29.34 -10.09 -1.92
N ARG C 150 28.06 -9.70 -1.95
CA ARG C 150 27.60 -8.82 -3.02
C ARG C 150 28.33 -7.47 -2.97
N HIS C 151 28.54 -6.95 -1.77
CA HIS C 151 29.28 -5.68 -1.67
C HIS C 151 30.75 -5.86 -2.02
N LEU C 152 31.34 -7.01 -1.72
CA LEU C 152 32.75 -7.23 -1.98
C LEU C 152 33.04 -7.47 -3.46
N PHE C 153 32.20 -8.23 -4.15
CA PHE C 153 32.57 -8.78 -5.45
C PHE C 153 31.86 -8.14 -6.64
N LEU C 154 30.74 -7.45 -6.43
CA LEU C 154 30.00 -6.82 -7.52
C LEU C 154 30.38 -5.35 -7.60
N LEU C 155 30.90 -4.94 -8.75
CA LEU C 155 31.40 -3.58 -8.92
C LEU C 155 30.24 -2.61 -9.01
N GLY C 156 30.26 -1.59 -8.15
CA GLY C 156 29.20 -0.61 -8.15
C GLY C 156 27.88 -1.09 -7.61
N TYR C 157 27.89 -2.12 -6.78
CA TYR C 157 26.67 -2.66 -6.21
C TYR C 157 26.18 -1.78 -5.07
N SER C 158 24.86 -1.66 -4.95
CA SER C 158 24.24 -0.99 -3.81
C SER C 158 22.99 -1.75 -3.42
N ASP C 159 22.61 -1.61 -2.15
CA ASP C 159 21.44 -2.33 -1.64
C ASP C 159 20.18 -1.90 -2.36
N GLY C 160 19.31 -2.86 -2.65
CA GLY C 160 18.08 -2.61 -3.37
C GLY C 160 18.21 -2.66 -4.88
N ALA C 161 19.41 -2.91 -5.41
CA ALA C 161 19.63 -2.94 -6.84
C ALA C 161 19.67 -4.35 -7.40
N ASP C 162 19.29 -5.35 -6.60
CA ASP C 162 19.45 -6.75 -7.02
C ASP C 162 18.72 -7.03 -8.32
N ASP C 163 17.50 -6.50 -8.46
CA ASP C 163 16.65 -6.84 -9.59
C ASP C 163 16.98 -6.08 -10.86
N THR C 164 17.78 -5.02 -10.79
CA THR C 164 18.14 -4.23 -11.96
C THR C 164 19.63 -4.22 -12.24
N PHE C 165 20.45 -4.80 -11.38
CA PHE C 165 21.90 -4.79 -11.58
C PHE C 165 22.26 -5.48 -12.89
N ALA C 166 22.88 -4.74 -13.80
CA ALA C 166 23.18 -5.27 -15.13
C ALA C 166 24.32 -4.48 -15.74
N ALA C 167 24.91 -5.06 -16.78
CA ALA C 167 25.91 -4.41 -17.60
C ALA C 167 25.32 -4.08 -18.97
N TYR C 168 25.79 -2.99 -19.56
CA TYR C 168 25.27 -2.53 -20.85
C TYR C 168 26.34 -2.27 -21.89
N THR C 169 27.61 -2.27 -21.53
CA THR C 169 28.69 -2.08 -22.47
C THR C 169 29.74 -3.17 -22.26
N ARG C 170 30.54 -3.40 -23.29
CA ARG C 170 31.61 -4.39 -23.18
C ARG C 170 32.61 -4.00 -22.10
N GLU C 171 32.92 -2.70 -22.01
CA GLU C 171 33.80 -2.21 -20.97
C GLU C 171 33.23 -2.48 -19.58
N GLN C 172 31.94 -2.24 -19.39
CA GLN C 172 31.31 -2.52 -18.10
C GLN C 172 31.43 -3.98 -17.73
N LEU C 173 31.17 -4.88 -18.68
CA LEU C 173 31.25 -6.31 -18.41
C LEU C 173 32.67 -6.71 -18.03
N TYR C 174 33.65 -6.26 -18.80
CA TYR C 174 35.03 -6.60 -18.50
C TYR C 174 35.42 -6.09 -17.12
N GLN C 175 35.04 -4.85 -16.80
CA GLN C 175 35.39 -4.29 -15.50
C GLN C 175 34.75 -5.07 -14.37
N ALA C 176 33.48 -5.46 -14.52
CA ALA C 176 32.83 -6.23 -13.47
C ALA C 176 33.52 -7.57 -13.26
N ILE C 177 33.85 -8.27 -14.33
CA ILE C 177 34.48 -9.58 -14.20
C ILE C 177 35.84 -9.44 -13.53
N PHE C 178 36.66 -8.51 -14.00
CA PHE C 178 38.00 -8.37 -13.44
C PHE C 178 37.94 -7.88 -12.00
N HIS C 179 36.98 -7.02 -11.68
CA HIS C 179 36.83 -6.58 -10.29
C HIS C 179 36.50 -7.75 -9.38
N ALA C 180 35.59 -8.63 -9.81
CA ALA C 180 35.27 -9.78 -8.98
C ALA C 180 36.50 -10.66 -8.75
N VAL C 181 37.28 -10.91 -9.79
CA VAL C 181 38.46 -11.77 -9.62
C VAL C 181 39.50 -11.10 -8.73
N ASP C 182 39.72 -9.80 -8.92
CA ASP C 182 40.70 -9.09 -8.10
C ASP C 182 40.30 -9.06 -6.65
N GLN C 183 39.01 -8.87 -6.38
CA GLN C 183 38.53 -8.88 -5.00
C GLN C 183 38.68 -10.27 -4.38
N TYR C 184 38.43 -11.32 -5.17
CA TYR C 184 38.68 -12.66 -4.67
C TYR C 184 40.14 -12.83 -4.28
N LEU C 185 41.06 -12.29 -5.08
CA LEU C 185 42.47 -12.45 -4.77
C LEU C 185 42.91 -11.56 -3.61
N ALA C 186 42.23 -10.44 -3.38
CA ALA C 186 42.59 -9.53 -2.30
C ALA C 186 41.83 -9.79 -1.00
N LEU C 187 40.90 -10.74 -1.00
CA LEU C 187 40.03 -10.94 0.16
C LEU C 187 40.74 -11.01 1.50
N PRO C 188 41.86 -11.70 1.67
CA PRO C 188 42.45 -11.81 3.01
C PRO C 188 42.81 -10.47 3.63
N ASP C 189 43.19 -9.48 2.84
CA ASP C 189 43.65 -8.21 3.36
C ASP C 189 42.55 -7.15 3.42
N VAL C 190 41.37 -7.40 2.86
CA VAL C 190 40.37 -6.35 2.75
CA VAL C 190 40.34 -6.38 2.69
C VAL C 190 39.09 -6.72 3.48
N SER C 191 38.75 -8.00 3.58
CA SER C 191 37.46 -8.39 4.13
C SER C 191 37.43 -8.20 5.65
N LEU C 192 36.24 -7.85 6.15
CA LEU C 192 36.01 -7.83 7.58
C LEU C 192 35.75 -9.21 8.15
N GLY C 193 35.30 -10.16 7.33
CA GLY C 193 35.20 -11.54 7.76
C GLY C 193 36.52 -12.28 7.60
N ARG C 194 36.57 -13.48 8.17
CA ARG C 194 37.72 -14.36 8.06
C ARG C 194 37.32 -15.56 7.20
N TYR C 195 37.94 -15.68 6.03
CA TYR C 195 37.60 -16.71 5.08
C TYR C 195 38.85 -17.49 4.68
N ALA C 196 38.66 -18.77 4.42
CA ALA C 196 39.71 -19.62 3.90
C ALA C 196 39.36 -20.05 2.49
N TYR C 197 40.40 -20.22 1.67
CA TYR C 197 40.22 -20.67 0.30
C TYR C 197 40.04 -22.18 0.23
N VAL C 198 39.29 -22.62 -0.76
CA VAL C 198 39.08 -24.04 -1.07
C VAL C 198 39.62 -24.30 -2.46
N ARG C 199 40.44 -25.35 -2.59
CA ARG C 199 41.05 -25.71 -3.86
C ARG C 199 40.55 -27.07 -4.33
N GLY C 200 40.45 -27.21 -5.64
CA GLY C 200 40.11 -28.47 -6.26
C GLY C 200 38.72 -28.94 -5.89
N GLY C 201 38.56 -30.26 -5.85
CA GLY C 201 37.30 -30.86 -5.44
C GLY C 201 36.28 -30.98 -6.55
N GLY C 202 36.71 -31.47 -7.70
CA GLY C 202 35.80 -31.67 -8.81
C GLY C 202 35.57 -30.41 -9.61
N ASP C 203 34.67 -30.54 -10.58
CA ASP C 203 34.36 -29.45 -11.49
C ASP C 203 33.58 -28.36 -10.77
N PRO C 204 33.66 -27.12 -11.26
CA PRO C 204 34.39 -26.67 -12.45
C PRO C 204 35.86 -26.44 -12.18
N TRP C 205 36.33 -26.74 -10.99
CA TRP C 205 37.71 -26.45 -10.59
C TRP C 205 38.63 -27.61 -10.96
N THR C 206 39.81 -27.26 -11.46
CA THR C 206 40.88 -28.24 -11.55
C THR C 206 41.57 -28.37 -10.20
N ASN C 207 42.53 -29.28 -10.13
CA ASN C 207 43.26 -29.47 -8.89
C ASN C 207 44.13 -28.24 -8.62
N GLY C 208 44.08 -27.75 -7.39
CA GLY C 208 44.84 -26.58 -7.01
C GLY C 208 44.24 -25.26 -7.41
N SER C 209 43.05 -25.25 -8.01
CA SER C 209 42.40 -24.04 -8.48
C SER C 209 41.30 -23.65 -7.52
N GLY C 210 41.27 -22.37 -7.14
CA GLY C 210 40.27 -21.88 -6.23
C GLY C 210 39.10 -21.22 -6.94
N LEU C 211 39.37 -20.50 -8.02
CA LEU C 211 38.34 -19.77 -8.75
C LEU C 211 38.27 -20.25 -10.18
N ALA C 212 37.05 -20.48 -10.67
CA ALA C 212 36.82 -20.87 -12.06
C ALA C 212 36.05 -19.75 -12.76
N LEU C 213 36.62 -19.24 -13.84
CA LEU C 213 36.01 -18.17 -14.64
C LEU C 213 35.68 -18.76 -16.00
N CYS C 214 34.42 -19.08 -16.22
CA CYS C 214 34.01 -19.89 -17.36
C CYS C 214 33.07 -19.09 -18.25
N GLN C 215 33.34 -19.07 -19.56
CA GLN C 215 32.46 -18.44 -20.53
C GLN C 215 31.86 -19.51 -21.44
N ARG C 216 30.55 -19.43 -21.66
CA ARG C 216 29.80 -20.38 -22.47
C ARG C 216 29.21 -19.66 -23.67
N TYR C 217 29.47 -20.20 -24.87
CA TYR C 217 29.03 -19.61 -26.12
C TYR C 217 28.68 -20.71 -27.11
N TYR C 218 27.92 -20.36 -28.15
CA TYR C 218 27.50 -21.35 -29.13
C TYR C 218 28.70 -21.90 -29.90
N HIS C 219 28.60 -23.18 -30.26
CA HIS C 219 29.68 -23.84 -30.98
C HIS C 219 30.00 -23.12 -32.28
N ARG C 220 28.97 -22.86 -33.08
CA ARG C 220 29.11 -22.06 -34.30
C ARG C 220 28.08 -20.95 -34.26
N GLY C 221 28.53 -19.71 -34.32
CA GLY C 221 27.62 -18.60 -34.39
C GLY C 221 28.04 -17.58 -35.43
N HIS C 222 27.22 -17.41 -36.46
CA HIS C 222 27.39 -16.31 -37.41
C HIS C 222 26.08 -15.55 -37.45
N VAL C 223 26.13 -14.28 -37.06
CA VAL C 223 24.94 -13.44 -36.98
C VAL C 223 25.21 -12.20 -37.81
N ASP C 224 24.42 -12.01 -38.87
CA ASP C 224 24.56 -10.88 -39.78
C ASP C 224 23.19 -10.22 -39.89
N PRO C 225 22.83 -9.39 -38.90
CA PRO C 225 21.55 -8.67 -39.01
C PRO C 225 21.51 -7.73 -40.19
N ALA C 226 22.67 -7.30 -40.70
CA ALA C 226 22.68 -6.44 -41.88
C ALA C 226 22.06 -7.15 -43.08
N ASN C 227 22.36 -8.44 -43.24
CA ASN C 227 21.84 -9.24 -44.33
C ASN C 227 20.67 -10.14 -43.91
N ASP C 228 20.17 -9.96 -42.70
CA ASP C 228 19.10 -10.80 -42.18
C ASP C 228 19.46 -12.28 -42.29
N THR C 229 20.69 -12.60 -41.87
CA THR C 229 21.26 -13.91 -42.05
C THR C 229 21.82 -14.43 -40.74
N PHE C 230 21.74 -15.74 -40.54
CA PHE C 230 22.41 -16.33 -39.39
C PHE C 230 22.63 -17.81 -39.64
N ASP C 231 23.75 -18.31 -39.14
CA ASP C 231 24.11 -19.72 -39.17
C ASP C 231 24.53 -20.11 -37.76
N ILE C 232 23.70 -20.89 -37.08
CA ILE C 232 23.86 -21.18 -35.67
C ILE C 232 23.87 -22.69 -35.46
N ASP C 233 24.86 -23.18 -34.72
CA ASP C 233 24.85 -24.51 -34.15
C ASP C 233 24.60 -24.37 -32.66
N PRO C 234 23.39 -24.67 -32.16
CA PRO C 234 23.07 -24.33 -30.76
C PRO C 234 23.85 -25.10 -29.71
N MET C 235 24.76 -26.00 -30.08
CA MET C 235 25.57 -26.69 -29.09
C MET C 235 26.43 -25.68 -28.33
N VAL C 236 26.42 -25.79 -27.00
CA VAL C 236 27.11 -24.84 -26.13
C VAL C 236 28.51 -25.35 -25.83
N VAL C 237 29.49 -24.47 -25.97
CA VAL C 237 30.88 -24.75 -25.66
C VAL C 237 31.28 -23.94 -24.44
N THR C 238 31.97 -24.59 -23.51
CA THR C 238 32.45 -23.98 -22.28
C THR C 238 33.96 -23.86 -22.32
N ASP C 239 34.47 -22.65 -22.15
CA ASP C 239 35.91 -22.41 -22.05
C ASP C 239 36.16 -21.69 -20.73
N CYS C 240 37.00 -22.27 -19.88
CA CYS C 240 37.02 -21.81 -18.50
C CYS C 240 38.45 -21.72 -17.98
N ILE C 241 38.78 -20.56 -17.41
CA ILE C 241 40.09 -20.23 -16.88
C ILE C 241 40.12 -20.56 -15.40
N GLN C 242 41.27 -21.02 -14.91
CA GLN C 242 41.42 -21.42 -13.52
C GLN C 242 42.40 -20.47 -12.83
N VAL C 243 42.01 -19.99 -11.65
CA VAL C 243 42.82 -19.06 -10.86
C VAL C 243 43.11 -19.71 -9.53
N ASP C 244 44.38 -19.81 -9.18
CA ASP C 244 44.80 -20.29 -7.88
C ASP C 244 44.91 -19.13 -6.90
N PRO C 245 44.34 -19.23 -5.70
CA PRO C 245 44.49 -18.16 -4.74
C PRO C 245 45.94 -18.01 -4.33
N PRO C 246 46.34 -16.86 -3.81
CA PRO C 246 47.73 -16.65 -3.41
C PRO C 246 48.01 -17.31 -2.06
N GLU C 247 49.23 -17.15 -1.59
CA GLU C 247 49.62 -17.69 -0.29
C GLU C 247 50.62 -16.78 0.42
N SER C 264 48.46 -13.09 -14.13
CA SER C 264 47.13 -12.64 -14.48
C SER C 264 46.69 -13.21 -15.82
N SER C 265 46.61 -14.54 -15.90
CA SER C 265 46.11 -15.16 -17.11
C SER C 265 44.64 -14.88 -17.34
N TYR C 266 43.90 -14.59 -16.26
CA TYR C 266 42.49 -14.22 -16.41
C TYR C 266 42.34 -12.84 -17.03
N LYS C 267 43.35 -11.98 -16.88
CA LYS C 267 43.30 -10.67 -17.49
C LYS C 267 43.36 -10.72 -19.01
N ASN C 268 43.71 -11.86 -19.58
CA ASN C 268 43.73 -12.05 -21.01
C ASN C 268 42.42 -12.61 -21.55
N LEU C 269 41.37 -12.65 -20.73
CA LEU C 269 40.08 -13.16 -21.17
C LEU C 269 39.57 -12.34 -22.35
N THR C 270 39.05 -13.04 -23.35
CA THR C 270 38.44 -12.41 -24.53
C THR C 270 37.06 -13.01 -24.73
N LEU C 271 36.03 -12.20 -24.61
CA LEU C 271 34.66 -12.68 -24.70
C LEU C 271 34.19 -12.72 -26.14
N LYS C 272 33.46 -13.79 -26.47
CA LYS C 272 32.85 -13.95 -27.78
C LYS C 272 31.44 -13.34 -27.71
N PHE C 273 31.39 -12.02 -27.83
CA PHE C 273 30.18 -11.29 -27.49
C PHE C 273 29.00 -11.71 -28.35
N HIS C 274 29.22 -11.93 -29.64
CA HIS C 274 28.10 -12.19 -30.54
C HIS C 274 27.48 -13.56 -30.29
N LYS C 275 28.27 -14.54 -29.84
CA LYS C 275 27.77 -15.90 -29.59
C LYS C 275 27.77 -16.24 -28.10
N LEU C 276 27.94 -15.25 -27.22
CA LEU C 276 28.09 -15.52 -25.80
C LEU C 276 26.76 -15.93 -25.19
N VAL C 277 26.76 -17.05 -24.47
CA VAL C 277 25.57 -17.48 -23.73
C VAL C 277 25.60 -16.94 -22.31
N ASN C 278 26.69 -17.16 -21.58
CA ASN C 278 26.83 -16.52 -20.29
C ASN C 278 28.27 -16.61 -19.81
N VAL C 279 28.54 -15.92 -18.70
CA VAL C 279 29.80 -15.99 -18.00
C VAL C 279 29.51 -16.32 -16.54
N THR C 280 30.31 -17.18 -15.94
CA THR C 280 30.14 -17.56 -14.55
C THR C 280 31.48 -17.53 -13.83
N ILE C 281 31.44 -17.14 -12.57
CA ILE C 281 32.57 -17.19 -11.67
C ILE C 281 32.16 -18.08 -10.50
N HIS C 282 32.93 -19.14 -10.25
CA HIS C 282 32.66 -20.09 -9.19
C HIS C 282 33.83 -20.08 -8.21
N PHE C 283 33.53 -19.97 -6.92
CA PHE C 283 34.56 -20.22 -5.93
C PHE C 283 33.90 -20.60 -4.61
N ARG C 284 34.73 -21.03 -3.66
CA ARG C 284 34.26 -21.47 -2.36
C ARG C 284 35.07 -20.79 -1.26
N LEU C 285 34.39 -20.46 -0.17
CA LEU C 285 35.02 -19.83 0.98
C LEU C 285 34.60 -20.55 2.25
N LYS C 286 35.56 -20.89 3.10
CA LYS C 286 35.30 -21.52 4.38
C LYS C 286 35.34 -20.49 5.49
N THR C 287 34.36 -20.53 6.38
CA THR C 287 34.30 -19.63 7.52
C THR C 287 33.77 -20.39 8.72
N ILE C 288 33.93 -19.79 9.90
CA ILE C 288 33.45 -20.37 11.15
C ILE C 288 32.40 -19.43 11.72
N ASN C 289 31.26 -19.99 12.09
CA ASN C 289 30.12 -19.20 12.59
C ASN C 289 30.31 -18.99 14.09
N LEU C 290 31.00 -17.89 14.44
CA LEU C 290 31.28 -17.63 15.85
C LEU C 290 30.05 -17.15 16.60
N GLN C 291 29.14 -16.45 15.93
CA GLN C 291 27.98 -15.91 16.62
C GLN C 291 27.08 -17.01 17.18
N SER C 292 27.36 -18.27 16.86
CA SER C 292 26.69 -19.37 17.53
C SER C 292 26.84 -19.28 19.03
N LEU C 293 27.97 -18.75 19.50
CA LEU C 293 28.18 -18.61 20.93
C LEU C 293 27.13 -17.73 21.58
N ILE C 294 26.47 -16.86 20.81
CA ILE C 294 25.41 -16.04 21.37
C ILE C 294 24.29 -16.91 21.91
N ASN C 295 23.96 -17.98 21.19
CA ASN C 295 22.91 -18.90 21.62
C ASN C 295 23.43 -20.02 22.51
N ASN C 296 24.71 -19.99 22.87
CA ASN C 296 25.38 -20.95 23.75
C ASN C 296 25.74 -22.23 23.01
N GLU C 297 25.48 -22.35 21.72
CA GLU C 297 25.81 -23.55 20.96
C GLU C 297 27.32 -23.59 20.72
N ILE C 298 27.76 -24.54 19.91
CA ILE C 298 29.16 -24.64 19.50
C ILE C 298 29.27 -24.16 18.06
N PRO C 299 30.24 -23.31 17.72
CA PRO C 299 30.37 -22.86 16.33
C PRO C 299 30.52 -24.03 15.37
N ASP C 300 29.91 -23.89 14.20
CA ASP C 300 30.02 -24.85 13.12
C ASP C 300 30.72 -24.23 11.93
N CYS C 301 31.18 -25.08 11.03
CA CYS C 301 32.03 -24.68 9.92
C CYS C 301 31.19 -24.57 8.65
N TYR C 302 31.15 -23.39 8.04
CA TYR C 302 30.40 -23.15 6.83
C TYR C 302 31.33 -23.16 5.62
N THR C 303 30.90 -23.79 4.54
CA THR C 303 31.50 -23.62 3.23
C THR C 303 30.48 -22.94 2.34
N PHE C 304 30.78 -21.73 1.91
CA PHE C 304 29.94 -20.97 1.00
C PHE C 304 30.42 -21.21 -0.42
N SER C 305 29.55 -21.77 -1.25
CA SER C 305 29.79 -21.89 -2.68
C SER C 305 29.18 -20.65 -3.34
N VAL C 306 30.03 -19.80 -3.90
CA VAL C 306 29.61 -18.54 -4.49
C VAL C 306 29.63 -18.68 -6.01
N LEU C 307 28.51 -18.30 -6.63
CA LEU C 307 28.35 -18.29 -8.07
C LEU C 307 27.94 -16.89 -8.51
N ILE C 308 28.74 -16.28 -9.36
CA ILE C 308 28.42 -14.98 -9.96
C ILE C 308 28.10 -15.22 -11.43
N THR C 309 26.91 -14.80 -11.84
CA THR C 309 26.43 -15.04 -13.21
C THR C 309 26.26 -13.72 -13.93
N PHE C 310 26.83 -13.66 -15.13
CA PHE C 310 26.56 -12.62 -16.12
C PHE C 310 25.78 -13.29 -17.25
N ASP C 311 24.48 -13.00 -17.31
CA ASP C 311 23.54 -13.79 -18.11
C ASP C 311 23.23 -13.07 -19.42
N ASN C 312 23.56 -13.72 -20.54
CA ASN C 312 23.31 -13.16 -21.87
C ASN C 312 22.32 -14.02 -22.67
N LYS C 313 21.51 -14.84 -21.99
CA LYS C 313 20.65 -15.77 -22.71
C LYS C 313 19.55 -15.06 -23.50
N ALA C 314 19.17 -13.84 -23.10
CA ALA C 314 18.20 -13.07 -23.87
C ALA C 314 18.80 -12.43 -25.12
N HIS C 315 20.12 -12.18 -25.13
CA HIS C 315 20.79 -11.53 -26.25
C HIS C 315 20.13 -10.20 -26.59
N SER C 316 19.72 -9.46 -25.56
CA SER C 316 18.98 -8.23 -25.72
C SER C 316 19.84 -6.98 -25.61
N GLY C 317 21.15 -7.12 -25.46
CA GLY C 317 22.01 -5.98 -25.20
C GLY C 317 22.11 -5.60 -23.74
N ARG C 318 21.39 -6.28 -22.85
CA ARG C 318 21.43 -6.03 -21.42
C ARG C 318 21.77 -7.36 -20.74
N ILE C 319 22.87 -7.36 -19.99
CA ILE C 319 23.34 -8.60 -19.35
C ILE C 319 23.18 -8.47 -17.84
N PRO C 320 22.17 -9.10 -17.24
CA PRO C 320 22.03 -9.04 -15.79
C PRO C 320 23.15 -9.76 -15.07
N ILE C 321 23.48 -9.24 -13.89
CA ILE C 321 24.56 -9.76 -13.05
C ILE C 321 23.94 -10.15 -11.71
N SER C 322 24.22 -11.36 -11.25
CA SER C 322 23.70 -11.82 -9.98
C SER C 322 24.77 -12.59 -9.23
N LEU C 323 24.63 -12.63 -7.91
CA LEU C 323 25.46 -13.42 -7.02
C LEU C 323 24.57 -14.31 -6.16
N GLU C 324 24.81 -15.61 -6.21
CA GLU C 324 24.13 -16.59 -5.36
C GLU C 324 25.15 -17.33 -4.51
N THR C 325 24.71 -17.79 -3.35
CA THR C 325 25.52 -18.62 -2.46
C THR C 325 24.75 -19.86 -2.06
N GLN C 326 25.50 -20.93 -1.81
CA GLN C 326 24.98 -22.17 -1.23
C GLN C 326 25.85 -22.53 -0.04
N ALA C 327 25.22 -22.75 1.11
CA ALA C 327 25.96 -22.99 2.36
C ALA C 327 25.93 -24.47 2.70
N HIS C 328 27.10 -25.07 2.85
CA HIS C 328 27.26 -26.43 3.35
C HIS C 328 27.81 -26.36 4.76
N ILE C 329 27.04 -26.83 5.73
CA ILE C 329 27.37 -26.69 7.13
C ILE C 329 27.91 -28.02 7.65
N GLN C 330 29.00 -27.96 8.41
CA GLN C 330 29.62 -29.13 9.00
C GLN C 330 29.94 -28.86 10.45
N GLU C 331 30.20 -29.92 11.19
CA GLU C 331 30.76 -29.81 12.53
C GLU C 331 32.25 -29.54 12.41
N CYS C 332 32.72 -28.47 13.05
CA CYS C 332 34.14 -28.17 13.01
C CYS C 332 34.92 -29.29 13.69
N LYS C 333 36.08 -29.62 13.14
CA LYS C 333 36.78 -30.82 13.57
C LYS C 333 37.59 -30.59 14.85
N HIS C 334 37.86 -29.34 15.22
CA HIS C 334 38.69 -29.04 16.38
C HIS C 334 38.05 -27.92 17.21
N PRO C 335 36.84 -28.12 17.70
CA PRO C 335 36.24 -27.09 18.56
C PRO C 335 36.96 -27.00 19.89
N SER C 336 36.99 -25.78 20.44
CA SER C 336 37.55 -25.57 21.77
C SER C 336 36.94 -24.26 22.30
N VAL C 337 35.95 -24.39 23.17
CA VAL C 337 35.30 -23.25 23.81
C VAL C 337 35.58 -23.35 25.30
N PHE C 338 36.08 -22.26 25.88
CA PHE C 338 36.41 -22.24 27.30
C PHE C 338 35.14 -22.45 28.13
N GLN C 339 35.06 -23.56 28.84
CA GLN C 339 33.90 -23.85 29.69
C GLN C 339 32.62 -23.82 28.88
N SER C 344 23.15 -31.73 26.68
CA SER C 344 22.44 -32.64 25.81
C SER C 344 20.94 -32.61 26.07
N PHE C 345 20.47 -31.52 26.66
CA PHE C 345 19.06 -31.36 27.01
C PHE C 345 18.23 -30.85 25.85
N ARG C 346 18.68 -31.06 24.62
CA ARG C 346 17.93 -30.78 23.41
C ARG C 346 17.48 -32.03 22.69
N LEU C 347 18.31 -33.08 22.72
CA LEU C 347 17.89 -34.37 22.18
C LEU C 347 16.96 -35.10 23.14
N LEU C 348 17.14 -34.90 24.44
CA LEU C 348 16.21 -35.48 25.42
C LEU C 348 14.81 -34.95 25.20
N PHE C 349 14.67 -33.65 24.93
CA PHE C 349 13.35 -33.09 24.64
C PHE C 349 12.77 -33.70 23.37
N ASP C 350 13.60 -33.92 22.35
CA ASP C 350 13.12 -34.55 21.13
C ASP C 350 12.61 -35.96 21.41
N VAL C 351 13.31 -36.71 22.25
CA VAL C 351 12.87 -38.06 22.61
C VAL C 351 11.55 -38.00 23.38
N VAL C 352 11.42 -37.03 24.29
CA VAL C 352 10.18 -36.86 25.03
C VAL C 352 9.03 -36.59 24.07
N VAL C 353 9.26 -35.72 23.08
CA VAL C 353 8.24 -35.42 22.09
C VAL C 353 7.84 -36.68 21.33
N ILE C 354 8.85 -37.45 20.90
CA ILE C 354 8.57 -38.66 20.14
C ILE C 354 7.74 -39.63 20.97
N LEU C 355 8.08 -39.79 22.24
CA LEU C 355 7.34 -40.73 23.09
C LEU C 355 5.91 -40.24 23.32
N THR C 356 5.73 -38.95 23.57
CA THR C 356 4.38 -38.42 23.75
C THR C 356 3.53 -38.66 22.51
N CYS C 357 4.09 -38.38 21.34
CA CYS C 357 3.33 -38.56 20.11
C CYS C 357 3.07 -40.04 19.83
N SER C 358 4.01 -40.91 20.20
CA SER C 358 3.78 -42.35 20.03
C SER C 358 2.63 -42.83 20.91
N LEU C 359 2.61 -42.40 22.17
CA LEU C 359 1.53 -42.80 23.07
C LEU C 359 0.19 -42.25 22.58
N SER C 360 0.17 -40.99 22.13
CA SER C 360 -1.05 -40.43 21.57
C SER C 360 -1.51 -41.24 20.36
N PHE C 361 -0.60 -41.59 19.47
CA PHE C 361 -0.95 -42.37 18.30
C PHE C 361 -1.56 -43.71 18.70
N LEU C 362 -0.96 -44.38 19.68
CA LEU C 362 -1.47 -45.69 20.09
C LEU C 362 -2.88 -45.58 20.67
N LEU C 363 -3.09 -44.61 21.56
CA LEU C 363 -4.42 -44.47 22.16
C LEU C 363 -5.46 -44.11 21.12
N CYS C 364 -5.14 -43.19 20.22
CA CYS C 364 -6.10 -42.81 19.18
C CYS C 364 -6.38 -43.97 18.24
N ALA C 365 -5.36 -44.75 17.89
CA ALA C 365 -5.56 -45.90 17.02
C ALA C 365 -6.45 -46.94 17.69
N ARG C 366 -6.24 -47.17 19.00
CA ARG C 366 -7.10 -48.10 19.71
C ARG C 366 -8.55 -47.63 19.73
N SER C 367 -8.75 -46.33 19.95
CA SER C 367 -10.12 -45.79 19.92
C SER C 367 -10.75 -45.96 18.54
N LEU C 368 -9.99 -45.70 17.48
CA LEU C 368 -10.52 -45.85 16.13
C LEU C 368 -10.86 -47.31 15.84
N LEU C 369 -10.02 -48.23 16.29
CA LEU C 369 -10.30 -49.66 16.10
C LEU C 369 -11.58 -50.05 16.83
N ARG C 370 -11.74 -49.57 18.07
CA ARG C 370 -12.97 -49.87 18.81
C ARG C 370 -14.19 -49.31 18.09
N GLY C 371 -14.08 -48.10 17.55
CA GLY C 371 -15.18 -47.54 16.79
C GLY C 371 -15.53 -48.37 15.58
N PHE C 372 -14.52 -48.85 14.85
CA PHE C 372 -14.78 -49.69 13.69
C PHE C 372 -15.46 -50.99 14.09
N LEU C 373 -15.00 -51.62 15.19
CA LEU C 373 -15.64 -52.85 15.65
C LEU C 373 -17.09 -52.60 16.01
N LEU C 374 -17.36 -51.50 16.72
CA LEU C 374 -18.74 -51.18 17.08
C LEU C 374 -19.59 -50.95 15.84
N GLN C 375 -19.03 -50.30 14.82
CA GLN C 375 -19.78 -50.09 13.58
C GLN C 375 -20.12 -51.42 12.92
N ASN C 376 -19.16 -52.35 12.89
CA ASN C 376 -19.44 -53.67 12.33
C ASN C 376 -20.55 -54.37 13.10
N GLU C 377 -20.50 -54.30 14.43
CA GLU C 377 -21.55 -54.89 15.24
C GLU C 377 -22.90 -54.26 14.92
N PHE C 378 -22.93 -52.93 14.78
CA PHE C 378 -24.20 -52.25 14.52
C PHE C 378 -24.78 -52.65 13.18
N VAL C 379 -23.95 -52.72 12.13
CA VAL C 379 -24.49 -53.12 10.83
C VAL C 379 -24.99 -54.56 10.89
N GLY C 380 -24.23 -55.45 11.54
CA GLY C 380 -24.69 -56.81 11.68
C GLY C 380 -26.03 -56.91 12.38
N PHE C 381 -26.19 -56.15 13.46
CA PHE C 381 -27.45 -56.19 14.21
C PHE C 381 -28.58 -55.51 13.45
N MET C 382 -28.27 -54.54 12.60
CA MET C 382 -29.26 -53.89 11.76
C MET C 382 -29.64 -54.74 10.55
N TRP C 383 -28.89 -55.80 10.27
CA TRP C 383 -29.32 -56.80 9.32
C TRP C 383 -30.19 -57.88 9.96
N ARG C 384 -30.82 -57.58 11.09
CA ARG C 384 -31.72 -58.51 11.77
C ARG C 384 -33.01 -57.81 12.16
N LEU C 392 -23.15 -45.28 3.13
CA LEU C 392 -22.09 -45.41 4.13
C LEU C 392 -22.07 -44.20 5.05
N TRP C 393 -22.86 -43.18 4.71
CA TRP C 393 -22.88 -41.96 5.51
C TRP C 393 -23.28 -42.23 6.96
N GLU C 394 -23.99 -43.31 7.22
CA GLU C 394 -24.38 -43.65 8.59
C GLU C 394 -23.31 -44.44 9.33
N ARG C 395 -22.62 -45.35 8.64
CA ARG C 395 -21.60 -46.14 9.31
C ARG C 395 -20.32 -45.32 9.54
N LEU C 396 -20.06 -44.32 8.71
CA LEU C 396 -18.94 -43.42 8.97
C LEU C 396 -19.24 -42.46 10.11
N GLU C 397 -20.47 -42.42 10.61
CA GLU C 397 -20.77 -41.66 11.81
C GLU C 397 -20.07 -42.26 13.03
N PHE C 398 -19.56 -43.48 12.91
CA PHE C 398 -18.82 -44.12 13.98
C PHE C 398 -17.35 -43.72 14.01
N VAL C 399 -16.92 -42.84 13.11
CA VAL C 399 -15.53 -42.44 13.00
C VAL C 399 -15.35 -41.08 13.65
N ASN C 400 -14.44 -40.99 14.61
CA ASN C 400 -14.12 -39.73 15.28
C ASN C 400 -13.09 -38.99 14.44
N GLY C 401 -13.54 -37.94 13.74
CA GLY C 401 -12.64 -37.19 12.89
C GLY C 401 -11.51 -36.52 13.65
N TRP C 402 -11.77 -36.07 14.87
CA TRP C 402 -10.72 -35.48 15.68
C TRP C 402 -9.58 -36.46 15.90
N TYR C 403 -9.90 -37.76 16.01
CA TYR C 403 -8.85 -38.75 16.21
C TYR C 403 -8.08 -39.02 14.92
N ILE C 404 -8.74 -38.95 13.78
CA ILE C 404 -8.02 -38.99 12.52
C ILE C 404 -7.01 -37.85 12.47
N LEU C 405 -7.46 -36.65 12.83
CA LEU C 405 -6.58 -35.49 12.82
C LEU C 405 -5.41 -35.68 13.80
N LEU C 406 -5.70 -36.20 14.99
CA LEU C 406 -4.65 -36.40 15.98
C LEU C 406 -3.62 -37.42 15.51
N VAL C 407 -4.08 -38.50 14.89
CA VAL C 407 -3.14 -39.51 14.38
C VAL C 407 -2.26 -38.92 13.29
N THR C 408 -2.87 -38.15 12.38
CA THR C 408 -2.08 -37.49 11.34
C THR C 408 -1.03 -36.57 11.96
N SER C 409 -1.42 -35.78 12.96
CA SER C 409 -0.48 -34.86 13.58
C SER C 409 0.63 -35.62 14.30
N ASP C 410 0.30 -36.75 14.93
CA ASP C 410 1.32 -37.55 15.58
C ASP C 410 2.33 -38.08 14.57
N VAL C 411 1.87 -38.58 13.44
CA VAL C 411 2.78 -39.08 12.42
C VAL C 411 3.68 -37.95 11.92
N LEU C 412 3.08 -36.80 11.62
CA LEU C 412 3.87 -35.68 11.12
C LEU C 412 4.90 -35.22 12.15
N THR C 413 4.49 -35.14 13.42
CA THR C 413 5.43 -34.69 14.46
C THR C 413 6.57 -35.68 14.62
N ILE C 414 6.29 -36.98 14.62
CA ILE C 414 7.35 -37.96 14.81
C ILE C 414 8.34 -37.90 13.66
N SER C 415 7.83 -37.88 12.42
CA SER C 415 8.72 -37.82 11.27
C SER C 415 9.55 -36.54 11.26
N GLY C 416 8.91 -35.41 11.55
CA GLY C 416 9.63 -34.15 11.60
C GLY C 416 10.67 -34.11 12.70
N THR C 417 10.39 -34.75 13.83
CA THR C 417 11.35 -34.78 14.93
C THR C 417 12.55 -35.67 14.59
N ILE C 418 12.31 -36.78 13.89
CA ILE C 418 13.43 -37.59 13.42
C ILE C 418 14.30 -36.78 12.47
N MET C 419 13.66 -36.07 11.53
CA MET C 419 14.42 -35.23 10.61
C MET C 419 15.17 -34.14 11.36
N LYS C 420 14.56 -33.57 12.40
CA LYS C 420 15.21 -32.52 13.17
C LYS C 420 16.43 -33.05 13.91
N ILE C 421 16.32 -34.24 14.50
CA ILE C 421 17.47 -34.86 15.14
C ILE C 421 18.59 -35.06 14.13
N GLY C 422 18.25 -35.54 12.93
CA GLY C 422 19.26 -35.68 11.90
C GLY C 422 19.92 -34.36 11.55
N ILE C 423 19.11 -33.32 11.36
CA ILE C 423 19.63 -32.03 10.91
C ILE C 423 20.56 -31.43 11.97
N GLU C 424 20.13 -31.47 13.23
CA GLU C 424 20.91 -30.84 14.29
C GLU C 424 22.23 -31.56 14.55
N ALA C 425 22.33 -32.84 14.19
CA ALA C 425 23.60 -33.55 14.21
C ALA C 425 24.44 -33.30 12.96
N LYS C 426 23.91 -32.55 11.99
CA LYS C 426 24.56 -32.19 10.74
C LYS C 426 24.59 -33.34 9.75
N ASN C 427 23.87 -34.43 10.01
CA ASN C 427 23.79 -35.53 9.05
C ASN C 427 22.77 -35.26 7.94
N LEU C 428 21.92 -34.25 8.10
CA LEU C 428 20.90 -33.92 7.12
C LEU C 428 20.89 -32.42 6.89
N ALA C 429 20.41 -32.03 5.71
CA ALA C 429 20.34 -30.62 5.32
C ALA C 429 18.99 -30.28 4.69
N SER C 430 17.95 -31.07 4.99
CA SER C 430 16.62 -30.84 4.41
C SER C 430 15.77 -30.04 5.38
N TYR C 431 16.14 -28.77 5.54
CA TYR C 431 15.46 -27.91 6.50
C TYR C 431 14.03 -27.62 6.07
N ASP C 432 13.79 -27.50 4.76
CA ASP C 432 12.46 -27.13 4.28
C ASP C 432 11.43 -28.20 4.63
N VAL C 433 11.74 -29.46 4.35
CA VAL C 433 10.77 -30.53 4.61
C VAL C 433 10.53 -30.68 6.10
N CYS C 434 11.58 -30.63 6.91
CA CYS C 434 11.42 -30.72 8.35
C CYS C 434 10.55 -29.59 8.88
N SER C 435 10.80 -28.36 8.41
CA SER C 435 10.00 -27.24 8.86
C SER C 435 8.55 -27.40 8.45
N ILE C 436 8.31 -27.87 7.23
CA ILE C 436 6.92 -28.04 6.79
C ILE C 436 6.22 -29.09 7.64
N LEU C 437 6.88 -30.21 7.91
CA LEU C 437 6.25 -31.24 8.74
C LEU C 437 5.94 -30.71 10.14
N LEU C 438 6.92 -30.09 10.79
CA LEU C 438 6.69 -29.62 12.16
C LEU C 438 5.65 -28.52 12.20
N GLY C 439 5.69 -27.58 11.25
CA GLY C 439 4.70 -26.52 11.24
C GLY C 439 3.30 -27.02 10.98
N THR C 440 3.13 -27.95 10.04
CA THR C 440 1.82 -28.51 9.79
C THR C 440 1.30 -29.26 11.01
N SER C 441 2.17 -30.03 11.69
CA SER C 441 1.72 -30.73 12.87
C SER C 441 1.32 -29.77 13.98
N THR C 442 2.07 -28.70 14.18
CA THR C 442 1.70 -27.73 15.20
C THR C 442 0.38 -27.05 14.87
N LEU C 443 0.18 -26.72 13.58
CA LEU C 443 -1.10 -26.16 13.15
CA LEU C 443 -1.10 -26.16 13.16
C LEU C 443 -2.25 -27.12 13.46
N LEU C 444 -2.06 -28.41 13.16
CA LEU C 444 -3.12 -29.37 13.41
C LEU C 444 -3.40 -29.54 14.90
N VAL C 445 -2.37 -29.58 15.74
CA VAL C 445 -2.63 -29.78 17.16
C VAL C 445 -3.32 -28.56 17.74
N TRP C 446 -3.03 -27.37 17.23
CA TRP C 446 -3.74 -26.19 17.72
C TRP C 446 -5.17 -26.15 17.21
N VAL C 447 -5.40 -26.59 15.97
CA VAL C 447 -6.77 -26.68 15.46
C VAL C 447 -7.57 -27.69 16.25
N GLY C 448 -6.91 -28.72 16.78
CA GLY C 448 -7.59 -29.73 17.57
C GLY C 448 -8.17 -29.23 18.88
N VAL C 449 -7.79 -28.03 19.32
CA VAL C 449 -8.36 -27.48 20.54
C VAL C 449 -9.84 -27.16 20.38
N ILE C 450 -10.33 -27.04 19.16
CA ILE C 450 -11.74 -26.77 18.93
C ILE C 450 -12.61 -27.89 19.49
N ARG C 451 -12.08 -29.12 19.53
CA ARG C 451 -12.85 -30.24 20.05
C ARG C 451 -13.28 -29.98 21.49
N TYR C 452 -12.37 -29.43 22.31
CA TYR C 452 -12.71 -29.16 23.69
C TYR C 452 -13.76 -28.08 23.82
N LEU C 453 -13.74 -27.09 22.92
CA LEU C 453 -14.77 -26.06 22.95
C LEU C 453 -16.12 -26.60 22.50
N THR C 454 -16.13 -27.64 21.66
CA THR C 454 -17.41 -28.21 21.25
C THR C 454 -18.17 -28.85 22.40
N PHE C 455 -17.54 -29.07 23.55
CA PHE C 455 -18.22 -29.66 24.69
C PHE C 455 -19.06 -28.65 25.46
N PHE C 456 -18.99 -27.37 25.12
CA PHE C 456 -19.74 -26.32 25.79
C PHE C 456 -20.72 -25.69 24.82
N HIS C 457 -21.96 -25.52 25.27
CA HIS C 457 -23.06 -25.20 24.36
C HIS C 457 -22.81 -23.89 23.60
N ASN C 458 -22.36 -22.85 24.30
CA ASN C 458 -22.24 -21.54 23.68
C ASN C 458 -21.18 -21.52 22.59
N TYR C 459 -20.06 -22.22 22.79
CA TYR C 459 -19.04 -22.30 21.73
C TYR C 459 -19.47 -23.26 20.64
N ASN C 460 -20.13 -24.36 21.03
CA ASN C 460 -20.59 -25.33 20.07
C ASN C 460 -21.58 -24.72 19.09
N ILE C 461 -22.37 -23.74 19.51
CA ILE C 461 -23.29 -23.09 18.57
C ILE C 461 -22.51 -22.51 17.40
N LEU C 462 -21.43 -21.77 17.69
CA LEU C 462 -20.66 -21.12 16.64
C LEU C 462 -19.92 -22.14 15.78
N ILE C 463 -19.34 -23.16 16.41
CA ILE C 463 -18.62 -24.17 15.65
C ILE C 463 -19.57 -24.93 14.74
N ALA C 464 -20.76 -25.27 15.24
CA ALA C 464 -21.76 -25.95 14.44
C ALA C 464 -22.25 -25.06 13.30
N THR C 465 -22.36 -23.75 13.52
CA THR C 465 -22.69 -22.86 12.43
C THR C 465 -21.67 -22.96 11.31
N LEU C 466 -20.39 -22.90 11.66
CA LEU C 466 -19.36 -23.02 10.63
C LEU C 466 -19.46 -24.36 9.91
N ARG C 467 -19.67 -25.44 10.66
CA ARG C 467 -19.74 -26.77 10.06
C ARG C 467 -20.91 -26.88 9.09
N VAL C 468 -22.08 -26.37 9.45
N VAL C 468 -22.07 -26.36 9.47
CA VAL C 468 -23.23 -26.51 8.57
CA VAL C 468 -23.25 -26.45 8.62
C VAL C 468 -23.12 -25.56 7.38
C VAL C 468 -23.11 -25.58 7.39
N ALA C 469 -22.42 -24.44 7.52
CA ALA C 469 -22.24 -23.55 6.38
C ALA C 469 -21.21 -24.09 5.38
N LEU C 470 -20.23 -24.86 5.85
CA LEU C 470 -19.10 -25.24 5.00
C LEU C 470 -19.50 -25.87 3.67
N PRO C 471 -20.44 -26.82 3.59
CA PRO C 471 -20.76 -27.42 2.28
C PRO C 471 -21.21 -26.42 1.22
N SER C 472 -22.14 -25.52 1.57
CA SER C 472 -22.58 -24.52 0.61
C SER C 472 -21.47 -23.53 0.29
N VAL C 473 -20.60 -23.23 1.26
CA VAL C 473 -19.46 -22.36 0.99
C VAL C 473 -18.55 -23.00 -0.06
N MET C 474 -18.27 -24.30 0.08
CA MET C 474 -17.44 -24.98 -0.91
C MET C 474 -18.11 -25.03 -2.27
N ARG C 475 -19.42 -25.27 -2.30
CA ARG C 475 -20.13 -25.30 -3.58
C ARG C 475 -20.09 -23.94 -4.26
N PHE C 476 -20.29 -22.86 -3.49
CA PHE C 476 -20.21 -21.54 -4.08
C PHE C 476 -18.79 -21.21 -4.53
N CYS C 477 -17.79 -21.70 -3.80
CA CYS C 477 -16.41 -21.54 -4.26
C CYS C 477 -16.21 -22.22 -5.60
N CYS C 478 -16.79 -23.41 -5.78
CA CYS C 478 -16.70 -24.10 -7.07
C CYS C 478 -17.36 -23.27 -8.17
N CYS C 479 -18.54 -22.70 -7.88
CA CYS C 479 -19.20 -21.86 -8.88
C CYS C 479 -18.36 -20.64 -9.23
N VAL C 480 -17.77 -20.00 -8.22
CA VAL C 480 -17.00 -18.77 -8.44
C VAL C 480 -15.68 -19.07 -9.15
N ALA C 481 -15.18 -20.29 -9.01
CA ALA C 481 -13.85 -20.61 -9.53
C ALA C 481 -13.78 -20.51 -11.04
N VAL C 482 -14.83 -20.91 -11.76
CA VAL C 482 -14.76 -20.90 -13.22
C VAL C 482 -14.74 -19.47 -13.73
N ILE C 483 -15.56 -18.59 -13.15
CA ILE C 483 -15.52 -17.18 -13.51
C ILE C 483 -14.14 -16.59 -13.20
N TYR C 484 -13.61 -16.91 -12.02
CA TYR C 484 -12.31 -16.40 -11.62
C TYR C 484 -11.22 -16.85 -12.58
N LEU C 485 -11.26 -18.11 -13.00
CA LEU C 485 -10.23 -18.64 -13.89
C LEU C 485 -10.36 -18.05 -15.30
N GLY C 486 -11.59 -17.86 -15.77
CA GLY C 486 -11.77 -17.15 -17.04
C GLY C 486 -11.15 -15.77 -17.00
N TYR C 487 -11.40 -15.03 -15.92
CA TYR C 487 -10.79 -13.71 -15.78
C TYR C 487 -9.28 -13.81 -15.72
N CYS C 488 -8.75 -14.82 -15.02
CA CYS C 488 -7.31 -15.01 -14.96
C CYS C 488 -6.71 -15.16 -16.35
N PHE C 489 -7.28 -16.06 -17.15
CA PHE C 489 -6.74 -16.31 -18.49
C PHE C 489 -6.84 -15.06 -19.36
N CYS C 490 -8.00 -14.39 -19.33
CA CYS C 490 -8.18 -13.20 -20.16
C CYS C 490 -7.19 -12.11 -19.76
N GLY C 491 -7.05 -11.85 -18.46
CA GLY C 491 -6.14 -10.81 -18.03
C GLY C 491 -4.71 -11.14 -18.36
N TRP C 492 -4.32 -12.40 -18.21
CA TRP C 492 -2.97 -12.81 -18.56
C TRP C 492 -2.68 -12.55 -20.03
N ILE C 493 -3.61 -12.95 -20.91
CA ILE C 493 -3.32 -12.83 -22.33
C ILE C 493 -3.37 -11.38 -22.79
N VAL C 494 -4.28 -10.57 -22.26
CA VAL C 494 -4.48 -9.22 -22.78
C VAL C 494 -3.55 -8.22 -22.10
N LEU C 495 -3.44 -8.25 -20.78
CA LEU C 495 -2.69 -7.25 -20.05
C LEU C 495 -1.25 -7.66 -19.74
N GLY C 496 -0.89 -8.94 -19.94
CA GLY C 496 0.47 -9.38 -19.67
C GLY C 496 1.53 -8.61 -20.41
N PRO C 497 1.32 -8.27 -21.69
CA PRO C 497 2.32 -7.47 -22.42
C PRO C 497 2.51 -6.07 -21.87
N TYR C 498 1.57 -5.55 -21.07
CA TYR C 498 1.62 -4.16 -20.64
C TYR C 498 1.69 -3.95 -19.14
N HIS C 499 1.31 -4.94 -18.32
CA HIS C 499 1.16 -4.78 -16.89
C HIS C 499 2.09 -5.74 -16.16
N VAL C 500 2.89 -5.20 -15.25
CA VAL C 500 3.88 -6.03 -14.55
C VAL C 500 3.20 -7.05 -13.64
N LYS C 501 2.02 -6.73 -13.12
CA LYS C 501 1.30 -7.64 -12.23
C LYS C 501 0.62 -8.78 -12.97
N PHE C 502 0.66 -8.78 -14.31
CA PHE C 502 -0.06 -9.75 -15.12
C PHE C 502 0.88 -10.59 -15.98
N ARG C 503 2.14 -10.73 -15.59
CA ARG C 503 3.12 -11.38 -16.44
C ARG C 503 2.98 -12.90 -16.44
N SER C 504 2.65 -13.50 -15.30
CA SER C 504 2.48 -14.93 -15.19
C SER C 504 1.09 -15.24 -14.65
N LEU C 505 0.64 -16.46 -14.89
CA LEU C 505 -0.70 -16.84 -14.46
C LEU C 505 -0.83 -16.83 -12.94
N SER C 506 0.18 -17.32 -12.24
CA SER C 506 0.14 -17.28 -10.78
C SER C 506 0.15 -15.84 -10.27
N MET C 507 0.92 -14.97 -10.93
CA MET C 507 0.91 -13.55 -10.57
C MET C 507 -0.45 -12.92 -10.84
N VAL C 508 -1.08 -13.29 -11.96
CA VAL C 508 -2.41 -12.77 -12.26
C VAL C 508 -3.40 -13.20 -11.19
N SER C 509 -3.34 -14.46 -10.79
CA SER C 509 -4.23 -14.95 -9.75
C SER C 509 -4.01 -14.20 -8.44
N GLU C 510 -2.75 -13.97 -8.08
CA GLU C 510 -2.46 -13.23 -6.85
C GLU C 510 -3.01 -11.82 -6.93
N CYS C 511 -2.84 -11.15 -8.07
CA CYS C 511 -3.37 -9.80 -8.23
C CYS C 511 -4.89 -9.77 -8.11
N LEU C 512 -5.57 -10.70 -8.79
CA LEU C 512 -7.03 -10.72 -8.76
C LEU C 512 -7.54 -11.04 -7.36
N PHE C 513 -6.88 -11.98 -6.66
CA PHE C 513 -7.28 -12.30 -5.30
C PHE C 513 -7.09 -11.11 -4.38
N SER C 514 -6.00 -10.37 -4.53
CA SER C 514 -5.81 -9.17 -3.71
C SER C 514 -6.86 -8.11 -4.04
N LEU C 515 -7.23 -7.99 -5.31
CA LEU C 515 -8.29 -7.05 -5.68
C LEU C 515 -9.61 -7.42 -5.02
N ILE C 516 -9.94 -8.71 -5.00
CA ILE C 516 -11.19 -9.13 -4.37
C ILE C 516 -11.28 -8.63 -2.95
N ASN C 517 -10.15 -8.54 -2.25
CA ASN C 517 -10.12 -8.15 -0.87
C ASN C 517 -9.75 -6.68 -0.68
N GLY C 518 -9.76 -5.89 -1.76
CA GLY C 518 -9.56 -4.46 -1.67
C GLY C 518 -8.14 -4.05 -1.37
N ASP C 519 -7.15 -4.74 -1.93
CA ASP C 519 -5.75 -4.40 -1.74
C ASP C 519 -5.08 -4.15 -3.07
N ASP C 520 -4.27 -3.09 -3.12
CA ASP C 520 -3.40 -2.79 -4.26
C ASP C 520 -4.21 -2.43 -5.50
N MET C 521 -5.36 -1.79 -5.32
CA MET C 521 -6.27 -1.50 -6.43
C MET C 521 -5.81 -0.30 -7.23
N PHE C 522 -5.50 0.80 -6.55
CA PHE C 522 -5.17 2.03 -7.26
C PHE C 522 -3.88 1.88 -8.05
N VAL C 523 -2.89 1.16 -7.54
CA VAL C 523 -1.65 0.97 -8.29
C VAL C 523 -1.92 0.13 -9.52
N THR C 524 -2.83 -0.84 -9.42
CA THR C 524 -3.22 -1.62 -10.60
C THR C 524 -3.84 -0.72 -11.66
N PHE C 525 -4.70 0.20 -11.25
CA PHE C 525 -5.27 1.15 -12.21
C PHE C 525 -4.21 2.09 -12.77
N ALA C 526 -3.27 2.53 -11.93
CA ALA C 526 -2.28 3.52 -12.34
C ALA C 526 -1.27 2.93 -13.32
N ALA C 527 -0.93 1.65 -13.17
CA ALA C 527 -0.03 1.02 -14.12
C ALA C 527 -0.61 1.10 -15.53
N MET C 528 -1.91 0.88 -15.68
CA MET C 528 -2.55 1.02 -16.97
C MET C 528 -2.68 2.48 -17.38
N GLN C 529 -2.92 3.38 -16.42
CA GLN C 529 -2.92 4.81 -16.73
C GLN C 529 -1.64 5.21 -17.42
N ALA C 530 -0.51 4.67 -16.95
CA ALA C 530 0.78 5.00 -17.53
C ALA C 530 0.91 4.58 -18.99
N GLN C 531 0.01 3.72 -19.48
CA GLN C 531 0.04 3.23 -20.86
C GLN C 531 -1.18 3.65 -21.66
N GLN C 532 -1.97 4.60 -21.17
CA GLN C 532 -3.18 5.01 -21.87
C GLN C 532 -2.86 5.61 -23.23
N GLY C 533 -1.83 6.46 -23.30
CA GLY C 533 -1.51 7.12 -24.56
C GLY C 533 -1.07 6.15 -25.65
N ARG C 534 -0.35 5.10 -25.25
CA ARG C 534 0.19 4.14 -26.22
C ARG C 534 -0.92 3.44 -26.99
N SER C 535 -1.71 2.63 -26.31
CA SER C 535 -2.81 1.87 -26.92
C SER C 535 -4.10 2.22 -26.21
N SER C 536 -5.02 2.87 -26.93
CA SER C 536 -6.29 3.27 -26.33
C SER C 536 -7.23 2.08 -26.19
N LEU C 537 -7.19 1.16 -27.16
CA LEU C 537 -8.05 -0.02 -27.08
C LEU C 537 -7.73 -0.87 -25.87
N VAL C 538 -6.44 -1.10 -25.61
CA VAL C 538 -6.05 -1.91 -24.46
C VAL C 538 -6.41 -1.20 -23.17
N TRP C 539 -6.27 0.13 -23.13
CA TRP C 539 -6.64 0.87 -21.92
C TRP C 539 -8.14 0.79 -21.64
N LEU C 540 -8.96 0.95 -22.69
CA LEU C 540 -10.40 0.81 -22.49
C LEU C 540 -10.76 -0.60 -22.05
N PHE C 541 -10.12 -1.60 -22.67
CA PHE C 541 -10.39 -2.97 -22.26
C PHE C 541 -10.01 -3.18 -20.80
N SER C 542 -8.88 -2.62 -20.37
CA SER C 542 -8.47 -2.78 -18.99
C SER C 542 -9.46 -2.11 -18.04
N GLN C 543 -9.98 -0.95 -18.42
CA GLN C 543 -11.02 -0.31 -17.61
C GLN C 543 -12.22 -1.23 -17.44
N LEU C 544 -12.75 -1.74 -18.55
CA LEU C 544 -13.91 -2.63 -18.46
C LEU C 544 -13.57 -3.85 -17.63
N TYR C 545 -12.40 -4.44 -17.86
CA TYR C 545 -12.01 -5.69 -17.21
C TYR C 545 -11.92 -5.50 -15.70
N LEU C 546 -11.17 -4.50 -15.25
CA LEU C 546 -10.97 -4.29 -13.82
C LEU C 546 -12.27 -3.88 -13.15
N TYR C 547 -13.01 -2.92 -13.72
CA TYR C 547 -14.22 -2.46 -13.06
C TYR C 547 -15.24 -3.59 -12.96
N SER C 548 -15.44 -4.35 -14.04
CA SER C 548 -16.41 -5.44 -14.00
C SER C 548 -16.00 -6.50 -12.99
N PHE C 549 -14.72 -6.90 -13.00
CA PHE C 549 -14.28 -7.95 -12.07
C PHE C 549 -14.50 -7.51 -10.63
N ILE C 550 -14.04 -6.30 -10.29
CA ILE C 550 -14.13 -5.85 -8.90
C ILE C 550 -15.57 -5.70 -8.48
N SER C 551 -16.40 -5.08 -9.33
CA SER C 551 -17.80 -4.90 -8.99
C SER C 551 -18.49 -6.24 -8.76
N LEU C 552 -18.29 -7.18 -9.69
CA LEU C 552 -18.93 -8.49 -9.57
C LEU C 552 -18.50 -9.18 -8.29
N PHE C 553 -17.21 -9.21 -8.01
CA PHE C 553 -16.74 -10.03 -6.91
C PHE C 553 -16.93 -9.39 -5.55
N ILE C 554 -17.03 -8.07 -5.46
CA ILE C 554 -17.23 -7.45 -4.16
C ILE C 554 -18.71 -7.22 -3.87
N TYR C 555 -19.50 -6.79 -4.85
CA TYR C 555 -20.90 -6.47 -4.55
C TYR C 555 -21.77 -7.71 -4.47
N MET C 556 -21.43 -8.78 -5.18
CA MET C 556 -22.30 -9.95 -5.29
C MET C 556 -21.73 -11.22 -4.68
N VAL C 557 -20.45 -11.52 -4.89
CA VAL C 557 -19.89 -12.79 -4.44
C VAL C 557 -19.69 -12.80 -2.92
N LEU C 558 -18.97 -11.80 -2.41
CA LEU C 558 -18.74 -11.73 -0.96
C LEU C 558 -20.06 -11.55 -0.22
N SER C 559 -21.00 -10.81 -0.81
CA SER C 559 -22.32 -10.67 -0.22
C SER C 559 -22.99 -12.03 -0.08
N LEU C 560 -22.85 -12.89 -1.09
CA LEU C 560 -23.46 -14.21 -0.99
C LEU C 560 -22.76 -15.09 0.04
N PHE C 561 -21.44 -14.96 0.19
CA PHE C 561 -20.77 -15.67 1.27
C PHE C 561 -21.36 -15.26 2.63
N ILE C 562 -21.53 -13.95 2.82
CA ILE C 562 -22.15 -13.46 4.06
C ILE C 562 -23.55 -14.04 4.23
N ALA C 563 -24.33 -14.06 3.15
CA ALA C 563 -25.69 -14.58 3.24
C ALA C 563 -25.71 -16.06 3.61
N LEU C 564 -24.80 -16.85 3.04
CA LEU C 564 -24.74 -18.26 3.37
C LEU C 564 -24.41 -18.47 4.84
N ILE C 565 -23.44 -17.73 5.36
CA ILE C 565 -23.09 -17.87 6.77
C ILE C 565 -24.24 -17.44 7.66
N THR C 566 -24.92 -16.34 7.31
CA THR C 566 -26.03 -15.86 8.11
C THR C 566 -27.19 -16.85 8.11
N GLY C 567 -27.47 -17.45 6.95
CA GLY C 567 -28.51 -18.47 6.91
C GLY C 567 -28.17 -19.69 7.74
N ALA C 568 -26.92 -20.13 7.69
CA ALA C 568 -26.51 -21.24 8.54
C ALA C 568 -26.67 -20.88 10.01
N TYR C 569 -26.27 -19.67 10.40
CA TYR C 569 -26.39 -19.27 11.79
C TYR C 569 -27.84 -19.24 12.24
N ASP C 570 -28.73 -18.71 11.39
CA ASP C 570 -30.15 -18.71 11.74
C ASP C 570 -30.72 -20.10 11.82
N THR C 571 -30.25 -21.02 10.98
CA THR C 571 -30.68 -22.42 11.09
C THR C 571 -30.22 -23.02 12.41
N ILE C 572 -29.00 -22.72 12.83
CA ILE C 572 -28.47 -23.31 14.06
C ILE C 572 -29.23 -22.79 15.28
N LYS C 573 -29.59 -21.51 15.28
CA LYS C 573 -30.24 -20.88 16.41
C LYS C 573 -31.71 -21.25 16.53
N HIS C 574 -32.19 -22.23 15.77
CA HIS C 574 -33.57 -22.65 15.83
C HIS C 574 -33.69 -24.16 15.63
N ASP D 88 -49.86 -33.64 -28.78
CA ASP D 88 -49.35 -33.25 -30.09
C ASP D 88 -48.20 -32.26 -29.94
N LEU D 89 -48.49 -31.13 -29.31
CA LEU D 89 -47.50 -30.08 -29.08
C LEU D 89 -46.95 -30.08 -27.67
N ARG D 90 -47.76 -30.45 -26.68
CA ARG D 90 -47.29 -30.40 -25.29
C ARG D 90 -46.09 -31.31 -25.08
N ARG D 91 -46.11 -32.49 -25.70
CA ARG D 91 -44.96 -33.40 -25.57
C ARG D 91 -43.70 -32.77 -26.16
N ARG D 92 -43.82 -32.14 -27.33
CA ARG D 92 -42.65 -31.51 -27.94
C ARG D 92 -42.12 -30.39 -27.08
N LEU D 93 -43.01 -29.53 -26.56
CA LEU D 93 -42.56 -28.44 -25.71
C LEU D 93 -41.90 -28.98 -24.44
N LYS D 94 -42.47 -30.03 -23.85
CA LYS D 94 -41.86 -30.62 -22.66
C LYS D 94 -40.48 -31.15 -22.96
N TYR D 95 -40.31 -31.82 -24.11
CA TYR D 95 -38.98 -32.32 -24.47
C TYR D 95 -38.01 -31.16 -24.68
N PHE D 96 -38.48 -30.08 -25.30
CA PHE D 96 -37.61 -28.95 -25.59
C PHE D 96 -37.03 -28.36 -24.31
N PHE D 97 -37.86 -28.20 -23.29
CA PHE D 97 -37.43 -27.64 -22.01
C PHE D 97 -37.12 -28.76 -21.01
N MET D 98 -36.10 -29.56 -21.33
CA MET D 98 -35.68 -30.65 -20.45
C MET D 98 -34.17 -30.67 -20.35
N SER D 99 -33.68 -31.20 -19.23
CA SER D 99 -32.26 -31.26 -18.96
C SER D 99 -31.60 -32.31 -19.85
N PRO D 100 -30.28 -32.22 -20.05
CA PRO D 100 -29.62 -33.18 -20.94
C PRO D 100 -29.79 -34.62 -20.51
N CYS D 101 -29.73 -34.90 -19.21
CA CYS D 101 -29.85 -36.27 -18.74
C CYS D 101 -31.26 -36.80 -19.00
N ASP D 102 -32.27 -36.05 -18.61
CA ASP D 102 -33.64 -36.48 -18.86
C ASP D 102 -33.95 -36.51 -20.35
N LYS D 103 -33.35 -35.61 -21.13
CA LYS D 103 -33.50 -35.69 -22.59
C LYS D 103 -32.95 -37.01 -23.12
N PHE D 104 -31.78 -37.42 -22.62
CA PHE D 104 -31.20 -38.68 -23.03
C PHE D 104 -32.10 -39.85 -22.65
N ARG D 105 -32.67 -39.81 -21.45
CA ARG D 105 -33.63 -40.84 -21.07
C ARG D 105 -34.82 -40.86 -22.01
N ALA D 106 -35.32 -39.67 -22.38
CA ALA D 106 -36.53 -39.59 -23.19
C ALA D 106 -36.32 -40.15 -24.58
N LYS D 107 -35.23 -39.74 -25.26
CA LYS D 107 -35.04 -40.10 -26.65
C LYS D 107 -33.74 -40.84 -26.92
N GLY D 108 -32.87 -41.00 -25.93
CA GLY D 108 -31.67 -41.80 -26.10
C GLY D 108 -30.70 -41.24 -27.13
N ARG D 109 -30.90 -39.99 -27.52
CA ARG D 109 -30.03 -39.38 -28.51
C ARG D 109 -28.64 -39.14 -27.93
N LYS D 110 -27.66 -38.99 -28.81
CA LYS D 110 -26.28 -38.80 -28.37
C LYS D 110 -26.07 -37.37 -27.90
N PRO D 111 -25.52 -37.17 -26.68
CA PRO D 111 -25.23 -35.80 -26.21
C PRO D 111 -23.95 -35.25 -26.81
N CYS D 112 -23.93 -35.12 -28.13
CA CYS D 112 -22.72 -34.69 -28.81
C CYS D 112 -22.30 -33.29 -28.38
N LYS D 113 -23.28 -32.40 -28.21
CA LYS D 113 -22.95 -31.00 -27.95
C LYS D 113 -22.20 -30.84 -26.63
N LEU D 114 -22.55 -31.61 -25.61
CA LEU D 114 -21.94 -31.43 -24.30
C LEU D 114 -20.45 -31.80 -24.33
N MET D 115 -20.13 -32.99 -24.85
CA MET D 115 -18.73 -33.37 -24.96
C MET D 115 -18.00 -32.46 -25.94
N LEU D 116 -18.71 -31.95 -26.96
CA LEU D 116 -18.10 -30.97 -27.84
C LEU D 116 -17.71 -29.71 -27.09
N GLN D 117 -18.57 -29.24 -26.19
CA GLN D 117 -18.23 -28.06 -25.39
C GLN D 117 -17.07 -28.33 -24.45
N VAL D 118 -17.01 -29.54 -23.88
CA VAL D 118 -15.87 -29.89 -23.02
C VAL D 118 -14.58 -29.82 -23.83
N VAL D 119 -14.57 -30.46 -25.00
CA VAL D 119 -13.38 -30.44 -25.85
C VAL D 119 -13.04 -29.02 -26.26
N LYS D 120 -14.06 -28.20 -26.54
CA LYS D 120 -13.83 -26.83 -26.95
C LYS D 120 -13.15 -26.05 -25.84
N ILE D 121 -13.63 -26.21 -24.61
CA ILE D 121 -12.99 -25.53 -23.48
C ILE D 121 -11.53 -25.94 -23.40
N LEU D 122 -11.27 -27.25 -23.49
CA LEU D 122 -9.90 -27.73 -23.37
C LEU D 122 -8.99 -27.13 -24.45
N VAL D 123 -9.40 -27.22 -25.72
CA VAL D 123 -8.53 -26.79 -26.81
C VAL D 123 -8.37 -25.27 -26.81
N VAL D 124 -9.45 -24.54 -26.51
CA VAL D 124 -9.35 -23.08 -26.47
C VAL D 124 -8.39 -22.65 -25.37
N THR D 125 -8.47 -23.26 -24.19
CA THR D 125 -7.55 -22.92 -23.11
C THR D 125 -6.11 -23.25 -23.50
N VAL D 126 -5.90 -24.43 -24.12
CA VAL D 126 -4.55 -24.81 -24.51
C VAL D 126 -3.98 -23.82 -25.53
N GLN D 127 -4.80 -23.44 -26.51
CA GLN D 127 -4.36 -22.48 -27.51
C GLN D 127 -4.00 -21.14 -26.86
N LEU D 128 -4.83 -20.67 -25.93
CA LEU D 128 -4.54 -19.39 -25.29
C LEU D 128 -3.25 -19.47 -24.50
N ILE D 129 -3.02 -20.58 -23.81
CA ILE D 129 -1.79 -20.71 -23.02
C ILE D 129 -0.57 -20.70 -23.92
N LEU D 130 -0.62 -21.46 -25.02
CA LEU D 130 0.52 -21.49 -25.94
C LEU D 130 0.76 -20.10 -26.54
N PHE D 131 -0.30 -19.41 -26.94
CA PHE D 131 -0.15 -18.09 -27.52
C PHE D 131 0.47 -17.12 -26.51
N GLY D 132 0.01 -17.16 -25.26
CA GLY D 132 0.56 -16.26 -24.26
C GLY D 132 2.02 -16.55 -23.97
N LEU D 133 2.38 -17.83 -23.87
CA LEU D 133 3.79 -18.18 -23.65
C LEU D 133 4.65 -17.68 -24.80
N SER D 134 4.17 -17.80 -26.03
CA SER D 134 4.93 -17.30 -27.17
C SER D 134 5.05 -15.77 -27.14
N ASN D 135 3.99 -15.07 -26.75
CA ASN D 135 4.03 -13.61 -26.75
C ASN D 135 4.92 -13.06 -25.65
N GLN D 136 5.01 -13.77 -24.52
CA GLN D 136 5.83 -13.29 -23.41
C GLN D 136 7.27 -13.11 -23.84
N LEU D 137 7.81 -14.05 -24.61
CA LEU D 137 9.21 -13.97 -25.03
C LEU D 137 9.45 -12.73 -25.89
N ALA D 138 8.57 -12.47 -26.84
CA ALA D 138 8.73 -11.30 -27.69
C ALA D 138 8.63 -10.00 -26.90
N VAL D 139 7.68 -9.95 -25.97
CA VAL D 139 7.52 -8.76 -25.14
C VAL D 139 8.79 -8.51 -24.33
N THR D 140 9.33 -9.57 -23.73
CA THR D 140 10.55 -9.44 -22.95
C THR D 140 11.72 -9.00 -23.82
N PHE D 141 11.85 -9.55 -25.01
CA PHE D 141 12.93 -9.15 -25.91
C PHE D 141 12.86 -7.66 -26.22
N ARG D 142 11.66 -7.19 -26.58
CA ARG D 142 11.50 -5.77 -26.89
C ARG D 142 11.82 -4.90 -25.69
N GLU D 143 11.31 -5.28 -24.51
CA GLU D 143 11.52 -4.46 -23.32
C GLU D 143 13.00 -4.41 -22.92
N GLU D 144 13.68 -5.55 -22.98
CA GLU D 144 15.10 -5.56 -22.63
C GLU D 144 15.92 -4.74 -23.61
N ASN D 145 15.62 -4.85 -24.90
CA ASN D 145 16.32 -4.01 -25.88
C ASN D 145 16.09 -2.53 -25.60
N THR D 146 14.86 -2.15 -25.26
CA THR D 146 14.56 -0.74 -25.03
C THR D 146 15.27 -0.22 -23.78
N ILE D 147 15.33 -1.03 -22.73
CA ILE D 147 16.07 -0.64 -21.53
C ILE D 147 17.55 -0.47 -21.86
N ALA D 148 18.11 -1.39 -22.64
CA ALA D 148 19.50 -1.26 -23.07
C ALA D 148 19.70 0.04 -23.85
N PHE D 149 18.75 0.38 -24.72
CA PHE D 149 18.86 1.63 -25.48
C PHE D 149 18.84 2.85 -24.56
N ARG D 150 17.98 2.82 -23.54
CA ARG D 150 17.94 3.95 -22.61
C ARG D 150 19.27 4.09 -21.88
N HIS D 151 19.87 2.99 -21.48
CA HIS D 151 21.17 3.07 -20.82
C HIS D 151 22.27 3.50 -21.79
N LEU D 152 22.15 3.13 -23.06
CA LEU D 152 23.19 3.44 -24.03
C LEU D 152 23.14 4.89 -24.49
N PHE D 153 21.96 5.46 -24.70
CA PHE D 153 21.81 6.70 -25.41
C PHE D 153 21.42 7.90 -24.56
N LEU D 154 20.90 7.69 -23.36
CA LEU D 154 20.48 8.78 -22.50
C LEU D 154 21.57 9.06 -21.48
N LEU D 155 22.09 10.29 -21.49
CA LEU D 155 23.22 10.65 -20.64
C LEU D 155 22.78 10.76 -19.19
N GLY D 156 23.43 10.02 -18.31
CA GLY D 156 23.09 10.05 -16.91
C GLY D 156 21.79 9.37 -16.56
N TYR D 157 21.34 8.44 -17.37
CA TYR D 157 20.09 7.74 -17.11
C TYR D 157 20.28 6.64 -16.08
N SER D 158 19.27 6.44 -15.25
CA SER D 158 19.26 5.34 -14.29
C SER D 158 17.85 4.79 -14.20
N ASP D 159 17.74 3.53 -13.80
CA ASP D 159 16.44 2.87 -13.75
C ASP D 159 15.54 3.54 -12.74
N GLY D 160 14.26 3.64 -13.09
CA GLY D 160 13.28 4.31 -12.26
C GLY D 160 13.19 5.80 -12.44
N ALA D 161 13.99 6.38 -13.33
CA ALA D 161 14.00 7.82 -13.56
C ALA D 161 13.19 8.23 -14.79
N ASP D 162 12.45 7.30 -15.39
CA ASP D 162 11.78 7.59 -16.65
C ASP D 162 10.86 8.80 -16.54
N ASP D 163 10.09 8.89 -15.45
CA ASP D 163 9.07 9.90 -15.32
C ASP D 163 9.62 11.29 -14.97
N THR D 164 10.85 11.38 -14.48
CA THR D 164 11.43 12.65 -14.08
C THR D 164 12.65 13.04 -14.90
N PHE D 165 13.12 12.18 -15.80
CA PHE D 165 14.31 12.47 -16.58
C PHE D 165 14.10 13.71 -17.45
N ALA D 166 14.91 14.75 -17.21
CA ALA D 166 14.71 16.02 -17.88
C ALA D 166 16.01 16.80 -17.88
N ALA D 167 16.07 17.81 -18.75
CA ALA D 167 17.17 18.76 -18.79
C ALA D 167 16.68 20.12 -18.28
N TYR D 168 17.59 20.87 -17.66
CA TYR D 168 17.26 22.15 -17.06
C TYR D 168 18.17 23.29 -17.48
N THR D 169 19.28 23.01 -18.15
CA THR D 169 20.16 24.05 -18.64
C THR D 169 20.48 23.79 -20.10
N ARG D 170 20.90 24.85 -20.79
CA ARG D 170 21.28 24.71 -22.20
C ARG D 170 22.44 23.75 -22.35
N GLU D 171 23.41 23.82 -21.43
CA GLU D 171 24.54 22.91 -21.46
C GLU D 171 24.08 21.46 -21.30
N GLN D 172 23.15 21.21 -20.38
CA GLN D 172 22.64 19.85 -20.19
C GLN D 172 21.99 19.33 -21.47
N LEU D 173 21.18 20.16 -22.12
CA LEU D 173 20.51 19.72 -23.34
C LEU D 173 21.50 19.41 -24.45
N TYR D 174 22.46 20.31 -24.66
CA TYR D 174 23.48 20.04 -25.67
C TYR D 174 24.24 18.76 -25.37
N GLN D 175 24.62 18.57 -24.11
CA GLN D 175 25.38 17.37 -23.76
C GLN D 175 24.57 16.11 -24.00
N ALA D 176 23.29 16.13 -23.65
CA ALA D 176 22.45 14.96 -23.87
C ALA D 176 22.34 14.65 -25.37
N ILE D 177 22.10 15.66 -26.19
CA ILE D 177 21.95 15.43 -27.62
C ILE D 177 23.22 14.87 -28.22
N PHE D 178 24.36 15.51 -27.91
CA PHE D 178 25.61 15.06 -28.48
C PHE D 178 26.00 13.68 -27.98
N HIS D 179 25.70 13.38 -26.71
CA HIS D 179 25.99 12.06 -26.18
C HIS D 179 25.19 10.99 -26.92
N ALA D 180 23.91 11.26 -27.19
CA ALA D 180 23.12 10.28 -27.93
C ALA D 180 23.70 10.04 -29.32
N VAL D 181 24.08 11.12 -30.02
CA VAL D 181 24.62 10.92 -31.37
C VAL D 181 25.97 10.19 -31.33
N ASP D 182 26.83 10.54 -30.38
CA ASP D 182 28.12 9.89 -30.28
C ASP D 182 27.98 8.41 -29.95
N GLN D 183 27.03 8.07 -29.07
CA GLN D 183 26.81 6.67 -28.75
C GLN D 183 26.25 5.92 -29.94
N TYR D 184 25.38 6.56 -30.72
CA TYR D 184 24.92 5.93 -31.97
C TYR D 184 26.10 5.63 -32.88
N LEU D 185 27.06 6.55 -32.97
CA LEU D 185 28.19 6.33 -33.86
C LEU D 185 29.17 5.30 -33.30
N ALA D 186 29.24 5.15 -31.98
CA ALA D 186 30.16 4.20 -31.35
C ALA D 186 29.54 2.84 -31.09
N LEU D 187 28.25 2.66 -31.37
CA LEU D 187 27.55 1.44 -31.00
C LEU D 187 28.27 0.14 -31.37
N PRO D 188 28.85 -0.02 -32.55
CA PRO D 188 29.44 -1.32 -32.89
C PRO D 188 30.54 -1.77 -31.93
N ASP D 189 31.30 -0.85 -31.36
CA ASP D 189 32.42 -1.19 -30.52
C ASP D 189 32.08 -1.21 -29.03
N VAL D 190 30.90 -0.75 -28.62
CA VAL D 190 30.61 -0.60 -27.21
CA VAL D 190 30.57 -0.55 -27.23
C VAL D 190 29.44 -1.46 -26.78
N SER D 191 28.47 -1.71 -27.66
CA SER D 191 27.26 -2.39 -27.25
C SER D 191 27.51 -3.88 -26.99
N LEU D 192 26.76 -4.41 -26.03
CA LEU D 192 26.76 -5.86 -25.79
C LEU D 192 25.86 -6.60 -26.77
N GLY D 193 24.90 -5.91 -27.40
CA GLY D 193 24.12 -6.50 -28.46
C GLY D 193 24.79 -6.34 -29.80
N ARG D 194 24.25 -7.03 -30.80
CA ARG D 194 24.71 -6.96 -32.17
C ARG D 194 23.65 -6.26 -33.00
N TYR D 195 23.96 -5.06 -33.50
CA TYR D 195 23.00 -4.25 -34.22
C TYR D 195 23.58 -3.86 -35.58
N ALA D 196 22.70 -3.76 -36.56
CA ALA D 196 23.06 -3.27 -37.88
C ALA D 196 22.37 -1.94 -38.13
N TYR D 197 23.03 -1.08 -38.89
CA TYR D 197 22.49 0.23 -39.23
C TYR D 197 21.52 0.11 -40.40
N VAL D 198 20.53 1.00 -40.41
CA VAL D 198 19.57 1.13 -41.50
C VAL D 198 19.72 2.52 -42.09
N ARG D 199 19.82 2.60 -43.41
CA ARG D 199 20.00 3.86 -44.12
C ARG D 199 18.79 4.14 -45.00
N GLY D 200 18.48 5.42 -45.14
CA GLY D 200 17.44 5.86 -46.04
C GLY D 200 16.07 5.34 -45.64
N GLY D 201 15.22 5.15 -46.66
CA GLY D 201 13.91 4.57 -46.43
C GLY D 201 12.85 5.58 -46.08
N GLY D 202 12.86 6.73 -46.75
CA GLY D 202 11.86 7.75 -46.52
C GLY D 202 12.22 8.66 -45.36
N ASP D 203 11.27 9.53 -45.04
CA ASP D 203 11.48 10.53 -44.01
C ASP D 203 11.50 9.89 -42.64
N PRO D 204 12.17 10.53 -41.67
CA PRO D 204 12.88 11.81 -41.76
C PRO D 204 14.28 11.66 -42.36
N TRP D 205 14.64 10.48 -42.81
CA TRP D 205 15.99 10.21 -43.29
C TRP D 205 16.09 10.51 -44.77
N THR D 206 17.20 11.13 -45.15
CA THR D 206 17.57 11.19 -46.57
C THR D 206 18.24 9.88 -46.97
N ASN D 207 18.54 9.76 -48.26
CA ASN D 207 19.21 8.55 -48.73
C ASN D 207 20.61 8.49 -48.16
N GLY D 208 20.99 7.31 -47.68
CA GLY D 208 22.30 7.11 -47.11
C GLY D 208 22.47 7.64 -45.70
N SER D 209 21.40 8.12 -45.06
CA SER D 209 21.47 8.69 -43.73
C SER D 209 20.86 7.71 -42.73
N GLY D 210 21.58 7.48 -41.63
CA GLY D 210 21.12 6.58 -40.61
C GLY D 210 20.40 7.27 -39.47
N LEU D 211 20.89 8.44 -39.06
CA LEU D 211 20.34 9.16 -37.93
C LEU D 211 19.84 10.54 -38.38
N ALA D 212 18.65 10.91 -37.93
CA ALA D 212 18.07 12.21 -38.21
C ALA D 212 17.95 12.98 -36.90
N LEU D 213 18.56 14.16 -36.84
CA LEU D 213 18.56 15.02 -35.67
C LEU D 213 17.79 16.29 -36.05
N CYS D 214 16.54 16.37 -35.65
CA CYS D 214 15.64 17.40 -36.15
C CYS D 214 15.18 18.30 -35.01
N GLN D 215 15.26 19.62 -35.21
CA GLN D 215 14.74 20.59 -34.26
C GLN D 215 13.56 21.33 -34.88
N ARG D 216 12.49 21.48 -34.10
CA ARG D 216 11.26 22.11 -34.52
C ARG D 216 11.00 23.34 -33.67
N TYR D 217 10.78 24.48 -34.34
CA TYR D 217 10.58 25.76 -33.68
C TYR D 217 9.58 26.60 -34.47
N TYR D 218 9.01 27.60 -33.80
CA TYR D 218 8.02 28.44 -34.46
C TYR D 218 8.62 29.22 -35.62
N HIS D 219 7.80 29.44 -36.65
CA HIS D 219 8.28 30.15 -37.85
C HIS D 219 8.77 31.55 -37.49
N ARG D 220 7.98 32.29 -36.72
CA ARG D 220 8.38 33.59 -36.21
C ARG D 220 8.10 33.62 -34.71
N GLY D 221 9.13 33.84 -33.92
CA GLY D 221 8.95 33.98 -32.49
C GLY D 221 9.74 35.13 -31.93
N HIS D 222 9.04 36.13 -31.40
CA HIS D 222 9.66 37.21 -30.64
C HIS D 222 8.96 37.26 -29.30
N VAL D 223 9.72 36.98 -28.24
CA VAL D 223 9.20 36.91 -26.88
C VAL D 223 9.99 37.90 -26.04
N ASP D 224 9.31 38.92 -25.51
CA ASP D 224 9.92 39.95 -24.69
C ASP D 224 9.13 40.02 -23.40
N PRO D 225 9.39 39.11 -22.45
CA PRO D 225 8.71 39.21 -21.16
C PRO D 225 9.02 40.49 -20.41
N ALA D 226 10.16 41.12 -20.70
CA ALA D 226 10.49 42.39 -20.06
C ALA D 226 9.45 43.45 -20.39
N ASN D 227 9.00 43.49 -21.64
CA ASN D 227 8.00 44.46 -22.08
C ASN D 227 6.61 43.87 -22.17
N ASP D 228 6.41 42.65 -21.68
CA ASP D 228 5.12 41.97 -21.76
C ASP D 228 4.63 41.94 -23.20
N THR D 229 5.52 41.56 -24.11
CA THR D 229 5.26 41.63 -25.54
C THR D 229 5.61 40.31 -26.20
N PHE D 230 4.86 39.97 -27.25
CA PHE D 230 5.24 38.83 -28.05
C PHE D 230 4.60 38.93 -29.43
N ASP D 231 5.33 38.44 -30.42
CA ASP D 231 4.88 38.33 -31.80
C ASP D 231 5.18 36.91 -32.26
N ILE D 232 4.13 36.10 -32.42
CA ILE D 232 4.28 34.68 -32.68
C ILE D 232 3.50 34.31 -33.93
N ASP D 233 4.16 33.60 -34.84
CA ASP D 233 3.49 32.89 -35.93
C ASP D 233 3.55 31.40 -35.59
N PRO D 234 2.44 30.79 -35.16
CA PRO D 234 2.52 29.41 -34.62
C PRO D 234 2.88 28.34 -35.63
N MET D 235 3.11 28.68 -36.90
CA MET D 235 3.54 27.67 -37.87
C MET D 235 4.88 27.09 -37.46
N VAL D 236 4.98 25.76 -37.47
CA VAL D 236 6.17 25.06 -37.00
C VAL D 236 7.10 24.80 -38.17
N VAL D 237 8.37 25.10 -37.98
CA VAL D 237 9.43 24.86 -38.96
C VAL D 237 10.33 23.76 -38.42
N THR D 238 10.67 22.82 -39.30
CA THR D 238 11.55 21.70 -38.98
C THR D 238 12.87 21.86 -39.71
N ASP D 239 13.96 21.83 -38.97
CA ASP D 239 15.31 21.87 -39.53
C ASP D 239 16.05 20.64 -39.00
N CYS D 240 16.55 19.81 -39.91
CA CYS D 240 16.98 18.49 -39.46
C CYS D 240 18.29 18.11 -40.14
N ILE D 241 19.26 17.70 -39.33
CA ILE D 241 20.59 17.29 -39.75
C ILE D 241 20.61 15.79 -39.95
N GLN D 242 21.38 15.33 -40.94
CA GLN D 242 21.45 13.92 -41.27
C GLN D 242 22.86 13.41 -40.98
N VAL D 243 22.95 12.28 -40.28
CA VAL D 243 24.21 11.66 -39.90
C VAL D 243 24.26 10.29 -40.53
N ASP D 244 25.30 10.03 -41.31
CA ASP D 244 25.55 8.70 -41.86
C ASP D 244 26.38 7.87 -40.89
N PRO D 245 26.00 6.63 -40.61
CA PRO D 245 26.82 5.80 -39.74
C PRO D 245 28.16 5.50 -40.39
N PRO D 246 29.16 5.15 -39.61
CA PRO D 246 30.49 4.87 -40.18
C PRO D 246 30.52 3.48 -40.81
N GLU D 247 31.70 3.12 -41.32
CA GLU D 247 31.88 1.80 -41.91
C GLU D 247 33.29 1.27 -41.66
N SER D 264 31.82 16.03 -38.16
CA SER D 264 30.83 16.27 -37.11
C SER D 264 29.99 17.50 -37.43
N SER D 265 29.19 17.42 -38.50
CA SER D 265 28.29 18.51 -38.82
C SER D 265 27.19 18.65 -37.78
N TYR D 266 26.87 17.57 -37.07
CA TYR D 266 25.87 17.66 -36.00
C TYR D 266 26.42 18.42 -34.80
N LYS D 267 27.74 18.43 -34.63
CA LYS D 267 28.35 19.17 -33.53
C LYS D 267 28.18 20.67 -33.68
N ASN D 268 27.79 21.15 -34.86
CA ASN D 268 27.54 22.55 -35.11
C ASN D 268 26.08 22.93 -34.88
N LEU D 269 25.28 22.04 -34.31
CA LEU D 269 23.88 22.33 -34.06
C LEU D 269 23.75 23.55 -33.16
N THR D 270 22.83 24.45 -33.52
CA THR D 270 22.53 25.64 -32.74
C THR D 270 21.02 25.66 -32.49
N LEU D 271 20.62 25.62 -31.23
CA LEU D 271 19.21 25.52 -30.87
C LEU D 271 18.61 26.91 -30.72
N LYS D 272 17.39 27.07 -31.25
CA LYS D 272 16.63 28.31 -31.11
C LYS D 272 15.78 28.18 -29.84
N PHE D 273 16.44 28.44 -28.70
CA PHE D 273 15.85 28.10 -27.42
C PHE D 273 14.54 28.83 -27.17
N HIS D 274 14.47 30.11 -27.55
CA HIS D 274 13.28 30.89 -27.21
C HIS D 274 12.05 30.46 -28.00
N LYS D 275 12.24 29.94 -29.21
CA LYS D 275 11.13 29.51 -30.06
C LYS D 275 11.12 28.00 -30.27
N LEU D 276 11.90 27.25 -29.49
CA LEU D 276 12.04 25.82 -29.71
C LEU D 276 10.77 25.08 -29.30
N VAL D 277 10.26 24.24 -30.19
CA VAL D 277 9.13 23.38 -29.87
C VAL D 277 9.61 22.02 -29.37
N ASN D 278 10.49 21.37 -30.11
CA ASN D 278 11.10 20.15 -29.57
C ASN D 278 12.32 19.78 -30.40
N VAL D 279 13.04 18.77 -29.91
CA VAL D 279 14.14 18.15 -30.63
C VAL D 279 13.89 16.66 -30.65
N THR D 280 14.17 16.03 -31.79
CA THR D 280 13.99 14.59 -31.94
C THR D 280 15.21 13.98 -32.60
N ILE D 281 15.53 12.77 -32.18
CA ILE D 281 16.56 11.94 -32.81
C ILE D 281 15.88 10.66 -33.25
N HIS D 282 15.98 10.35 -34.54
CA HIS D 282 15.37 9.16 -35.13
C HIS D 282 16.47 8.29 -35.70
N PHE D 283 16.43 7.00 -35.39
CA PHE D 283 17.27 6.06 -36.11
C PHE D 283 16.68 4.67 -36.00
N ARG D 284 17.25 3.73 -36.75
CA ARG D 284 16.77 2.36 -36.79
C ARG D 284 17.94 1.41 -36.60
N LEU D 285 17.69 0.30 -35.91
CA LEU D 285 18.69 -0.72 -35.65
C LEU D 285 18.10 -2.09 -35.95
N LYS D 286 18.84 -2.90 -36.70
CA LYS D 286 18.41 -4.26 -37.02
C LYS D 286 19.14 -5.25 -36.12
N THR D 287 18.40 -6.19 -35.56
CA THR D 287 18.96 -7.23 -34.71
C THR D 287 18.25 -8.54 -35.00
N ILE D 288 18.83 -9.63 -34.49
CA ILE D 288 18.28 -10.96 -34.65
C ILE D 288 17.96 -11.51 -33.27
N ASN D 289 16.74 -12.03 -33.11
CA ASN D 289 16.28 -12.57 -31.83
C ASN D 289 16.77 -14.00 -31.68
N LEU D 290 17.97 -14.16 -31.11
CA LEU D 290 18.54 -15.49 -30.94
C LEU D 290 17.85 -16.26 -29.83
N GLN D 291 17.38 -15.58 -28.79
CA GLN D 291 16.78 -16.30 -27.67
C GLN D 291 15.51 -17.03 -28.07
N SER D 292 15.02 -16.82 -29.29
CA SER D 292 13.94 -17.66 -29.82
C SER D 292 14.30 -19.13 -29.72
N LEU D 293 15.59 -19.46 -29.89
CA LEU D 293 16.02 -20.85 -29.80
C LEU D 293 15.68 -21.47 -28.45
N ILE D 294 15.50 -20.65 -27.42
CA ILE D 294 15.13 -21.20 -26.11
C ILE D 294 13.78 -21.89 -26.21
N ASN D 295 12.84 -21.32 -26.96
CA ASN D 295 11.53 -21.91 -27.12
C ASN D 295 11.47 -22.89 -28.29
N ASN D 296 12.60 -23.15 -28.95
CA ASN D 296 12.74 -24.08 -30.07
C ASN D 296 12.26 -23.47 -31.38
N GLU D 297 11.84 -22.22 -31.40
CA GLU D 297 11.38 -21.59 -32.63
C GLU D 297 12.59 -21.23 -33.50
N ILE D 298 12.35 -20.52 -34.58
CA ILE D 298 13.41 -20.03 -35.46
C ILE D 298 13.58 -18.53 -35.20
N PRO D 299 14.82 -18.04 -35.05
CA PRO D 299 15.01 -16.61 -34.81
C PRO D 299 14.37 -15.77 -35.92
N ASP D 300 13.81 -14.64 -35.53
CA ASP D 300 13.25 -13.67 -36.44
C ASP D 300 14.03 -12.37 -36.38
N CYS D 301 13.85 -11.53 -37.39
CA CYS D 301 14.64 -10.33 -37.57
C CYS D 301 13.85 -9.12 -37.11
N TYR D 302 14.39 -8.39 -36.13
CA TYR D 302 13.74 -7.21 -35.59
C TYR D 302 14.38 -5.95 -36.16
N THR D 303 13.54 -4.98 -36.51
CA THR D 303 13.98 -3.62 -36.77
C THR D 303 13.39 -2.73 -35.69
N PHE D 304 14.24 -2.14 -34.88
CA PHE D 304 13.84 -1.22 -33.83
C PHE D 304 13.94 0.19 -34.37
N SER D 305 12.81 0.89 -34.41
CA SER D 305 12.78 2.31 -34.71
C SER D 305 12.85 3.07 -33.39
N VAL D 306 13.95 3.78 -33.17
CA VAL D 306 14.22 4.48 -31.93
C VAL D 306 13.98 5.96 -32.14
N LEU D 307 13.17 6.55 -31.25
CA LEU D 307 12.88 7.97 -31.23
C LEU D 307 13.23 8.52 -29.86
N ILE D 308 14.12 9.51 -29.82
CA ILE D 308 14.49 10.20 -28.60
C ILE D 308 13.91 11.61 -28.69
N THR D 309 13.10 11.99 -27.72
CA THR D 309 12.40 13.27 -27.73
C THR D 309 12.88 14.14 -26.57
N PHE D 310 13.25 15.37 -26.90
CA PHE D 310 13.47 16.44 -25.93
C PHE D 310 12.33 17.43 -26.13
N ASP D 311 11.38 17.42 -25.19
CA ASP D 311 10.09 18.07 -25.37
C ASP D 311 10.07 19.43 -24.69
N ASN D 312 9.86 20.49 -25.47
CA ASN D 312 9.78 21.84 -24.92
C ASN D 312 8.41 22.48 -25.15
N LYS D 313 7.37 21.66 -25.35
CA LYS D 313 6.06 22.22 -25.68
C LYS D 313 5.43 22.98 -24.53
N ALA D 314 5.83 22.71 -23.29
CA ALA D 314 5.34 23.49 -22.15
C ALA D 314 6.03 24.83 -22.03
N HIS D 315 7.25 24.97 -22.54
CA HIS D 315 8.03 26.21 -22.42
C HIS D 315 8.17 26.63 -20.96
N SER D 316 8.35 25.67 -20.07
CA SER D 316 8.38 25.92 -18.64
C SER D 316 9.78 26.01 -18.06
N GLY D 317 10.82 25.94 -18.90
CA GLY D 317 12.18 25.86 -18.42
C GLY D 317 12.63 24.47 -18.06
N ARG D 318 11.77 23.47 -18.19
CA ARG D 318 12.10 22.08 -17.93
C ARG D 318 11.76 21.28 -19.17
N ILE D 319 12.76 20.60 -19.74
CA ILE D 319 12.57 19.86 -21.00
C ILE D 319 12.67 18.37 -20.72
N PRO D 320 11.56 17.64 -20.66
CA PRO D 320 11.65 16.19 -20.45
C PRO D 320 12.29 15.48 -21.63
N ILE D 321 12.99 14.40 -21.31
CA ILE D 321 13.70 13.58 -22.28
C ILE D 321 13.14 12.17 -22.19
N SER D 322 12.78 11.60 -23.34
CA SER D 322 12.25 10.24 -23.38
C SER D 322 12.82 9.49 -24.56
N LEU D 323 12.83 8.17 -24.44
CA LEU D 323 13.23 7.26 -25.51
C LEU D 323 12.12 6.24 -25.73
N GLU D 324 11.69 6.11 -26.97
CA GLU D 324 10.66 5.15 -27.36
C GLU D 324 11.16 4.30 -28.51
N THR D 325 10.66 3.06 -28.57
CA THR D 325 11.00 2.15 -29.65
C THR D 325 9.73 1.55 -30.25
N GLN D 326 9.81 1.26 -31.54
CA GLN D 326 8.79 0.51 -32.25
C GLN D 326 9.45 -0.65 -32.97
N ALA D 327 8.95 -1.86 -32.75
CA ALA D 327 9.59 -3.06 -33.27
C ALA D 327 8.81 -3.58 -34.47
N HIS D 328 9.49 -3.71 -35.60
CA HIS D 328 8.94 -4.34 -36.80
C HIS D 328 9.61 -5.69 -36.96
N ILE D 329 8.82 -6.76 -36.88
CA ILE D 329 9.34 -8.11 -36.87
C ILE D 329 9.14 -8.73 -38.25
N GLN D 330 10.17 -9.39 -38.75
CA GLN D 330 10.13 -10.06 -40.04
C GLN D 330 10.71 -11.45 -39.90
N GLU D 331 10.46 -12.29 -40.89
CA GLU D 331 11.13 -13.57 -41.00
C GLU D 331 12.50 -13.34 -41.64
N CYS D 332 13.55 -13.82 -40.98
CA CYS D 332 14.89 -13.64 -41.51
C CYS D 332 15.02 -14.37 -42.83
N LYS D 333 15.73 -13.75 -43.77
CA LYS D 333 15.78 -14.22 -45.15
C LYS D 333 16.84 -15.29 -45.39
N HIS D 334 17.62 -15.65 -44.38
CA HIS D 334 18.62 -16.70 -44.55
C HIS D 334 18.82 -17.48 -43.27
N PRO D 335 17.76 -18.06 -42.70
CA PRO D 335 17.91 -18.83 -41.46
C PRO D 335 18.71 -20.10 -41.70
N SER D 336 19.45 -20.50 -40.68
CA SER D 336 20.18 -21.78 -40.71
C SER D 336 20.43 -22.20 -39.26
N VAL D 337 19.66 -23.16 -38.79
CA VAL D 337 19.81 -23.71 -37.45
C VAL D 337 20.14 -25.19 -37.58
N PHE D 338 21.23 -25.61 -36.93
CA PHE D 338 21.66 -26.99 -36.99
C PHE D 338 20.59 -27.92 -36.43
N GLN D 339 20.01 -28.75 -37.27
CA GLN D 339 18.99 -29.70 -36.83
C GLN D 339 17.85 -28.98 -36.14
N SER D 344 5.42 -28.37 -37.69
CA SER D 344 4.23 -27.65 -38.14
C SER D 344 3.02 -28.00 -37.27
N PHE D 345 3.29 -28.50 -36.06
CA PHE D 345 2.24 -28.92 -35.14
C PHE D 345 1.68 -27.78 -34.32
N ARG D 346 1.78 -26.55 -34.83
CA ARG D 346 1.18 -25.38 -34.22
C ARG D 346 0.06 -24.79 -35.08
N LEU D 347 0.19 -24.88 -36.41
CA LEU D 347 -0.90 -24.53 -37.30
C LEU D 347 -1.96 -25.62 -37.34
N LEU D 348 -1.55 -26.89 -37.19
CA LEU D 348 -2.52 -27.97 -37.13
C LEU D 348 -3.44 -27.81 -35.93
N PHE D 349 -2.89 -27.42 -34.79
CA PHE D 349 -3.71 -27.18 -33.61
C PHE D 349 -4.68 -26.02 -33.85
N ASP D 350 -4.23 -24.97 -34.53
CA ASP D 350 -5.12 -23.87 -34.86
C ASP D 350 -6.27 -24.33 -35.75
N VAL D 351 -5.97 -25.18 -36.73
CA VAL D 351 -7.03 -25.71 -37.60
C VAL D 351 -8.00 -26.56 -36.79
N VAL D 352 -7.49 -27.37 -35.88
CA VAL D 352 -8.35 -28.18 -35.02
C VAL D 352 -9.27 -27.28 -34.20
N VAL D 353 -8.73 -26.20 -33.66
CA VAL D 353 -9.53 -25.25 -32.89
C VAL D 353 -10.64 -24.66 -33.77
N ILE D 354 -10.28 -24.25 -34.98
CA ILE D 354 -11.25 -23.64 -35.89
C ILE D 354 -12.37 -24.63 -36.20
N LEU D 355 -12.01 -25.89 -36.46
CA LEU D 355 -13.02 -26.88 -36.78
C LEU D 355 -13.94 -27.16 -35.59
N THR D 356 -13.36 -27.27 -34.39
CA THR D 356 -14.18 -27.49 -33.21
C THR D 356 -15.16 -26.35 -33.00
N CYS D 357 -14.68 -25.11 -33.14
CA CYS D 357 -15.56 -23.97 -32.95
C CYS D 357 -16.61 -23.87 -34.05
N SER D 358 -16.26 -24.28 -35.28
CA SER D 358 -17.24 -24.28 -36.37
C SER D 358 -18.35 -25.27 -36.08
N LEU D 359 -17.98 -26.48 -35.64
CA LEU D 359 -18.99 -27.49 -35.33
C LEU D 359 -19.88 -27.04 -34.18
N SER D 360 -19.27 -26.45 -33.14
CA SER D 360 -20.06 -25.92 -32.04
C SER D 360 -21.03 -24.86 -32.52
N PHE D 361 -20.55 -23.94 -33.37
CA PHE D 361 -21.40 -22.89 -33.90
C PHE D 361 -22.58 -23.48 -34.66
N LEU D 362 -22.33 -24.49 -35.50
CA LEU D 362 -23.40 -25.07 -36.29
C LEU D 362 -24.45 -25.73 -35.40
N LEU D 363 -24.00 -26.53 -34.41
CA LEU D 363 -24.97 -27.20 -33.55
C LEU D 363 -25.77 -26.19 -32.73
N CYS D 364 -25.11 -25.17 -32.19
CA CYS D 364 -25.83 -24.16 -31.41
C CYS D 364 -26.81 -23.38 -32.27
N ALA D 365 -26.41 -23.05 -33.51
CA ALA D 365 -27.31 -22.35 -34.41
C ALA D 365 -28.52 -23.19 -34.75
N ARG D 366 -28.31 -24.50 -34.97
CA ARG D 366 -29.45 -25.38 -35.24
C ARG D 366 -30.40 -25.42 -34.04
N SER D 367 -29.84 -25.51 -32.83
CA SER D 367 -30.70 -25.52 -31.65
C SER D 367 -31.48 -24.21 -31.52
N LEU D 368 -30.83 -23.07 -31.78
CA LEU D 368 -31.52 -21.79 -31.70
C LEU D 368 -32.62 -21.69 -32.74
N LEU D 369 -32.36 -22.18 -33.95
CA LEU D 369 -33.39 -22.16 -34.99
C LEU D 369 -34.58 -23.02 -34.59
N ARG D 370 -34.31 -24.21 -34.03
CA ARG D 370 -35.41 -25.06 -33.59
C ARG D 370 -36.21 -24.37 -32.49
N GLY D 371 -35.54 -23.71 -31.55
CA GLY D 371 -36.25 -22.98 -30.52
C GLY D 371 -37.13 -21.88 -31.09
N PHE D 372 -36.62 -21.15 -32.08
CA PHE D 372 -37.43 -20.10 -32.70
C PHE D 372 -38.65 -20.69 -33.40
N LEU D 373 -38.47 -21.80 -34.12
CA LEU D 373 -39.61 -22.44 -34.78
C LEU D 373 -40.65 -22.88 -33.76
N LEU D 374 -40.20 -23.48 -32.64
CA LEU D 374 -41.14 -23.90 -31.61
C LEU D 374 -41.87 -22.71 -31.02
N GLN D 375 -41.17 -21.58 -30.84
CA GLN D 375 -41.83 -20.38 -30.32
C GLN D 375 -42.90 -19.89 -31.29
N ASN D 376 -42.60 -19.91 -32.59
CA ASN D 376 -43.61 -19.51 -33.57
C ASN D 376 -44.82 -20.43 -33.51
N GLU D 377 -44.59 -21.75 -33.40
CA GLU D 377 -45.70 -22.68 -33.26
C GLU D 377 -46.52 -22.39 -32.02
N PHE D 378 -45.85 -22.09 -30.90
CA PHE D 378 -46.57 -21.83 -29.66
C PHE D 378 -47.43 -20.59 -29.77
N VAL D 379 -46.90 -19.50 -30.33
CA VAL D 379 -47.72 -18.30 -30.46
C VAL D 379 -48.91 -18.57 -31.38
N GLY D 380 -48.68 -19.27 -32.49
CA GLY D 380 -49.78 -19.60 -33.37
C GLY D 380 -50.86 -20.39 -32.67
N PHE D 381 -50.47 -21.41 -31.90
CA PHE D 381 -51.45 -22.23 -31.21
C PHE D 381 -52.10 -21.50 -30.04
N MET D 382 -51.43 -20.49 -29.49
CA MET D 382 -52.02 -19.66 -28.45
C MET D 382 -52.91 -18.56 -29.02
N TRP D 383 -52.90 -18.35 -30.33
CA TRP D 383 -53.93 -17.54 -30.98
C TRP D 383 -55.16 -18.37 -31.36
N ARG D 384 -55.38 -19.50 -30.68
CA ARG D 384 -56.54 -20.35 -30.93
C ARG D 384 -57.20 -20.74 -29.62
N LEU D 392 -43.32 -9.74 -25.03
CA LEU D 392 -42.37 -10.65 -25.66
C LEU D 392 -41.60 -11.42 -24.60
N TRP D 393 -41.75 -11.04 -23.34
CA TRP D 393 -41.02 -11.69 -22.27
C TRP D 393 -41.34 -13.17 -22.18
N GLU D 394 -42.47 -13.62 -22.72
CA GLU D 394 -42.81 -15.04 -22.69
C GLU D 394 -42.25 -15.78 -23.89
N ARG D 395 -42.24 -15.16 -25.07
CA ARG D 395 -41.73 -15.84 -26.26
C ARG D 395 -40.20 -15.89 -26.25
N LEU D 396 -39.54 -14.93 -25.61
CA LEU D 396 -38.09 -15.01 -25.46
C LEU D 396 -37.68 -16.04 -24.42
N GLU D 397 -38.63 -16.61 -23.68
CA GLU D 397 -38.32 -17.74 -22.83
C GLU D 397 -37.92 -18.97 -23.64
N PHE D 398 -38.16 -18.96 -24.94
CA PHE D 398 -37.76 -20.04 -25.83
C PHE D 398 -36.32 -19.93 -26.28
N VAL D 399 -35.61 -18.87 -25.90
CA VAL D 399 -34.23 -18.64 -26.30
C VAL D 399 -33.30 -19.15 -25.21
N ASN D 400 -32.35 -19.99 -25.59
CA ASN D 400 -31.35 -20.51 -24.66
C ASN D 400 -30.18 -19.55 -24.64
N GLY D 401 -30.07 -18.77 -23.57
CA GLY D 401 -29.02 -17.77 -23.47
C GLY D 401 -27.62 -18.37 -23.50
N TRP D 402 -27.46 -19.56 -22.91
CA TRP D 402 -26.17 -20.23 -22.95
C TRP D 402 -25.72 -20.47 -24.38
N TYR D 403 -26.66 -20.78 -25.29
CA TYR D 403 -26.29 -20.99 -26.68
C TYR D 403 -25.95 -19.68 -27.38
N ILE D 404 -26.61 -18.58 -27.02
CA ILE D 404 -26.17 -17.28 -27.53
C ILE D 404 -24.73 -17.03 -27.13
N LEU D 405 -24.41 -17.29 -25.86
CA LEU D 405 -23.05 -17.10 -25.37
C LEU D 405 -22.07 -17.99 -26.11
N LEU D 406 -22.45 -19.25 -26.33
CA LEU D 406 -21.56 -20.19 -27.02
C LEU D 406 -21.30 -19.76 -28.44
N VAL D 407 -22.33 -19.29 -29.15
CA VAL D 407 -22.16 -18.84 -30.52
C VAL D 407 -21.24 -17.61 -30.57
N THR D 408 -21.43 -16.68 -29.64
CA THR D 408 -20.54 -15.52 -29.57
C THR D 408 -19.09 -15.97 -29.35
N SER D 409 -18.89 -16.90 -28.42
CA SER D 409 -17.54 -17.36 -28.13
C SER D 409 -16.93 -18.08 -29.33
N ASP D 410 -17.74 -18.84 -30.06
CA ASP D 410 -17.24 -19.50 -31.27
C ASP D 410 -16.79 -18.49 -32.31
N VAL D 411 -17.60 -17.45 -32.54
CA VAL D 411 -17.21 -16.43 -33.51
C VAL D 411 -15.91 -15.75 -33.09
N LEU D 412 -15.84 -15.37 -31.80
CA LEU D 412 -14.63 -14.70 -31.31
C LEU D 412 -13.41 -15.60 -31.44
N THR D 413 -13.55 -16.88 -31.10
CA THR D 413 -12.41 -17.78 -31.18
C THR D 413 -11.95 -17.97 -32.61
N ILE D 414 -12.90 -18.14 -33.55
CA ILE D 414 -12.52 -18.37 -34.94
C ILE D 414 -11.79 -17.14 -35.49
N SER D 415 -12.35 -15.94 -35.25
CA SER D 415 -11.71 -14.74 -35.76
C SER D 415 -10.34 -14.54 -35.13
N GLY D 416 -10.22 -14.74 -33.82
CA GLY D 416 -8.94 -14.61 -33.17
C GLY D 416 -7.93 -15.62 -33.64
N THR D 417 -8.37 -16.83 -33.96
CA THR D 417 -7.45 -17.86 -34.45
C THR D 417 -6.98 -17.54 -35.86
N ILE D 418 -7.85 -16.98 -36.70
CA ILE D 418 -7.41 -16.54 -38.02
C ILE D 418 -6.35 -15.45 -37.87
N MET D 419 -6.61 -14.47 -36.99
CA MET D 419 -5.62 -13.42 -36.77
C MET D 419 -4.33 -13.99 -36.20
N LYS D 420 -4.42 -14.99 -35.33
CA LYS D 420 -3.22 -15.60 -34.77
C LYS D 420 -2.41 -16.31 -35.84
N ILE D 421 -3.07 -17.02 -36.75
CA ILE D 421 -2.36 -17.65 -37.86
C ILE D 421 -1.65 -16.59 -38.69
N GLY D 422 -2.34 -15.48 -38.96
CA GLY D 422 -1.69 -14.41 -39.69
C GLY D 422 -0.47 -13.86 -38.98
N ILE D 423 -0.61 -13.60 -37.68
CA ILE D 423 0.47 -12.99 -36.91
C ILE D 423 1.68 -13.91 -36.85
N GLU D 424 1.45 -15.19 -36.58
CA GLU D 424 2.57 -16.12 -36.41
C GLU D 424 3.32 -16.36 -37.72
N ALA D 425 2.67 -16.13 -38.86
CA ALA D 425 3.36 -16.15 -40.15
C ALA D 425 4.03 -14.82 -40.47
N LYS D 426 3.87 -13.82 -39.61
CA LYS D 426 4.47 -12.49 -39.73
C LYS D 426 3.77 -11.63 -40.77
N ASN D 427 2.60 -12.05 -41.27
CA ASN D 427 1.83 -11.22 -42.19
C ASN D 427 0.99 -10.17 -41.47
N LEU D 428 0.84 -10.28 -40.16
CA LEU D 428 0.04 -9.34 -39.37
C LEU D 428 0.82 -8.94 -38.13
N ALA D 429 0.49 -7.77 -37.60
CA ALA D 429 1.12 -7.24 -36.39
C ALA D 429 0.10 -6.67 -35.43
N SER D 430 -1.15 -7.12 -35.50
CA SER D 430 -2.21 -6.62 -34.63
C SER D 430 -2.36 -7.54 -33.42
N TYR D 431 -1.36 -7.50 -32.54
CA TYR D 431 -1.33 -8.39 -31.40
C TYR D 431 -2.43 -8.06 -30.40
N ASP D 432 -2.73 -6.78 -30.21
CA ASP D 432 -3.71 -6.38 -29.21
C ASP D 432 -5.10 -6.92 -29.54
N VAL D 433 -5.55 -6.75 -30.79
CA VAL D 433 -6.88 -7.20 -31.16
C VAL D 433 -6.99 -8.72 -31.07
N CYS D 434 -5.98 -9.44 -31.55
CA CYS D 434 -6.00 -10.89 -31.46
C CYS D 434 -6.05 -11.34 -30.01
N SER D 435 -5.23 -10.73 -29.15
CA SER D 435 -5.23 -11.10 -27.75
C SER D 435 -6.58 -10.82 -27.11
N ILE D 436 -7.20 -9.67 -27.43
CA ILE D 436 -8.49 -9.35 -26.84
C ILE D 436 -9.54 -10.36 -27.28
N LEU D 437 -9.56 -10.71 -28.57
CA LEU D 437 -10.54 -11.67 -29.04
C LEU D 437 -10.35 -13.03 -28.36
N LEU D 438 -9.12 -13.54 -28.34
CA LEU D 438 -8.89 -14.85 -27.76
C LEU D 438 -9.17 -14.86 -26.26
N GLY D 439 -8.76 -13.81 -25.55
CA GLY D 439 -9.00 -13.74 -24.12
C GLY D 439 -10.47 -13.64 -23.78
N THR D 440 -11.21 -12.82 -24.51
CA THR D 440 -12.64 -12.72 -24.29
C THR D 440 -13.33 -14.05 -24.56
N SER D 441 -12.94 -14.75 -25.63
CA SER D 441 -13.57 -16.03 -25.93
C SER D 441 -13.25 -17.05 -24.84
N THR D 442 -12.01 -17.08 -24.34
CA THR D 442 -11.68 -18.02 -23.28
C THR D 442 -12.47 -17.69 -22.01
N LEU D 443 -12.61 -16.41 -21.69
CA LEU D 443 -13.43 -16.00 -20.56
CA LEU D 443 -13.42 -16.02 -20.55
C LEU D 443 -14.86 -16.50 -20.71
N LEU D 444 -15.43 -16.33 -21.91
CA LEU D 444 -16.80 -16.76 -22.12
C LEU D 444 -16.96 -18.27 -22.01
N VAL D 445 -16.02 -19.03 -22.58
CA VAL D 445 -16.17 -20.48 -22.52
C VAL D 445 -16.03 -20.97 -21.08
N TRP D 446 -15.19 -20.31 -20.28
CA TRP D 446 -15.10 -20.73 -18.89
C TRP D 446 -16.34 -20.31 -18.09
N VAL D 447 -16.91 -19.15 -18.41
CA VAL D 447 -18.15 -18.76 -17.75
C VAL D 447 -19.28 -19.71 -18.12
N GLY D 448 -19.22 -20.30 -19.32
CA GLY D 448 -20.23 -21.24 -19.75
C GLY D 448 -20.29 -22.52 -18.94
N VAL D 449 -19.28 -22.80 -18.12
CA VAL D 449 -19.31 -23.99 -17.28
C VAL D 449 -20.39 -23.90 -16.21
N ILE D 450 -20.88 -22.70 -15.90
CA ILE D 450 -21.95 -22.55 -14.92
C ILE D 450 -23.21 -23.29 -15.35
N ARG D 451 -23.42 -23.43 -16.67
CA ARG D 451 -24.61 -24.12 -17.16
C ARG D 451 -24.67 -25.54 -16.64
N TYR D 452 -23.52 -26.23 -16.63
CA TYR D 452 -23.49 -27.60 -16.14
C TYR D 452 -23.76 -27.68 -14.65
N LEU D 453 -23.31 -26.69 -13.88
CA LEU D 453 -23.62 -26.66 -12.46
C LEU D 453 -25.09 -26.38 -12.20
N THR D 454 -25.75 -25.67 -13.11
CA THR D 454 -27.18 -25.41 -12.91
C THR D 454 -28.02 -26.67 -12.96
N PHE D 455 -27.47 -27.80 -13.43
CA PHE D 455 -28.23 -29.04 -13.49
C PHE D 455 -28.29 -29.75 -12.15
N PHE D 456 -27.59 -29.26 -11.13
CA PHE D 456 -27.56 -29.87 -9.81
C PHE D 456 -28.16 -28.89 -8.81
N HIS D 457 -29.06 -29.41 -7.97
CA HIS D 457 -29.91 -28.54 -7.15
C HIS D 457 -29.10 -27.64 -6.23
N ASN D 458 -28.07 -28.19 -5.57
CA ASN D 458 -27.34 -27.42 -4.57
C ASN D 458 -26.57 -26.26 -5.18
N TYR D 459 -25.98 -26.46 -6.36
CA TYR D 459 -25.30 -25.36 -7.05
C TYR D 459 -26.30 -24.40 -7.68
N ASN D 460 -27.40 -24.96 -8.20
CA ASN D 460 -28.41 -24.13 -8.83
C ASN D 460 -29.04 -23.16 -7.85
N ILE D 461 -29.13 -23.53 -6.57
CA ILE D 461 -29.65 -22.59 -5.56
C ILE D 461 -28.82 -21.31 -5.57
N LEU D 462 -27.50 -21.45 -5.53
CA LEU D 462 -26.62 -20.28 -5.46
C LEU D 462 -26.65 -19.48 -6.76
N ILE D 463 -26.65 -20.18 -7.90
CA ILE D 463 -26.68 -19.49 -9.18
C ILE D 463 -28.00 -18.73 -9.35
N ALA D 464 -29.10 -19.35 -8.95
CA ALA D 464 -30.40 -18.70 -9.01
C ALA D 464 -30.47 -17.51 -8.07
N THR D 465 -29.82 -17.59 -6.90
CA THR D 465 -29.75 -16.44 -6.03
C THR D 465 -29.09 -15.27 -6.74
N LEU D 466 -27.94 -15.51 -7.38
CA LEU D 466 -27.28 -14.44 -8.10
C LEU D 466 -28.17 -13.87 -9.19
N ARG D 467 -28.84 -14.76 -9.93
CA ARG D 467 -29.68 -14.32 -11.04
C ARG D 467 -30.84 -13.44 -10.55
N VAL D 468 -31.49 -13.83 -9.46
N VAL D 468 -31.48 -13.85 -9.46
CA VAL D 468 -32.63 -13.04 -9.01
CA VAL D 468 -32.62 -13.10 -8.92
C VAL D 468 -32.17 -11.76 -8.32
C VAL D 468 -32.15 -11.77 -8.34
N ALA D 469 -30.95 -11.72 -7.77
CA ALA D 469 -30.46 -10.48 -7.19
C ALA D 469 -30.02 -9.49 -8.26
N LEU D 470 -29.56 -9.96 -9.41
CA LEU D 470 -28.93 -9.09 -10.39
C LEU D 470 -29.76 -7.86 -10.77
N PRO D 471 -31.06 -7.95 -11.05
CA PRO D 471 -31.80 -6.74 -11.45
C PRO D 471 -31.76 -5.62 -10.42
N SER D 472 -32.02 -5.92 -9.15
CA SER D 472 -31.96 -4.89 -8.12
C SER D 472 -30.54 -4.38 -7.92
N VAL D 473 -29.54 -5.25 -8.09
CA VAL D 473 -28.16 -4.80 -8.00
C VAL D 473 -27.87 -3.78 -9.09
N MET D 474 -28.32 -4.04 -10.31
CA MET D 474 -28.13 -3.10 -11.40
C MET D 474 -28.86 -1.79 -11.14
N ARG D 475 -30.10 -1.86 -10.64
CA ARG D 475 -30.84 -0.65 -10.34
C ARG D 475 -30.15 0.18 -9.26
N PHE D 476 -29.64 -0.47 -8.22
CA PHE D 476 -28.93 0.25 -7.18
C PHE D 476 -27.63 0.82 -7.71
N CYS D 477 -26.97 0.13 -8.64
CA CYS D 477 -25.80 0.69 -9.28
C CYS D 477 -26.14 1.96 -10.03
N CYS D 478 -27.29 1.96 -10.73
CA CYS D 478 -27.74 3.18 -11.40
C CYS D 478 -27.98 4.31 -10.42
N CYS D 479 -28.61 4.01 -9.28
CA CYS D 479 -28.84 5.04 -8.27
C CYS D 479 -27.52 5.59 -7.73
N VAL D 480 -26.56 4.69 -7.45
CA VAL D 480 -25.29 5.10 -6.87
C VAL D 480 -24.43 5.86 -7.87
N ALA D 481 -24.65 5.63 -9.17
CA ALA D 481 -23.78 6.20 -10.19
C ALA D 481 -23.84 7.72 -10.22
N VAL D 482 -25.03 8.31 -10.02
CA VAL D 482 -25.13 9.77 -10.13
C VAL D 482 -24.40 10.43 -8.97
N ILE D 483 -24.54 9.89 -7.75
CA ILE D 483 -23.79 10.41 -6.61
C ILE D 483 -22.30 10.27 -6.87
N TYR D 484 -21.89 9.10 -7.37
CA TYR D 484 -20.47 8.85 -7.62
C TYR D 484 -19.92 9.83 -8.66
N LEU D 485 -20.69 10.11 -9.70
CA LEU D 485 -20.24 11.01 -10.75
C LEU D 485 -20.18 12.45 -10.26
N GLY D 486 -21.15 12.87 -9.45
CA GLY D 486 -21.07 14.18 -8.84
C GLY D 486 -19.81 14.33 -8.02
N TYR D 487 -19.49 13.33 -7.20
CA TYR D 487 -18.25 13.37 -6.42
C TYR D 487 -17.03 13.41 -7.33
N CYS D 488 -17.06 12.64 -8.43
CA CYS D 488 -15.94 12.65 -9.36
C CYS D 488 -15.70 14.06 -9.90
N PHE D 489 -16.75 14.72 -10.39
CA PHE D 489 -16.59 16.05 -10.96
C PHE D 489 -16.11 17.05 -9.91
N CYS D 490 -16.71 17.02 -8.71
CA CYS D 490 -16.32 17.95 -7.67
C CYS D 490 -14.87 17.76 -7.27
N GLY D 491 -14.46 16.51 -7.07
CA GLY D 491 -13.08 16.25 -6.67
C GLY D 491 -12.10 16.64 -7.74
N TRP D 492 -12.43 16.38 -9.00
CA TRP D 492 -11.57 16.77 -10.10
C TRP D 492 -11.37 18.28 -10.13
N ILE D 493 -12.45 19.05 -9.98
CA ILE D 493 -12.33 20.49 -10.13
C ILE D 493 -11.63 21.11 -8.92
N VAL D 494 -11.90 20.61 -7.71
CA VAL D 494 -11.40 21.26 -6.50
C VAL D 494 -10.01 20.76 -6.13
N LEU D 495 -9.78 19.45 -6.17
CA LEU D 495 -8.53 18.89 -5.69
C LEU D 495 -7.51 18.65 -6.80
N GLY D 496 -7.92 18.69 -8.07
CA GLY D 496 -6.98 18.48 -9.16
C GLY D 496 -5.77 19.39 -9.14
N PRO D 497 -5.93 20.67 -8.83
CA PRO D 497 -4.76 21.55 -8.74
C PRO D 497 -3.77 21.17 -7.64
N TYR D 498 -4.18 20.39 -6.64
CA TYR D 498 -3.34 20.12 -5.49
C TYR D 498 -3.00 18.65 -5.27
N HIS D 499 -3.76 17.71 -5.84
CA HIS D 499 -3.63 16.29 -5.54
C HIS D 499 -3.26 15.54 -6.81
N VAL D 500 -2.19 14.75 -6.75
CA VAL D 500 -1.73 14.03 -7.93
C VAL D 500 -2.74 12.99 -8.37
N LYS D 501 -3.48 12.39 -7.44
CA LYS D 501 -4.46 11.37 -7.78
C LYS D 501 -5.73 11.94 -8.39
N PHE D 502 -5.86 13.27 -8.47
CA PHE D 502 -7.08 13.92 -8.95
C PHE D 502 -6.85 14.74 -10.21
N ARG D 503 -5.81 14.42 -10.98
CA ARG D 503 -5.45 15.26 -12.13
C ARG D 503 -6.42 15.08 -13.29
N SER D 504 -6.84 13.86 -13.57
CA SER D 504 -7.74 13.58 -14.67
C SER D 504 -9.01 12.92 -14.13
N LEU D 505 -10.08 12.99 -14.92
CA LEU D 505 -11.35 12.43 -14.49
C LEU D 505 -11.27 10.92 -14.31
N SER D 506 -10.61 10.23 -15.24
CA SER D 506 -10.46 8.79 -15.10
C SER D 506 -9.61 8.45 -13.88
N MET D 507 -8.58 9.24 -13.62
CA MET D 507 -7.78 9.04 -12.41
C MET D 507 -8.61 9.29 -11.16
N VAL D 508 -9.47 10.30 -11.18
CA VAL D 508 -10.33 10.58 -10.03
C VAL D 508 -11.26 9.41 -9.79
N SER D 509 -11.85 8.86 -10.86
CA SER D 509 -12.73 7.72 -10.71
C SER D 509 -11.99 6.51 -10.14
N GLU D 510 -10.77 6.27 -10.62
CA GLU D 510 -9.99 5.17 -10.09
C GLU D 510 -9.69 5.36 -8.61
N CYS D 511 -9.33 6.58 -8.21
CA CYS D 511 -9.06 6.85 -6.81
C CYS D 511 -10.30 6.63 -5.94
N LEU D 512 -11.45 7.15 -6.38
CA LEU D 512 -12.67 7.00 -5.60
C LEU D 512 -13.11 5.55 -5.52
N PHE D 513 -12.98 4.81 -6.61
CA PHE D 513 -13.32 3.39 -6.59
C PHE D 513 -12.41 2.62 -5.65
N SER D 514 -11.12 2.92 -5.65
CA SER D 514 -10.22 2.26 -4.70
C SER D 514 -10.57 2.62 -3.27
N LEU D 515 -10.97 3.88 -3.03
CA LEU D 515 -11.38 4.28 -1.68
C LEU D 515 -12.61 3.50 -1.23
N ILE D 516 -13.58 3.31 -2.12
CA ILE D 516 -14.77 2.55 -1.76
C ILE D 516 -14.41 1.18 -1.21
N ASN D 517 -13.32 0.61 -1.70
CA ASN D 517 -12.92 -0.74 -1.32
C ASN D 517 -11.80 -0.74 -0.29
N GLY D 518 -11.55 0.41 0.35
CA GLY D 518 -10.57 0.49 1.42
C GLY D 518 -9.13 0.33 0.99
N ASP D 519 -8.76 0.89 -0.15
CA ASP D 519 -7.38 0.83 -0.64
C ASP D 519 -6.84 2.23 -0.87
N ASP D 520 -5.60 2.45 -0.42
CA ASP D 520 -4.85 3.67 -0.70
C ASP D 520 -5.47 4.89 -0.04
N MET D 521 -6.07 4.71 1.13
CA MET D 521 -6.80 5.77 1.81
C MET D 521 -5.87 6.73 2.53
N PHE D 522 -4.94 6.19 3.32
CA PHE D 522 -4.08 7.06 4.13
C PHE D 522 -3.18 7.92 3.26
N VAL D 523 -2.67 7.39 2.15
CA VAL D 523 -1.84 8.21 1.27
C VAL D 523 -2.66 9.32 0.64
N THR D 524 -3.93 9.05 0.33
CA THR D 524 -4.81 10.08 -0.18
C THR D 524 -4.96 11.20 0.85
N PHE D 525 -5.14 10.85 2.12
CA PHE D 525 -5.23 11.87 3.16
C PHE D 525 -3.91 12.60 3.34
N ALA D 526 -2.79 11.87 3.25
CA ALA D 526 -1.48 12.46 3.50
C ALA D 526 -1.07 13.44 2.41
N ALA D 527 -1.45 13.16 1.16
CA ALA D 527 -1.15 14.10 0.09
C ALA D 527 -1.75 15.48 0.40
N MET D 528 -2.97 15.50 0.93
CA MET D 528 -3.59 16.77 1.32
C MET D 528 -2.97 17.32 2.59
N GLN D 529 -2.56 16.44 3.51
CA GLN D 529 -1.85 16.92 4.69
C GLN D 529 -0.64 17.73 4.29
N ALA D 530 0.07 17.29 3.26
CA ALA D 530 1.27 17.99 2.80
C ALA D 530 0.98 19.39 2.30
N GLN D 531 -0.29 19.72 2.04
CA GLN D 531 -0.68 21.03 1.53
C GLN D 531 -1.60 21.79 2.50
N GLN D 532 -1.67 21.36 3.76
CA GLN D 532 -2.57 22.01 4.71
C GLN D 532 -2.13 23.45 4.98
N GLY D 533 -0.83 23.68 5.10
CA GLY D 533 -0.35 25.01 5.41
C GLY D 533 -0.64 26.01 4.30
N ARG D 534 -0.56 25.57 3.05
CA ARG D 534 -0.72 26.46 1.91
C ARG D 534 -2.12 27.08 1.89
N SER D 535 -3.15 26.25 1.68
CA SER D 535 -4.53 26.71 1.61
C SER D 535 -5.35 25.96 2.65
N SER D 536 -5.84 26.69 3.66
CA SER D 536 -6.61 26.05 4.71
C SER D 536 -8.02 25.70 4.24
N LEU D 537 -8.62 26.56 3.41
CA LEU D 537 -9.95 26.29 2.90
C LEU D 537 -9.99 25.01 2.07
N VAL D 538 -9.00 24.82 1.20
CA VAL D 538 -8.98 23.61 0.38
C VAL D 538 -8.74 22.39 1.24
N TRP D 539 -7.90 22.51 2.28
CA TRP D 539 -7.67 21.37 3.15
C TRP D 539 -8.93 20.99 3.92
N LEU D 540 -9.66 21.97 4.44
CA LEU D 540 -10.92 21.68 5.12
C LEU D 540 -11.93 21.06 4.16
N PHE D 541 -12.00 21.59 2.95
CA PHE D 541 -12.90 21.01 1.96
C PHE D 541 -12.53 19.57 1.67
N SER D 542 -11.23 19.28 1.55
CA SER D 542 -10.80 17.92 1.28
C SER D 542 -11.17 16.99 2.42
N GLN D 543 -11.02 17.47 3.66
CA GLN D 543 -11.45 16.66 4.81
C GLN D 543 -12.93 16.30 4.69
N LEU D 544 -13.78 17.31 4.48
CA LEU D 544 -15.21 17.05 4.38
C LEU D 544 -15.49 16.11 3.22
N TYR D 545 -14.87 16.37 2.07
CA TYR D 545 -15.11 15.60 0.86
C TYR D 545 -14.76 14.13 1.06
N LEU D 546 -13.55 13.86 1.53
CA LEU D 546 -13.11 12.48 1.66
C LEU D 546 -13.88 11.75 2.75
N TYR D 547 -14.04 12.37 3.93
CA TYR D 547 -14.73 11.68 5.01
C TYR D 547 -16.18 11.38 4.63
N SER D 548 -16.88 12.36 4.05
CA SER D 548 -18.27 12.13 3.67
C SER D 548 -18.39 11.06 2.60
N PHE D 549 -17.54 11.11 1.56
CA PHE D 549 -17.62 10.11 0.51
C PHE D 549 -17.39 8.71 1.08
N ILE D 550 -16.32 8.53 1.85
CA ILE D 550 -15.99 7.20 2.34
C ILE D 550 -17.07 6.70 3.28
N SER D 551 -17.53 7.54 4.21
CA SER D 551 -18.57 7.12 5.14
C SER D 551 -19.82 6.71 4.40
N LEU D 552 -20.28 7.56 3.47
CA LEU D 552 -21.50 7.25 2.72
C LEU D 552 -21.37 5.92 1.99
N PHE D 553 -20.27 5.73 1.26
CA PHE D 553 -20.19 4.59 0.37
C PHE D 553 -19.84 3.29 1.08
N ILE D 554 -19.20 3.35 2.25
CA ILE D 554 -18.89 2.10 2.95
C ILE D 554 -19.97 1.74 3.95
N TYR D 555 -20.49 2.70 4.72
CA TYR D 555 -21.45 2.34 5.76
C TYR D 555 -22.84 2.05 5.20
N MET D 556 -23.22 2.67 4.08
CA MET D 556 -24.58 2.60 3.58
C MET D 556 -24.72 1.88 2.25
N VAL D 557 -23.84 2.15 1.28
CA VAL D 557 -24.01 1.60 -0.06
C VAL D 557 -23.66 0.11 -0.09
N LEU D 558 -22.46 -0.25 0.36
CA LEU D 558 -22.06 -1.64 0.39
C LEU D 558 -22.97 -2.45 1.29
N SER D 559 -23.43 -1.85 2.38
CA SER D 559 -24.40 -2.52 3.26
C SER D 559 -25.67 -2.86 2.50
N LEU D 560 -26.13 -1.94 1.65
CA LEU D 560 -27.34 -2.23 0.88
C LEU D 560 -27.11 -3.30 -0.18
N PHE D 561 -25.92 -3.33 -0.78
CA PHE D 561 -25.62 -4.45 -1.68
C PHE D 561 -25.71 -5.78 -0.95
N ILE D 562 -25.14 -5.84 0.26
CA ILE D 562 -25.24 -7.06 1.07
C ILE D 562 -26.70 -7.39 1.36
N ALA D 563 -27.49 -6.38 1.70
CA ALA D 563 -28.90 -6.62 2.02
C ALA D 563 -29.66 -7.15 0.82
N LEU D 564 -29.40 -6.61 -0.37
CA LEU D 564 -30.07 -7.08 -1.57
C LEU D 564 -29.74 -8.54 -1.84
N ILE D 565 -28.46 -8.91 -1.72
CA ILE D 565 -28.08 -10.30 -1.96
C ILE D 565 -28.70 -11.21 -0.91
N THR D 566 -28.72 -10.79 0.35
CA THR D 566 -29.30 -11.61 1.41
C THR D 566 -30.79 -11.80 1.21
N GLY D 567 -31.49 -10.74 0.79
CA GLY D 567 -32.91 -10.87 0.50
C GLY D 567 -33.18 -11.82 -0.65
N ALA D 568 -32.38 -11.73 -1.71
CA ALA D 568 -32.53 -12.67 -2.81
C ALA D 568 -32.30 -14.11 -2.36
N TYR D 569 -31.27 -14.32 -1.53
CA TYR D 569 -30.99 -15.67 -1.05
C TYR D 569 -32.13 -16.21 -0.21
N ASP D 570 -32.70 -15.37 0.67
CA ASP D 570 -33.83 -15.81 1.47
C ASP D 570 -35.05 -16.09 0.62
N THR D 571 -35.25 -15.32 -0.45
CA THR D 571 -36.34 -15.62 -1.37
C THR D 571 -36.14 -16.97 -2.05
N ILE D 572 -34.90 -17.26 -2.45
CA ILE D 572 -34.62 -18.51 -3.17
C ILE D 572 -34.84 -19.71 -2.25
N LYS D 573 -34.45 -19.59 -0.98
CA LYS D 573 -34.53 -20.70 -0.03
C LYS D 573 -35.94 -20.96 0.46
N HIS D 574 -36.95 -20.34 -0.14
CA HIS D 574 -38.32 -20.54 0.28
C HIS D 574 -39.26 -20.52 -0.94
#